data_6DLC
# 
_entry.id   6DLC 
# 
_audit_conform.dict_name       mmcif_pdbx.dic 
_audit_conform.dict_version    5.389 
_audit_conform.dict_location   http://mmcif.pdb.org/dictionaries/ascii/mmcif_pdbx.dic 
# 
loop_
_database_2.database_id 
_database_2.database_code 
_database_2.pdbx_database_accession 
_database_2.pdbx_DOI 
PDB   6DLC         pdb_00006dlc 10.2210/pdb6dlc/pdb 
WWPDB D_1000234847 ?            ?                   
# 
loop_
_pdbx_audit_revision_history.ordinal 
_pdbx_audit_revision_history.data_content_type 
_pdbx_audit_revision_history.major_revision 
_pdbx_audit_revision_history.minor_revision 
_pdbx_audit_revision_history.revision_date 
1 'Structure model' 1 0 2018-12-26 
2 'Structure model' 1 1 2019-01-09 
3 'Structure model' 1 2 2019-01-16 
4 'Structure model' 1 3 2019-11-20 
5 'Structure model' 1 4 2024-03-13 
6 'Structure model' 1 5 2024-04-03 
# 
_pdbx_audit_revision_details.ordinal             1 
_pdbx_audit_revision_details.revision_ordinal    1 
_pdbx_audit_revision_details.data_content_type   'Structure model' 
_pdbx_audit_revision_details.provider            repository 
_pdbx_audit_revision_details.type                'Initial release' 
_pdbx_audit_revision_details.description         ? 
_pdbx_audit_revision_details.details             ? 
# 
loop_
_pdbx_audit_revision_group.ordinal 
_pdbx_audit_revision_group.revision_ordinal 
_pdbx_audit_revision_group.data_content_type 
_pdbx_audit_revision_group.group 
1 2 'Structure model' 'Data collection'            
2 2 'Structure model' 'Database references'        
3 3 'Structure model' 'Data collection'            
4 3 'Structure model' 'Database references'        
5 4 'Structure model' 'Author supporting evidence' 
6 5 'Structure model' 'Data collection'            
7 5 'Structure model' 'Database references'        
8 6 'Structure model' 'Refinement description'     
# 
loop_
_pdbx_audit_revision_category.ordinal 
_pdbx_audit_revision_category.revision_ordinal 
_pdbx_audit_revision_category.data_content_type 
_pdbx_audit_revision_category.category 
1 2 'Structure model' citation                      
2 2 'Structure model' citation_author               
3 3 'Structure model' citation                      
4 4 'Structure model' pdbx_audit_support            
5 5 'Structure model' chem_comp_atom                
6 5 'Structure model' chem_comp_bond                
7 5 'Structure model' database_2                    
8 6 'Structure model' pdbx_initial_refinement_model 
# 
loop_
_pdbx_audit_revision_item.ordinal 
_pdbx_audit_revision_item.revision_ordinal 
_pdbx_audit_revision_item.data_content_type 
_pdbx_audit_revision_item.item 
1  2 'Structure model' '_citation.country'                        
2  2 'Structure model' '_citation.journal_abbrev'                 
3  2 'Structure model' '_citation.journal_id_ASTM'                
4  2 'Structure model' '_citation.journal_id_CSD'                 
5  2 'Structure model' '_citation.journal_id_ISSN'                
6  2 'Structure model' '_citation.pdbx_database_id_DOI'           
7  2 'Structure model' '_citation.pdbx_database_id_PubMed'        
8  2 'Structure model' '_citation.title'                          
9  2 'Structure model' '_citation.year'                           
10 3 'Structure model' '_citation.journal_volume'                 
11 3 'Structure model' '_citation.page_first'                     
12 3 'Structure model' '_citation.page_last'                      
13 3 'Structure model' '_citation.year'                           
14 4 'Structure model' '_pdbx_audit_support.funding_organization' 
15 5 'Structure model' '_database_2.pdbx_DOI'                     
16 5 'Structure model' '_database_2.pdbx_database_accession'      
# 
_pdbx_database_status.status_code                     REL 
_pdbx_database_status.status_code_sf                  REL 
_pdbx_database_status.status_code_mr                  ? 
_pdbx_database_status.entry_id                        6DLC 
_pdbx_database_status.recvd_initial_deposition_date   2018-05-31 
_pdbx_database_status.SG_entry                        N 
_pdbx_database_status.deposit_site                    RCSB 
_pdbx_database_status.process_site                    RCSB 
_pdbx_database_status.status_code_cs                  ? 
_pdbx_database_status.methods_development_category    ? 
_pdbx_database_status.pdb_format_compatible           Y 
_pdbx_database_status.status_code_nmr_data            ? 
# 
loop_
_audit_author.name 
_audit_author.pdbx_ordinal 
_audit_author.identifier_ORCID 
'Bick, M.J.' 1 0000-0002-9585-859X 
'Chen, Z.'   2 0000-0003-2990-2895 
'Baker, D.'  3 ?                   
# 
_citation.abstract                  ? 
_citation.abstract_id_CAS           ? 
_citation.book_id_ISBN              ? 
_citation.book_publisher            ? 
_citation.book_publisher_city       ? 
_citation.book_title                ? 
_citation.coordinate_linkage        ? 
_citation.country                   UK 
_citation.database_id_Medline       ? 
_citation.details                   ? 
_citation.id                        primary 
_citation.journal_abbrev            Nature 
_citation.journal_id_ASTM           NATUAS 
_citation.journal_id_CSD            0006 
_citation.journal_id_ISSN           1476-4687 
_citation.journal_full              ? 
_citation.journal_issue             ? 
_citation.journal_volume            565 
_citation.language                  ? 
_citation.page_first                106 
_citation.page_last                 111 
_citation.title                     'Programmable design of orthogonal protein heterodimers.' 
_citation.year                      2019 
_citation.database_id_CSD           ? 
_citation.pdbx_database_id_DOI      10.1038/s41586-018-0802-y 
_citation.pdbx_database_id_PubMed   30568301 
_citation.unpublished_flag          ? 
# 
loop_
_citation_author.citation_id 
_citation_author.name 
_citation_author.ordinal 
_citation_author.identifier_ORCID 
primary 'Chen, Z.'          1  ? 
primary 'Boyken, S.E.'      2  ? 
primary 'Jia, M.'           3  ? 
primary 'Busch, F.'         4  ? 
primary 'Flores-Solis, D.'  5  ? 
primary 'Bick, M.J.'        6  ? 
primary 'Lu, P.'            7  ? 
primary 'VanAernum, Z.L.'   8  ? 
primary 'Sahasrabuddhe, A.' 9  ? 
primary 'Langan, R.A.'      10 ? 
primary 'Bermeo, S.'        11 ? 
primary 'Brunette, T.J.'    12 ? 
primary 'Mulligan, V.K.'    13 ? 
primary 'Carter, L.P.'      14 ? 
primary 'DiMaio, F.'        15 ? 
primary 'Sgourakis, N.G.'   16 ? 
primary 'Wysocki, V.H.'     17 ? 
primary 'Baker, D.'         18 ? 
# 
loop_
_entity.id 
_entity.type 
_entity.src_method 
_entity.pdbx_description 
_entity.formula_weight 
_entity.pdbx_number_of_molecules 
_entity.pdbx_ec 
_entity.pdbx_mutation 
_entity.pdbx_fragment 
_entity.details 
1 polymer man 'Designed protein DHD1:234_A' 13897.054 1 ? ? ? ? 
2 polymer man 'Designed protein DHD1:234_B' 4177.902  1 ? ? ? ? 
# 
loop_
_entity_poly.entity_id 
_entity_poly.type 
_entity_poly.nstd_linkage 
_entity_poly.nstd_monomer 
_entity_poly.pdbx_seq_one_letter_code 
_entity_poly.pdbx_seq_one_letter_code_can 
_entity_poly.pdbx_strand_id 
_entity_poly.pdbx_target_identifier 
1 'polypeptide(L)' no no 
;MDSDEHLYKLKTFLENLRRHLDRLDKHIKQLRDILSENPEDERVKDAIDLSERSVRIVKTVIKIFEDSVRKKEKRPIDKR
DDKELDKLLDTLEKILQTATKIIDDANKLLEYLRR
;
;MDSDEHLYKLKTFLENLRRHLDRLDKHIKQLRDILSENPEDERVKDAIDLSERSVRIVKTVIKIFEDSVRKKEKRPIDKR
DDKELDKLLDTLEKILQTATKIIDDANKLLEYLRR
;
A ? 
2 'polypeptide(L)' no no HGDPKVVETYVELLKRHEKAVKELLEIAKTHAKKVE HGDPKVVETYVELLKRHEKAVKELLEIAKTHAKKVE B ? 
# 
loop_
_entity_poly_seq.entity_id 
_entity_poly_seq.num 
_entity_poly_seq.mon_id 
_entity_poly_seq.hetero 
1 1   MET n 
1 2   ASP n 
1 3   SER n 
1 4   ASP n 
1 5   GLU n 
1 6   HIS n 
1 7   LEU n 
1 8   TYR n 
1 9   LYS n 
1 10  LEU n 
1 11  LYS n 
1 12  THR n 
1 13  PHE n 
1 14  LEU n 
1 15  GLU n 
1 16  ASN n 
1 17  LEU n 
1 18  ARG n 
1 19  ARG n 
1 20  HIS n 
1 21  LEU n 
1 22  ASP n 
1 23  ARG n 
1 24  LEU n 
1 25  ASP n 
1 26  LYS n 
1 27  HIS n 
1 28  ILE n 
1 29  LYS n 
1 30  GLN n 
1 31  LEU n 
1 32  ARG n 
1 33  ASP n 
1 34  ILE n 
1 35  LEU n 
1 36  SER n 
1 37  GLU n 
1 38  ASN n 
1 39  PRO n 
1 40  GLU n 
1 41  ASP n 
1 42  GLU n 
1 43  ARG n 
1 44  VAL n 
1 45  LYS n 
1 46  ASP n 
1 47  ALA n 
1 48  ILE n 
1 49  ASP n 
1 50  LEU n 
1 51  SER n 
1 52  GLU n 
1 53  ARG n 
1 54  SER n 
1 55  VAL n 
1 56  ARG n 
1 57  ILE n 
1 58  VAL n 
1 59  LYS n 
1 60  THR n 
1 61  VAL n 
1 62  ILE n 
1 63  LYS n 
1 64  ILE n 
1 65  PHE n 
1 66  GLU n 
1 67  ASP n 
1 68  SER n 
1 69  VAL n 
1 70  ARG n 
1 71  LYS n 
1 72  LYS n 
1 73  GLU n 
1 74  LYS n 
1 75  ARG n 
1 76  PRO n 
1 77  ILE n 
1 78  ASP n 
1 79  LYS n 
1 80  ARG n 
1 81  ASP n 
1 82  ASP n 
1 83  LYS n 
1 84  GLU n 
1 85  LEU n 
1 86  ASP n 
1 87  LYS n 
1 88  LEU n 
1 89  LEU n 
1 90  ASP n 
1 91  THR n 
1 92  LEU n 
1 93  GLU n 
1 94  LYS n 
1 95  ILE n 
1 96  LEU n 
1 97  GLN n 
1 98  THR n 
1 99  ALA n 
1 100 THR n 
1 101 LYS n 
1 102 ILE n 
1 103 ILE n 
1 104 ASP n 
1 105 ASP n 
1 106 ALA n 
1 107 ASN n 
1 108 LYS n 
1 109 LEU n 
1 110 LEU n 
1 111 GLU n 
1 112 TYR n 
1 113 LEU n 
1 114 ARG n 
1 115 ARG n 
2 1   HIS n 
2 2   GLY n 
2 3   ASP n 
2 4   PRO n 
2 5   LYS n 
2 6   VAL n 
2 7   VAL n 
2 8   GLU n 
2 9   THR n 
2 10  TYR n 
2 11  VAL n 
2 12  GLU n 
2 13  LEU n 
2 14  LEU n 
2 15  LYS n 
2 16  ARG n 
2 17  HIS n 
2 18  GLU n 
2 19  LYS n 
2 20  ALA n 
2 21  VAL n 
2 22  LYS n 
2 23  GLU n 
2 24  LEU n 
2 25  LEU n 
2 26  GLU n 
2 27  ILE n 
2 28  ALA n 
2 29  LYS n 
2 30  THR n 
2 31  HIS n 
2 32  ALA n 
2 33  LYS n 
2 34  LYS n 
2 35  VAL n 
2 36  GLU n 
# 
loop_
_entity_src_gen.entity_id 
_entity_src_gen.pdbx_src_id 
_entity_src_gen.pdbx_alt_source_flag 
_entity_src_gen.pdbx_seq_type 
_entity_src_gen.pdbx_beg_seq_num 
_entity_src_gen.pdbx_end_seq_num 
_entity_src_gen.gene_src_common_name 
_entity_src_gen.gene_src_genus 
_entity_src_gen.pdbx_gene_src_gene 
_entity_src_gen.gene_src_species 
_entity_src_gen.gene_src_strain 
_entity_src_gen.gene_src_tissue 
_entity_src_gen.gene_src_tissue_fraction 
_entity_src_gen.gene_src_details 
_entity_src_gen.pdbx_gene_src_fragment 
_entity_src_gen.pdbx_gene_src_scientific_name 
_entity_src_gen.pdbx_gene_src_ncbi_taxonomy_id 
_entity_src_gen.pdbx_gene_src_variant 
_entity_src_gen.pdbx_gene_src_cell_line 
_entity_src_gen.pdbx_gene_src_atcc 
_entity_src_gen.pdbx_gene_src_organ 
_entity_src_gen.pdbx_gene_src_organelle 
_entity_src_gen.pdbx_gene_src_cell 
_entity_src_gen.pdbx_gene_src_cellular_location 
_entity_src_gen.host_org_common_name 
_entity_src_gen.pdbx_host_org_scientific_name 
_entity_src_gen.pdbx_host_org_ncbi_taxonomy_id 
_entity_src_gen.host_org_genus 
_entity_src_gen.pdbx_host_org_gene 
_entity_src_gen.pdbx_host_org_organ 
_entity_src_gen.host_org_species 
_entity_src_gen.pdbx_host_org_tissue 
_entity_src_gen.pdbx_host_org_tissue_fraction 
_entity_src_gen.pdbx_host_org_strain 
_entity_src_gen.pdbx_host_org_variant 
_entity_src_gen.pdbx_host_org_cell_line 
_entity_src_gen.pdbx_host_org_atcc 
_entity_src_gen.pdbx_host_org_culture_collection 
_entity_src_gen.pdbx_host_org_cell 
_entity_src_gen.pdbx_host_org_organelle 
_entity_src_gen.pdbx_host_org_cellular_location 
_entity_src_gen.pdbx_host_org_vector_type 
_entity_src_gen.pdbx_host_org_vector 
_entity_src_gen.host_org_details 
_entity_src_gen.expression_system_id 
_entity_src_gen.plasmid_name 
_entity_src_gen.plasmid_details 
_entity_src_gen.pdbx_description 
1 1 sample 'Biological sequence' 1 115 ? ? ? ? ? ? ? ? ? 'synthetic construct' 32630 ? ? ? ? ? ? ? ? 'Escherichia coli' 562 ? ? ? 
? ? ? ? ? ? ? ? ? ? ? ? ? ? ? ? ? ? 
2 1 sample 'Biological sequence' 1 36  ? ? ? ? ? ? ? ? ? 'synthetic construct' 32630 ? ? ? ? ? ? ? ? 'Escherichia coli' 562 ? ? ? 
? ? ? ? ? ? ? ? ? ? ? ? ? ? ? ? ? ? 
# 
loop_
_chem_comp.id 
_chem_comp.type 
_chem_comp.mon_nstd_flag 
_chem_comp.name 
_chem_comp.pdbx_synonyms 
_chem_comp.formula 
_chem_comp.formula_weight 
ALA 'L-peptide linking' y ALANINE         ? 'C3 H7 N O2'     89.093  
ARG 'L-peptide linking' y ARGININE        ? 'C6 H15 N4 O2 1' 175.209 
ASN 'L-peptide linking' y ASPARAGINE      ? 'C4 H8 N2 O3'    132.118 
ASP 'L-peptide linking' y 'ASPARTIC ACID' ? 'C4 H7 N O4'     133.103 
GLN 'L-peptide linking' y GLUTAMINE       ? 'C5 H10 N2 O3'   146.144 
GLU 'L-peptide linking' y 'GLUTAMIC ACID' ? 'C5 H9 N O4'     147.129 
GLY 'peptide linking'   y GLYCINE         ? 'C2 H5 N O2'     75.067  
HIS 'L-peptide linking' y HISTIDINE       ? 'C6 H10 N3 O2 1' 156.162 
ILE 'L-peptide linking' y ISOLEUCINE      ? 'C6 H13 N O2'    131.173 
LEU 'L-peptide linking' y LEUCINE         ? 'C6 H13 N O2'    131.173 
LYS 'L-peptide linking' y LYSINE          ? 'C6 H15 N2 O2 1' 147.195 
MET 'L-peptide linking' y METHIONINE      ? 'C5 H11 N O2 S'  149.211 
PHE 'L-peptide linking' y PHENYLALANINE   ? 'C9 H11 N O2'    165.189 
PRO 'L-peptide linking' y PROLINE         ? 'C5 H9 N O2'     115.130 
SER 'L-peptide linking' y SERINE          ? 'C3 H7 N O3'     105.093 
THR 'L-peptide linking' y THREONINE       ? 'C4 H9 N O3'     119.119 
TYR 'L-peptide linking' y TYROSINE        ? 'C9 H11 N O3'    181.189 
VAL 'L-peptide linking' y VALINE          ? 'C5 H11 N O2'    117.146 
# 
loop_
_pdbx_poly_seq_scheme.asym_id 
_pdbx_poly_seq_scheme.entity_id 
_pdbx_poly_seq_scheme.seq_id 
_pdbx_poly_seq_scheme.mon_id 
_pdbx_poly_seq_scheme.ndb_seq_num 
_pdbx_poly_seq_scheme.pdb_seq_num 
_pdbx_poly_seq_scheme.auth_seq_num 
_pdbx_poly_seq_scheme.pdb_mon_id 
_pdbx_poly_seq_scheme.auth_mon_id 
_pdbx_poly_seq_scheme.pdb_strand_id 
_pdbx_poly_seq_scheme.pdb_ins_code 
_pdbx_poly_seq_scheme.hetero 
A 1 1   MET 1   0   ?   ?   ?   A . n 
A 1 2   ASP 2   1   ?   ?   ?   A . n 
A 1 3   SER 3   2   ?   ?   ?   A . n 
A 1 4   ASP 4   3   ?   ?   ?   A . n 
A 1 5   GLU 5   4   ?   ?   ?   A . n 
A 1 6   HIS 6   5   ?   ?   ?   A . n 
A 1 7   LEU 7   6   6   LEU LEU A . n 
A 1 8   TYR 8   7   7   TYR TYR A . n 
A 1 9   LYS 9   8   8   LYS LYS A . n 
A 1 10  LEU 10  9   9   LEU LEU A . n 
A 1 11  LYS 11  10  10  LYS LYS A . n 
A 1 12  THR 12  11  11  THR THR A . n 
A 1 13  PHE 13  12  12  PHE PHE A . n 
A 1 14  LEU 14  13  13  LEU LEU A . n 
A 1 15  GLU 15  14  14  GLU GLU A . n 
A 1 16  ASN 16  15  15  ASN ASN A . n 
A 1 17  LEU 17  16  16  LEU LEU A . n 
A 1 18  ARG 18  17  17  ARG ARG A . n 
A 1 19  ARG 19  18  18  ARG ARG A . n 
A 1 20  HIS 20  19  19  HIS HIS A . n 
A 1 21  LEU 21  20  20  LEU LEU A . n 
A 1 22  ASP 22  21  21  ASP ASP A . n 
A 1 23  ARG 23  22  22  ARG ARG A . n 
A 1 24  LEU 24  23  23  LEU LEU A . n 
A 1 25  ASP 25  24  24  ASP ASP A . n 
A 1 26  LYS 26  25  25  LYS LYS A . n 
A 1 27  HIS 27  26  26  HIS HIS A . n 
A 1 28  ILE 28  27  27  ILE ILE A . n 
A 1 29  LYS 29  28  28  LYS LYS A . n 
A 1 30  GLN 30  29  29  GLN GLN A . n 
A 1 31  LEU 31  30  30  LEU LEU A . n 
A 1 32  ARG 32  31  31  ARG ARG A . n 
A 1 33  ASP 33  32  32  ASP ASP A . n 
A 1 34  ILE 34  33  33  ILE ILE A . n 
A 1 35  LEU 35  34  34  LEU LEU A . n 
A 1 36  SER 36  35  35  SER SER A . n 
A 1 37  GLU 37  36  36  GLU GLU A . n 
A 1 38  ASN 38  37  37  ASN ASN A . n 
A 1 39  PRO 39  38  38  PRO PRO A . n 
A 1 40  GLU 40  39  39  GLU GLU A . n 
A 1 41  ASP 41  40  40  ASP ASP A . n 
A 1 42  GLU 42  41  41  GLU GLU A . n 
A 1 43  ARG 43  42  42  ARG ARG A . n 
A 1 44  VAL 44  43  43  VAL VAL A . n 
A 1 45  LYS 45  44  44  LYS LYS A . n 
A 1 46  ASP 46  45  45  ASP ASP A . n 
A 1 47  ALA 47  46  46  ALA ALA A . n 
A 1 48  ILE 48  47  47  ILE ILE A . n 
A 1 49  ASP 49  48  48  ASP ASP A . n 
A 1 50  LEU 50  49  49  LEU LEU A . n 
A 1 51  SER 51  50  50  SER SER A . n 
A 1 52  GLU 52  51  51  GLU GLU A . n 
A 1 53  ARG 53  52  52  ARG ARG A . n 
A 1 54  SER 54  53  53  SER SER A . n 
A 1 55  VAL 55  54  54  VAL VAL A . n 
A 1 56  ARG 56  55  55  ARG ARG A . n 
A 1 57  ILE 57  56  56  ILE ILE A . n 
A 1 58  VAL 58  57  57  VAL VAL A . n 
A 1 59  LYS 59  58  58  LYS LYS A . n 
A 1 60  THR 60  59  59  THR THR A . n 
A 1 61  VAL 61  60  60  VAL VAL A . n 
A 1 62  ILE 62  61  61  ILE ILE A . n 
A 1 63  LYS 63  62  62  LYS LYS A . n 
A 1 64  ILE 64  63  63  ILE ILE A . n 
A 1 65  PHE 65  64  64  PHE PHE A . n 
A 1 66  GLU 66  65  65  GLU GLU A . n 
A 1 67  ASP 67  66  66  ASP ASP A . n 
A 1 68  SER 68  67  67  SER SER A . n 
A 1 69  VAL 69  68  68  VAL VAL A . n 
A 1 70  ARG 70  69  69  ARG ARG A . n 
A 1 71  LYS 71  70  70  LYS LYS A . n 
A 1 72  LYS 72  71  71  LYS LYS A . n 
A 1 73  GLU 73  72  72  GLU GLU A . n 
A 1 74  LYS 74  73  73  LYS LYS A . n 
A 1 75  ARG 75  74  74  ARG ARG A . n 
A 1 76  PRO 76  75  75  PRO PRO A . n 
A 1 77  ILE 77  76  ?   ?   ?   A . n 
A 1 78  ASP 78  77  ?   ?   ?   A . n 
A 1 79  LYS 79  78  ?   ?   ?   A . n 
A 1 80  ARG 80  79  ?   ?   ?   A . n 
A 1 81  ASP 81  80  80  ASP ASP A . n 
A 1 82  ASP 82  81  81  ASP ASP A . n 
A 1 83  LYS 83  82  82  LYS LYS A . n 
A 1 84  GLU 84  83  83  GLU GLU A . n 
A 1 85  LEU 85  84  84  LEU LEU A . n 
A 1 86  ASP 86  85  85  ASP ASP A . n 
A 1 87  LYS 87  86  86  LYS LYS A . n 
A 1 88  LEU 88  87  87  LEU LEU A . n 
A 1 89  LEU 89  88  88  LEU LEU A . n 
A 1 90  ASP 90  89  89  ASP ASP A . n 
A 1 91  THR 91  90  90  THR THR A . n 
A 1 92  LEU 92  91  91  LEU LEU A . n 
A 1 93  GLU 93  92  92  GLU GLU A . n 
A 1 94  LYS 94  93  93  LYS LYS A . n 
A 1 95  ILE 95  94  94  ILE ILE A . n 
A 1 96  LEU 96  95  95  LEU LEU A . n 
A 1 97  GLN 97  96  96  GLN GLN A . n 
A 1 98  THR 98  97  97  THR THR A . n 
A 1 99  ALA 99  98  98  ALA ALA A . n 
A 1 100 THR 100 99  99  THR THR A . n 
A 1 101 LYS 101 100 100 LYS LYS A . n 
A 1 102 ILE 102 101 101 ILE ILE A . n 
A 1 103 ILE 103 102 102 ILE ILE A . n 
A 1 104 ASP 104 103 103 ASP ASP A . n 
A 1 105 ASP 105 104 104 ASP ASP A . n 
A 1 106 ALA 106 105 105 ALA ALA A . n 
A 1 107 ASN 107 106 106 ASN ASN A . n 
A 1 108 LYS 108 107 107 LYS LYS A . n 
A 1 109 LEU 109 108 108 LEU LEU A . n 
A 1 110 LEU 110 109 109 LEU LEU A . n 
A 1 111 GLU 111 110 110 GLU GLU A . n 
A 1 112 TYR 112 111 111 TYR TYR A . n 
A 1 113 LEU 113 112 112 LEU LEU A . n 
A 1 114 ARG 114 113 113 ARG ARG A . n 
A 1 115 ARG 115 114 114 ARG ARG A . n 
B 2 1   HIS 1   114 ?   ?   ?   B . n 
B 2 2   GLY 2   115 115 GLY GLY B . n 
B 2 3   ASP 3   116 116 ASP ASP B . n 
B 2 4   PRO 4   117 117 PRO PRO B . n 
B 2 5   LYS 5   118 118 LYS LYS B . n 
B 2 6   VAL 6   119 119 VAL VAL B . n 
B 2 7   VAL 7   120 120 VAL VAL B . n 
B 2 8   GLU 8   121 121 GLU GLU B . n 
B 2 9   THR 9   122 122 THR THR B . n 
B 2 10  TYR 10  123 123 TYR TYR B . n 
B 2 11  VAL 11  124 124 VAL VAL B . n 
B 2 12  GLU 12  125 125 GLU GLU B . n 
B 2 13  LEU 13  126 126 LEU LEU B . n 
B 2 14  LEU 14  127 127 LEU LEU B . n 
B 2 15  LYS 15  128 128 LYS LYS B . n 
B 2 16  ARG 16  129 129 ARG ARG B . n 
B 2 17  HIS 17  130 130 HIS HIS B . n 
B 2 18  GLU 18  131 131 GLU GLU B . n 
B 2 19  LYS 19  132 132 LYS LYS B . n 
B 2 20  ALA 20  133 133 ALA ALA B . n 
B 2 21  VAL 21  134 134 VAL VAL B . n 
B 2 22  LYS 22  135 135 LYS LYS B . n 
B 2 23  GLU 23  136 136 GLU GLU B . n 
B 2 24  LEU 24  137 137 LEU LEU B . n 
B 2 25  LEU 25  138 138 LEU LEU B . n 
B 2 26  GLU 26  139 139 GLU GLU B . n 
B 2 27  ILE 27  140 140 ILE ILE B . n 
B 2 28  ALA 28  141 141 ALA ALA B . n 
B 2 29  LYS 29  142 142 LYS LYS B . n 
B 2 30  THR 30  143 143 THR THR B . n 
B 2 31  HIS 31  144 144 HIS HIS B . n 
B 2 32  ALA 32  145 145 ALA ALA B . n 
B 2 33  LYS 33  146 146 LYS LYS B . n 
B 2 34  LYS 34  147 147 LYS LYS B . n 
B 2 35  VAL 35  148 ?   ?   ?   B . n 
B 2 36  GLU 36  149 ?   ?   ?   B . n 
# 
loop_
_pdbx_unobs_or_zero_occ_atoms.id 
_pdbx_unobs_or_zero_occ_atoms.PDB_model_num 
_pdbx_unobs_or_zero_occ_atoms.polymer_flag 
_pdbx_unobs_or_zero_occ_atoms.occupancy_flag 
_pdbx_unobs_or_zero_occ_atoms.auth_asym_id 
_pdbx_unobs_or_zero_occ_atoms.auth_comp_id 
_pdbx_unobs_or_zero_occ_atoms.auth_seq_id 
_pdbx_unobs_or_zero_occ_atoms.PDB_ins_code 
_pdbx_unobs_or_zero_occ_atoms.auth_atom_id 
_pdbx_unobs_or_zero_occ_atoms.label_alt_id 
_pdbx_unobs_or_zero_occ_atoms.label_asym_id 
_pdbx_unobs_or_zero_occ_atoms.label_comp_id 
_pdbx_unobs_or_zero_occ_atoms.label_seq_id 
_pdbx_unobs_or_zero_occ_atoms.label_atom_id 
1   1 Y 1 A LEU 6   ? CG  ? A LEU 7   CG  
2   1 Y 1 A LEU 6   ? CD1 ? A LEU 7   CD1 
3   1 Y 1 A LEU 6   ? CD2 ? A LEU 7   CD2 
4   1 Y 1 A LYS 8   ? CG  ? A LYS 9   CG  
5   1 Y 1 A LYS 8   ? CD  ? A LYS 9   CD  
6   1 Y 1 A LYS 8   ? CE  ? A LYS 9   CE  
7   1 Y 1 A LYS 8   ? NZ  ? A LYS 9   NZ  
8   1 Y 1 A LEU 9   ? CD1 ? A LEU 10  CD1 
9   1 Y 1 A LEU 9   ? CD2 ? A LEU 10  CD2 
10  1 Y 1 A LYS 10  ? CG  ? A LYS 11  CG  
11  1 Y 1 A LYS 10  ? CD  ? A LYS 11  CD  
12  1 Y 1 A LYS 10  ? CE  ? A LYS 11  CE  
13  1 Y 1 A LYS 10  ? NZ  ? A LYS 11  NZ  
14  1 Y 1 A LEU 13  ? CD1 ? A LEU 14  CD1 
15  1 Y 1 A LEU 13  ? CD2 ? A LEU 14  CD2 
16  1 Y 1 A GLU 14  ? CG  ? A GLU 15  CG  
17  1 Y 1 A GLU 14  ? CD  ? A GLU 15  CD  
18  1 Y 1 A GLU 14  ? OE1 ? A GLU 15  OE1 
19  1 Y 1 A GLU 14  ? OE2 ? A GLU 15  OE2 
20  1 Y 1 A LEU 16  ? CD1 ? A LEU 17  CD1 
21  1 Y 1 A LEU 16  ? CD2 ? A LEU 17  CD2 
22  1 Y 1 A LEU 20  ? CD1 ? A LEU 21  CD1 
23  1 Y 1 A LEU 20  ? CD2 ? A LEU 21  CD2 
24  1 Y 1 A ASP 21  ? CG  ? A ASP 22  CG  
25  1 Y 1 A ASP 21  ? OD1 ? A ASP 22  OD1 
26  1 Y 1 A ASP 21  ? OD2 ? A ASP 22  OD2 
27  1 Y 1 A LYS 25  ? CG  ? A LYS 26  CG  
28  1 Y 1 A LYS 25  ? CD  ? A LYS 26  CD  
29  1 Y 1 A LYS 25  ? CE  ? A LYS 26  CE  
30  1 Y 1 A LYS 25  ? NZ  ? A LYS 26  NZ  
31  1 Y 1 A LYS 28  ? CD  ? A LYS 29  CD  
32  1 Y 1 A LYS 28  ? CE  ? A LYS 29  CE  
33  1 Y 1 A LYS 28  ? NZ  ? A LYS 29  NZ  
34  1 Y 1 A ARG 31  ? CD  ? A ARG 32  CD  
35  1 Y 1 A ARG 31  ? NE  ? A ARG 32  NE  
36  1 Y 1 A ARG 31  ? CZ  ? A ARG 32  CZ  
37  1 Y 1 A ARG 31  ? NH1 ? A ARG 32  NH1 
38  1 Y 1 A ARG 31  ? NH2 ? A ARG 32  NH2 
39  1 Y 1 A ASP 32  ? CG  ? A ASP 33  CG  
40  1 Y 1 A ASP 32  ? OD1 ? A ASP 33  OD1 
41  1 Y 1 A ASP 32  ? OD2 ? A ASP 33  OD2 
42  1 Y 1 A ILE 33  ? CG1 ? A ILE 34  CG1 
43  1 Y 1 A ILE 33  ? CG2 ? A ILE 34  CG2 
44  1 Y 1 A ILE 33  ? CD1 ? A ILE 34  CD1 
45  1 Y 1 A LEU 34  ? CG  ? A LEU 35  CG  
46  1 Y 1 A LEU 34  ? CD1 ? A LEU 35  CD1 
47  1 Y 1 A LEU 34  ? CD2 ? A LEU 35  CD2 
48  1 Y 1 A SER 35  ? OG  ? A SER 36  OG  
49  1 Y 1 A GLU 36  ? CD  ? A GLU 37  CD  
50  1 Y 1 A GLU 36  ? OE1 ? A GLU 37  OE1 
51  1 Y 1 A GLU 36  ? OE2 ? A GLU 37  OE2 
52  1 Y 1 A GLU 39  ? CG  ? A GLU 40  CG  
53  1 Y 1 A GLU 39  ? CD  ? A GLU 40  CD  
54  1 Y 1 A GLU 39  ? OE1 ? A GLU 40  OE1 
55  1 Y 1 A GLU 39  ? OE2 ? A GLU 40  OE2 
56  1 Y 1 A GLU 41  ? CG  ? A GLU 42  CG  
57  1 Y 1 A GLU 41  ? CD  ? A GLU 42  CD  
58  1 Y 1 A GLU 41  ? OE1 ? A GLU 42  OE1 
59  1 Y 1 A GLU 41  ? OE2 ? A GLU 42  OE2 
60  1 Y 1 A LYS 44  ? CG  ? A LYS 45  CG  
61  1 Y 1 A LYS 44  ? CD  ? A LYS 45  CD  
62  1 Y 1 A LYS 44  ? CE  ? A LYS 45  CE  
63  1 Y 1 A LYS 44  ? NZ  ? A LYS 45  NZ  
64  1 Y 1 A ILE 47  ? CG1 ? A ILE 48  CG1 
65  1 Y 1 A ILE 47  ? CG2 ? A ILE 48  CG2 
66  1 Y 1 A ILE 47  ? CD1 ? A ILE 48  CD1 
67  1 Y 1 A ASP 48  ? CG  ? A ASP 49  CG  
68  1 Y 1 A ASP 48  ? OD1 ? A ASP 49  OD1 
69  1 Y 1 A ASP 48  ? OD2 ? A ASP 49  OD2 
70  1 Y 1 A LEU 49  ? CD1 ? A LEU 50  CD1 
71  1 Y 1 A LEU 49  ? CD2 ? A LEU 50  CD2 
72  1 Y 1 A GLU 51  ? CG  ? A GLU 52  CG  
73  1 Y 1 A GLU 51  ? CD  ? A GLU 52  CD  
74  1 Y 1 A GLU 51  ? OE1 ? A GLU 52  OE1 
75  1 Y 1 A GLU 51  ? OE2 ? A GLU 52  OE2 
76  1 Y 1 A VAL 54  ? CG1 ? A VAL 55  CG1 
77  1 Y 1 A VAL 54  ? CG2 ? A VAL 55  CG2 
78  1 Y 1 A ARG 55  ? CD  ? A ARG 56  CD  
79  1 Y 1 A ARG 55  ? NE  ? A ARG 56  NE  
80  1 Y 1 A ARG 55  ? CZ  ? A ARG 56  CZ  
81  1 Y 1 A ARG 55  ? NH1 ? A ARG 56  NH1 
82  1 Y 1 A ARG 55  ? NH2 ? A ARG 56  NH2 
83  1 Y 1 A LYS 58  ? CG  ? A LYS 59  CG  
84  1 Y 1 A LYS 58  ? CD  ? A LYS 59  CD  
85  1 Y 1 A LYS 58  ? CE  ? A LYS 59  CE  
86  1 Y 1 A LYS 58  ? NZ  ? A LYS 59  NZ  
87  1 Y 1 A ILE 61  ? CG1 ? A ILE 62  CG1 
88  1 Y 1 A ILE 61  ? CG2 ? A ILE 62  CG2 
89  1 Y 1 A ILE 61  ? CD1 ? A ILE 62  CD1 
90  1 Y 1 A LYS 62  ? CG  ? A LYS 63  CG  
91  1 Y 1 A LYS 62  ? CD  ? A LYS 63  CD  
92  1 Y 1 A LYS 62  ? CE  ? A LYS 63  CE  
93  1 Y 1 A LYS 62  ? NZ  ? A LYS 63  NZ  
94  1 Y 1 A ILE 63  ? CG1 ? A ILE 64  CG1 
95  1 Y 1 A ILE 63  ? CG2 ? A ILE 64  CG2 
96  1 Y 1 A ILE 63  ? CD1 ? A ILE 64  CD1 
97  1 Y 1 A GLU 65  ? CG  ? A GLU 66  CG  
98  1 Y 1 A GLU 65  ? CD  ? A GLU 66  CD  
99  1 Y 1 A GLU 65  ? OE1 ? A GLU 66  OE1 
100 1 Y 1 A GLU 65  ? OE2 ? A GLU 66  OE2 
101 1 Y 1 A SER 67  ? OG  ? A SER 68  OG  
102 1 Y 1 A LYS 70  ? CG  ? A LYS 71  CG  
103 1 Y 1 A LYS 70  ? CD  ? A LYS 71  CD  
104 1 Y 1 A LYS 70  ? CE  ? A LYS 71  CE  
105 1 Y 1 A LYS 70  ? NZ  ? A LYS 71  NZ  
106 1 Y 1 A LYS 71  ? CD  ? A LYS 72  CD  
107 1 Y 1 A LYS 71  ? CE  ? A LYS 72  CE  
108 1 Y 1 A LYS 71  ? NZ  ? A LYS 72  NZ  
109 1 Y 1 A GLU 72  ? CG  ? A GLU 73  CG  
110 1 Y 1 A GLU 72  ? CD  ? A GLU 73  CD  
111 1 Y 1 A GLU 72  ? OE1 ? A GLU 73  OE1 
112 1 Y 1 A GLU 72  ? OE2 ? A GLU 73  OE2 
113 1 Y 1 A LYS 73  ? CG  ? A LYS 74  CG  
114 1 Y 1 A LYS 73  ? CD  ? A LYS 74  CD  
115 1 Y 1 A LYS 73  ? CE  ? A LYS 74  CE  
116 1 Y 1 A LYS 73  ? NZ  ? A LYS 74  NZ  
117 1 Y 1 A ARG 74  ? CG  ? A ARG 75  CG  
118 1 Y 1 A ARG 74  ? CD  ? A ARG 75  CD  
119 1 Y 1 A ARG 74  ? NE  ? A ARG 75  NE  
120 1 Y 1 A ARG 74  ? CZ  ? A ARG 75  CZ  
121 1 Y 1 A ARG 74  ? NH1 ? A ARG 75  NH1 
122 1 Y 1 A ARG 74  ? NH2 ? A ARG 75  NH2 
123 1 Y 1 A ASP 80  ? CG  ? A ASP 81  CG  
124 1 Y 1 A ASP 80  ? OD1 ? A ASP 81  OD1 
125 1 Y 1 A ASP 80  ? OD2 ? A ASP 81  OD2 
126 1 Y 1 A LYS 82  ? CG  ? A LYS 83  CG  
127 1 Y 1 A LYS 82  ? CD  ? A LYS 83  CD  
128 1 Y 1 A LYS 82  ? CE  ? A LYS 83  CE  
129 1 Y 1 A LYS 82  ? NZ  ? A LYS 83  NZ  
130 1 Y 1 A GLU 83  ? CD  ? A GLU 84  CD  
131 1 Y 1 A GLU 83  ? OE1 ? A GLU 84  OE1 
132 1 Y 1 A GLU 83  ? OE2 ? A GLU 84  OE2 
133 1 Y 1 A LEU 84  ? CG  ? A LEU 85  CG  
134 1 Y 1 A LEU 84  ? CD1 ? A LEU 85  CD1 
135 1 Y 1 A LEU 84  ? CD2 ? A LEU 85  CD2 
136 1 Y 1 A ASP 85  ? OD1 ? A ASP 86  OD1 
137 1 Y 1 A ASP 85  ? OD2 ? A ASP 86  OD2 
138 1 Y 1 A LYS 86  ? CD  ? A LYS 87  CD  
139 1 Y 1 A LYS 86  ? CE  ? A LYS 87  CE  
140 1 Y 1 A LYS 86  ? NZ  ? A LYS 87  NZ  
141 1 Y 1 A LEU 87  ? CG  ? A LEU 88  CG  
142 1 Y 1 A LEU 87  ? CD1 ? A LEU 88  CD1 
143 1 Y 1 A LEU 87  ? CD2 ? A LEU 88  CD2 
144 1 Y 1 A LEU 88  ? CG  ? A LEU 89  CG  
145 1 Y 1 A LEU 88  ? CD1 ? A LEU 89  CD1 
146 1 Y 1 A LEU 88  ? CD2 ? A LEU 89  CD2 
147 1 Y 1 A ASP 89  ? OD1 ? A ASP 90  OD1 
148 1 Y 1 A ASP 89  ? OD2 ? A ASP 90  OD2 
149 1 Y 1 A GLU 92  ? CG  ? A GLU 93  CG  
150 1 Y 1 A GLU 92  ? CD  ? A GLU 93  CD  
151 1 Y 1 A GLU 92  ? OE1 ? A GLU 93  OE1 
152 1 Y 1 A GLU 92  ? OE2 ? A GLU 93  OE2 
153 1 Y 1 A LYS 93  ? CG  ? A LYS 94  CG  
154 1 Y 1 A LYS 93  ? CD  ? A LYS 94  CD  
155 1 Y 1 A LYS 93  ? CE  ? A LYS 94  CE  
156 1 Y 1 A LYS 93  ? NZ  ? A LYS 94  NZ  
157 1 Y 1 A GLN 96  ? CD  ? A GLN 97  CD  
158 1 Y 1 A GLN 96  ? OE1 ? A GLN 97  OE1 
159 1 Y 1 A GLN 96  ? NE2 ? A GLN 97  NE2 
160 1 Y 1 A LYS 100 ? CG  ? A LYS 101 CG  
161 1 Y 1 A LYS 100 ? CD  ? A LYS 101 CD  
162 1 Y 1 A LYS 100 ? CE  ? A LYS 101 CE  
163 1 Y 1 A LYS 100 ? NZ  ? A LYS 101 NZ  
164 1 Y 1 A ASP 104 ? OD1 ? A ASP 105 OD1 
165 1 Y 1 A ASP 104 ? OD2 ? A ASP 105 OD2 
166 1 Y 1 A ASN 106 ? OD1 ? A ASN 107 OD1 
167 1 Y 1 A ASN 106 ? ND2 ? A ASN 107 ND2 
168 1 Y 1 A LYS 107 ? CE  ? A LYS 108 CE  
169 1 Y 1 A LYS 107 ? NZ  ? A LYS 108 NZ  
170 1 Y 1 A GLU 110 ? CD  ? A GLU 111 CD  
171 1 Y 1 A GLU 110 ? OE1 ? A GLU 111 OE1 
172 1 Y 1 A GLU 110 ? OE2 ? A GLU 111 OE2 
173 1 Y 1 A ARG 113 ? CD  ? A ARG 114 CD  
174 1 Y 1 A ARG 113 ? NE  ? A ARG 114 NE  
175 1 Y 1 A ARG 113 ? CZ  ? A ARG 114 CZ  
176 1 Y 1 A ARG 113 ? NH1 ? A ARG 114 NH1 
177 1 Y 1 A ARG 113 ? NH2 ? A ARG 114 NH2 
178 1 Y 1 A ARG 114 ? NE  ? A ARG 115 NE  
179 1 Y 1 A ARG 114 ? CZ  ? A ARG 115 CZ  
180 1 Y 1 A ARG 114 ? NH1 ? A ARG 115 NH1 
181 1 Y 1 A ARG 114 ? NH2 ? A ARG 115 NH2 
182 1 Y 1 B LYS 118 ? CD  ? B LYS 5   CD  
183 1 Y 1 B LYS 118 ? CE  ? B LYS 5   CE  
184 1 Y 1 B LYS 118 ? NZ  ? B LYS 5   NZ  
185 1 Y 1 B GLU 121 ? CD  ? B GLU 8   CD  
186 1 Y 1 B GLU 121 ? OE1 ? B GLU 8   OE1 
187 1 Y 1 B GLU 121 ? OE2 ? B GLU 8   OE2 
188 1 Y 1 B GLU 125 ? CD  ? B GLU 12  CD  
189 1 Y 1 B GLU 125 ? OE1 ? B GLU 12  OE1 
190 1 Y 1 B GLU 125 ? OE2 ? B GLU 12  OE2 
191 1 Y 1 B LYS 128 ? CD  ? B LYS 15  CD  
192 1 Y 1 B LYS 128 ? CE  ? B LYS 15  CE  
193 1 Y 1 B LYS 128 ? NZ  ? B LYS 15  NZ  
194 1 Y 1 B ARG 129 ? CD  ? B ARG 16  CD  
195 1 Y 1 B ARG 129 ? NE  ? B ARG 16  NE  
196 1 Y 1 B ARG 129 ? CZ  ? B ARG 16  CZ  
197 1 Y 1 B ARG 129 ? NH1 ? B ARG 16  NH1 
198 1 Y 1 B ARG 129 ? NH2 ? B ARG 16  NH2 
199 1 Y 1 B GLU 131 ? CD  ? B GLU 18  CD  
200 1 Y 1 B GLU 131 ? OE1 ? B GLU 18  OE1 
201 1 Y 1 B GLU 131 ? OE2 ? B GLU 18  OE2 
202 1 Y 1 B LYS 132 ? CD  ? B LYS 19  CD  
203 1 Y 1 B LYS 132 ? CE  ? B LYS 19  CE  
204 1 Y 1 B LYS 132 ? NZ  ? B LYS 19  NZ  
205 1 Y 1 B LYS 135 ? CG  ? B LYS 22  CG  
206 1 Y 1 B LYS 135 ? CD  ? B LYS 22  CD  
207 1 Y 1 B LYS 135 ? CE  ? B LYS 22  CE  
208 1 Y 1 B LYS 135 ? NZ  ? B LYS 22  NZ  
209 1 Y 1 B GLU 136 ? CD  ? B GLU 23  CD  
210 1 Y 1 B GLU 136 ? OE1 ? B GLU 23  OE1 
211 1 Y 1 B GLU 136 ? OE2 ? B GLU 23  OE2 
212 1 Y 1 B GLU 139 ? CD  ? B GLU 26  CD  
213 1 Y 1 B GLU 139 ? OE1 ? B GLU 26  OE1 
214 1 Y 1 B GLU 139 ? OE2 ? B GLU 26  OE2 
215 1 Y 1 B LYS 142 ? CD  ? B LYS 29  CD  
216 1 Y 1 B LYS 142 ? CE  ? B LYS 29  CE  
217 1 Y 1 B LYS 142 ? NZ  ? B LYS 29  NZ  
218 1 Y 1 B LYS 146 ? CG  ? B LYS 33  CG  
219 1 Y 1 B LYS 146 ? CD  ? B LYS 33  CD  
220 1 Y 1 B LYS 146 ? CE  ? B LYS 33  CE  
221 1 Y 1 B LYS 146 ? NZ  ? B LYS 33  NZ  
222 1 Y 1 B LYS 147 ? CG  ? B LYS 34  CG  
223 1 Y 1 B LYS 147 ? CD  ? B LYS 34  CD  
224 1 Y 1 B LYS 147 ? CE  ? B LYS 34  CE  
225 1 Y 1 B LYS 147 ? NZ  ? B LYS 34  NZ  
# 
loop_
_software.citation_id 
_software.classification 
_software.compiler_name 
_software.compiler_version 
_software.contact_author 
_software.contact_author_email 
_software.date 
_software.description 
_software.dependencies 
_software.hardware 
_software.language 
_software.location 
_software.mods 
_software.name 
_software.os 
_software.os_version 
_software.type 
_software.version 
_software.pdbx_ordinal 
? refinement       ? ? ? ? ? ? ? ? ? ? ? PHENIX ? ? ? dev_3112        1 
? 'data reduction' ? ? ? ? ? ? ? ? ? ? ? XDS    ? ? ? 'June 17, 2015' 2 
? 'data scaling'   ? ? ? ? ? ? ? ? ? ? ? XDS    ? ? ? 'June 17, 2015' 3 
? phasing          ? ? ? ? ? ? ? ? ? ? ? PHASER ? ? ? 2.5.6.          4 
# 
_cell.angle_alpha                  90.00 
_cell.angle_alpha_esd              ? 
_cell.angle_beta                   90.00 
_cell.angle_beta_esd               ? 
_cell.angle_gamma                  120.00 
_cell.angle_gamma_esd              ? 
_cell.entry_id                     6DLC 
_cell.details                      ? 
_cell.formula_units_Z              ? 
_cell.length_a                     96.885 
_cell.length_a_esd                 ? 
_cell.length_b                     96.885 
_cell.length_b_esd                 ? 
_cell.length_c                     27.846 
_cell.length_c_esd                 ? 
_cell.volume                       ? 
_cell.volume_esd                   ? 
_cell.Z_PDB                        6 
_cell.reciprocal_angle_alpha       ? 
_cell.reciprocal_angle_beta        ? 
_cell.reciprocal_angle_gamma       ? 
_cell.reciprocal_angle_alpha_esd   ? 
_cell.reciprocal_angle_beta_esd    ? 
_cell.reciprocal_angle_gamma_esd   ? 
_cell.reciprocal_length_a          ? 
_cell.reciprocal_length_b          ? 
_cell.reciprocal_length_c          ? 
_cell.reciprocal_length_a_esd      ? 
_cell.reciprocal_length_b_esd      ? 
_cell.reciprocal_length_c_esd      ? 
_cell.pdbx_unique_axis             ? 
# 
_symmetry.entry_id                         6DLC 
_symmetry.cell_setting                     ? 
_symmetry.Int_Tables_number                172 
_symmetry.space_group_name_Hall            ? 
_symmetry.space_group_name_H-M             'P 64' 
_symmetry.pdbx_full_space_group_name_H-M   ? 
# 
_exptl.absorpt_coefficient_mu     ? 
_exptl.absorpt_correction_T_max   ? 
_exptl.absorpt_correction_T_min   ? 
_exptl.absorpt_correction_type    ? 
_exptl.absorpt_process_details    ? 
_exptl.entry_id                   6DLC 
_exptl.crystals_number            1 
_exptl.details                    ? 
_exptl.method                     'X-RAY DIFFRACTION' 
_exptl.method_details             ? 
# 
_exptl_crystal.colour                      ? 
_exptl_crystal.density_diffrn              ? 
_exptl_crystal.density_Matthews            2.22 
_exptl_crystal.density_method              ? 
_exptl_crystal.density_percent_sol         44.7 
_exptl_crystal.description                 ? 
_exptl_crystal.F_000                       ? 
_exptl_crystal.id                          1 
_exptl_crystal.preparation                 ? 
_exptl_crystal.size_max                    ? 
_exptl_crystal.size_mid                    ? 
_exptl_crystal.size_min                    ? 
_exptl_crystal.size_rad                    ? 
_exptl_crystal.colour_lustre               ? 
_exptl_crystal.colour_modifier             ? 
_exptl_crystal.colour_primary              ? 
_exptl_crystal.density_meas                ? 
_exptl_crystal.density_meas_esd            ? 
_exptl_crystal.density_meas_gt             ? 
_exptl_crystal.density_meas_lt             ? 
_exptl_crystal.density_meas_temp           ? 
_exptl_crystal.density_meas_temp_esd       ? 
_exptl_crystal.density_meas_temp_gt        ? 
_exptl_crystal.density_meas_temp_lt        ? 
_exptl_crystal.pdbx_crystal_image_url      ? 
_exptl_crystal.pdbx_crystal_image_format   ? 
_exptl_crystal.pdbx_mosaicity              ? 
_exptl_crystal.pdbx_mosaicity_esd          ? 
# 
_exptl_crystal_grow.apparatus       ? 
_exptl_crystal_grow.atmosphere      ? 
_exptl_crystal_grow.crystal_id      1 
_exptl_crystal_grow.details         ? 
_exptl_crystal_grow.method          'VAPOR DIFFUSION, HANGING DROP' 
_exptl_crystal_grow.method_ref      ? 
_exptl_crystal_grow.pH              8.0 
_exptl_crystal_grow.pressure        ? 
_exptl_crystal_grow.pressure_esd    ? 
_exptl_crystal_grow.seeding         ? 
_exptl_crystal_grow.seeding_ref     ? 
_exptl_crystal_grow.temp            290.15 
_exptl_crystal_grow.temp_details    ? 
_exptl_crystal_grow.temp_esd        ? 
_exptl_crystal_grow.time            ? 
_exptl_crystal_grow.pdbx_details    '0.15M Potassium bromide, 30% (w/v) PEG 2,000 MME, plus 20% glycerol as cryoprotectant' 
_exptl_crystal_grow.pdbx_pH_range   ? 
# 
_diffrn.ambient_environment    ? 
_diffrn.ambient_temp           100 
_diffrn.ambient_temp_details   ? 
_diffrn.ambient_temp_esd       ? 
_diffrn.crystal_id             1 
_diffrn.crystal_support        ? 
_diffrn.crystal_treatment      ? 
_diffrn.details                ? 
_diffrn.id                     1 
_diffrn.ambient_pressure       ? 
_diffrn.ambient_pressure_esd   ? 
_diffrn.ambient_pressure_gt    ? 
_diffrn.ambient_pressure_lt    ? 
_diffrn.ambient_temp_gt        ? 
_diffrn.ambient_temp_lt        ? 
# 
_diffrn_detector.details                      ? 
_diffrn_detector.detector                     CCD 
_diffrn_detector.diffrn_id                    1 
_diffrn_detector.type                         'ADSC QUANTUM 315r' 
_diffrn_detector.area_resol_mean              ? 
_diffrn_detector.dtime                        ? 
_diffrn_detector.pdbx_frames_total            ? 
_diffrn_detector.pdbx_collection_time_total   ? 
_diffrn_detector.pdbx_collection_date         2017-12-14 
# 
_diffrn_radiation.collimation                      ? 
_diffrn_radiation.diffrn_id                        1 
_diffrn_radiation.filter_edge                      ? 
_diffrn_radiation.inhomogeneity                    ? 
_diffrn_radiation.monochromator                    'Double-crystal Si(111) and multilayer' 
_diffrn_radiation.polarisn_norm                    ? 
_diffrn_radiation.polarisn_ratio                   ? 
_diffrn_radiation.probe                            ? 
_diffrn_radiation.type                             ? 
_diffrn_radiation.xray_symbol                      ? 
_diffrn_radiation.wavelength_id                    1 
_diffrn_radiation.pdbx_monochromatic_or_laue_m_l   M 
_diffrn_radiation.pdbx_wavelength_list             ? 
_diffrn_radiation.pdbx_wavelength                  ? 
_diffrn_radiation.pdbx_diffrn_protocol             'SINGLE WAVELENGTH' 
_diffrn_radiation.pdbx_analyzer                    ? 
_diffrn_radiation.pdbx_scattering_type             x-ray 
# 
_diffrn_radiation_wavelength.id           1 
_diffrn_radiation_wavelength.wavelength   0.999954 
_diffrn_radiation_wavelength.wt           1.0 
# 
_diffrn_source.current                     ? 
_diffrn_source.details                     ? 
_diffrn_source.diffrn_id                   1 
_diffrn_source.power                       ? 
_diffrn_source.size                        ? 
_diffrn_source.source                      SYNCHROTRON 
_diffrn_source.target                      ? 
_diffrn_source.type                        'ALS BEAMLINE 8.2.1' 
_diffrn_source.voltage                     ? 
_diffrn_source.take-off_angle              ? 
_diffrn_source.pdbx_wavelength_list        0.999954 
_diffrn_source.pdbx_wavelength             ? 
_diffrn_source.pdbx_synchrotron_beamline   8.2.1 
_diffrn_source.pdbx_synchrotron_site       ALS 
# 
_reflns.B_iso_Wilson_estimate            109.04 
_reflns.entry_id                         6DLC 
_reflns.data_reduction_details           ? 
_reflns.data_reduction_method            ? 
_reflns.d_resolution_high                3.26 
_reflns.d_resolution_low                 48.44 
_reflns.details                          ? 
_reflns.limit_h_max                      ? 
_reflns.limit_h_min                      ? 
_reflns.limit_k_max                      ? 
_reflns.limit_k_min                      ? 
_reflns.limit_l_max                      ? 
_reflns.limit_l_min                      ? 
_reflns.number_all                       ? 
_reflns.number_obs                       2485 
_reflns.observed_criterion               ? 
_reflns.observed_criterion_F_max         ? 
_reflns.observed_criterion_F_min         ? 
_reflns.observed_criterion_I_max         ? 
_reflns.observed_criterion_I_min         ? 
_reflns.observed_criterion_sigma_F       ? 
_reflns.observed_criterion_sigma_I       ? 
_reflns.percent_possible_obs             99.8 
_reflns.R_free_details                   ? 
_reflns.Rmerge_F_all                     ? 
_reflns.Rmerge_F_obs                     ? 
_reflns.Friedel_coverage                 ? 
_reflns.number_gt                        ? 
_reflns.threshold_expression             ? 
_reflns.pdbx_redundancy                  7.6 
_reflns.pdbx_Rmerge_I_obs                0.125 
_reflns.pdbx_Rmerge_I_all                ? 
_reflns.pdbx_Rsym_value                  ? 
_reflns.pdbx_netI_over_av_sigmaI         ? 
_reflns.pdbx_netI_over_sigmaI            9.7 
_reflns.pdbx_res_netI_over_av_sigmaI_2   ? 
_reflns.pdbx_res_netI_over_sigmaI_2      ? 
_reflns.pdbx_chi_squared                 ? 
_reflns.pdbx_scaling_rejects             ? 
_reflns.pdbx_d_res_high_opt              ? 
_reflns.pdbx_d_res_low_opt               ? 
_reflns.pdbx_d_res_opt_method            ? 
_reflns.phase_calculation_details        ? 
_reflns.pdbx_Rrim_I_all                  0.135 
_reflns.pdbx_Rpim_I_all                  0.049 
_reflns.pdbx_d_opt                       ? 
_reflns.pdbx_number_measured_all         ? 
_reflns.pdbx_diffrn_id                   1 
_reflns.pdbx_ordinal                     1 
_reflns.pdbx_CC_half                     0.999 
_reflns.pdbx_R_split                     ? 
# 
_reflns_shell.d_res_high                  3.26 
_reflns_shell.d_res_low                   3.52 
_reflns_shell.meanI_over_sigI_all         ? 
_reflns_shell.meanI_over_sigI_obs         1.7 
_reflns_shell.number_measured_all         ? 
_reflns_shell.number_measured_obs         ? 
_reflns_shell.number_possible             ? 
_reflns_shell.number_unique_all           ? 
_reflns_shell.number_unique_obs           512 
_reflns_shell.percent_possible_all        99.6 
_reflns_shell.percent_possible_obs        ? 
_reflns_shell.Rmerge_F_all                ? 
_reflns_shell.Rmerge_F_obs                ? 
_reflns_shell.Rmerge_I_all                ? 
_reflns_shell.Rmerge_I_obs                1.343 
_reflns_shell.meanI_over_sigI_gt          ? 
_reflns_shell.meanI_over_uI_all           ? 
_reflns_shell.meanI_over_uI_gt            ? 
_reflns_shell.number_measured_gt          ? 
_reflns_shell.number_unique_gt            ? 
_reflns_shell.percent_possible_gt         ? 
_reflns_shell.Rmerge_F_gt                 ? 
_reflns_shell.Rmerge_I_gt                 ? 
_reflns_shell.pdbx_redundancy             7.8 
_reflns_shell.pdbx_Rsym_value             ? 
_reflns_shell.pdbx_chi_squared            ? 
_reflns_shell.pdbx_netI_over_sigmaI_all   ? 
_reflns_shell.pdbx_netI_over_sigmaI_obs   ? 
_reflns_shell.pdbx_Rrim_I_all             1.440 
_reflns_shell.pdbx_Rpim_I_all             0.708 
_reflns_shell.pdbx_rejects                ? 
_reflns_shell.pdbx_ordinal                1 
_reflns_shell.pdbx_diffrn_id              1 
_reflns_shell.pdbx_CC_half                0.472 
_reflns_shell.pdbx_R_split                ? 
# 
_refine.aniso_B[1][1]                            ? 
_refine.aniso_B[1][2]                            ? 
_refine.aniso_B[1][3]                            ? 
_refine.aniso_B[2][2]                            ? 
_refine.aniso_B[2][3]                            ? 
_refine.aniso_B[3][3]                            ? 
_refine.B_iso_max                                ? 
_refine.B_iso_mean                               117.01 
_refine.B_iso_min                                ? 
_refine.correlation_coeff_Fo_to_Fc               ? 
_refine.correlation_coeff_Fo_to_Fc_free          ? 
_refine.details                                  ? 
_refine.diff_density_max                         ? 
_refine.diff_density_max_esd                     ? 
_refine.diff_density_min                         ? 
_refine.diff_density_min_esd                     ? 
_refine.diff_density_rms                         ? 
_refine.diff_density_rms_esd                     ? 
_refine.entry_id                                 6DLC 
_refine.pdbx_refine_id                           'X-RAY DIFFRACTION' 
_refine.ls_abs_structure_details                 ? 
_refine.ls_abs_structure_Flack                   ? 
_refine.ls_abs_structure_Flack_esd               ? 
_refine.ls_abs_structure_Rogers                  ? 
_refine.ls_abs_structure_Rogers_esd              ? 
_refine.ls_d_res_high                            3.261 
_refine.ls_d_res_low                             48.44 
_refine.ls_extinction_coef                       ? 
_refine.ls_extinction_coef_esd                   ? 
_refine.ls_extinction_expression                 ? 
_refine.ls_extinction_method                     ? 
_refine.ls_goodness_of_fit_all                   ? 
_refine.ls_goodness_of_fit_all_esd               ? 
_refine.ls_goodness_of_fit_obs                   ? 
_refine.ls_goodness_of_fit_obs_esd               ? 
_refine.ls_hydrogen_treatment                    ? 
_refine.ls_matrix_type                           ? 
_refine.ls_number_constraints                    ? 
_refine.ls_number_parameters                     ? 
_refine.ls_number_reflns_all                     ? 
_refine.ls_number_reflns_obs                     2482 
_refine.ls_number_reflns_R_free                  252 
_refine.ls_number_reflns_R_work                  ? 
_refine.ls_number_restraints                     ? 
_refine.ls_percent_reflns_obs                    99.76 
_refine.ls_percent_reflns_R_free                 10.15 
_refine.ls_R_factor_all                          ? 
_refine.ls_R_factor_obs                          0.2614 
_refine.ls_R_factor_R_free                       0.2855 
_refine.ls_R_factor_R_free_error                 ? 
_refine.ls_R_factor_R_free_error_details         ? 
_refine.ls_R_factor_R_work                       0.2583 
_refine.ls_R_Fsqd_factor_obs                     ? 
_refine.ls_R_I_factor_obs                        ? 
_refine.ls_redundancy_reflns_all                 ? 
_refine.ls_redundancy_reflns_obs                 ? 
_refine.ls_restrained_S_all                      ? 
_refine.ls_restrained_S_obs                      ? 
_refine.ls_shift_over_esd_max                    ? 
_refine.ls_shift_over_esd_mean                   ? 
_refine.ls_structure_factor_coef                 ? 
_refine.ls_weighting_details                     ? 
_refine.ls_weighting_scheme                      ? 
_refine.ls_wR_factor_all                         ? 
_refine.ls_wR_factor_obs                         ? 
_refine.ls_wR_factor_R_free                      ? 
_refine.ls_wR_factor_R_work                      ? 
_refine.occupancy_max                            ? 
_refine.occupancy_min                            ? 
_refine.solvent_model_details                    ? 
_refine.solvent_model_param_bsol                 ? 
_refine.solvent_model_param_ksol                 ? 
_refine.ls_R_factor_gt                           ? 
_refine.ls_goodness_of_fit_gt                    ? 
_refine.ls_goodness_of_fit_ref                   ? 
_refine.ls_shift_over_su_max                     ? 
_refine.ls_shift_over_su_max_lt                  ? 
_refine.ls_shift_over_su_mean                    ? 
_refine.ls_shift_over_su_mean_lt                 ? 
_refine.pdbx_ls_sigma_I                          ? 
_refine.pdbx_ls_sigma_F                          1.35 
_refine.pdbx_ls_sigma_Fsqd                       ? 
_refine.pdbx_data_cutoff_high_absF               ? 
_refine.pdbx_data_cutoff_high_rms_absF           ? 
_refine.pdbx_data_cutoff_low_absF                ? 
_refine.pdbx_isotropic_thermal_model             ? 
_refine.pdbx_ls_cross_valid_method               'FREE R-VALUE' 
_refine.pdbx_method_to_determine_struct          'MOLECULAR REPLACEMENT' 
_refine.pdbx_starting_model                      'Computational Design Model' 
_refine.pdbx_stereochemistry_target_values       ? 
_refine.pdbx_R_Free_selection_details            ? 
_refine.pdbx_stereochem_target_val_spec_case     ? 
_refine.pdbx_overall_ESU_R                       ? 
_refine.pdbx_overall_ESU_R_Free                  ? 
_refine.pdbx_solvent_vdw_probe_radii             1.11 
_refine.pdbx_solvent_ion_probe_radii             ? 
_refine.pdbx_solvent_shrinkage_radii             0.90 
_refine.pdbx_real_space_R                        ? 
_refine.pdbx_density_correlation                 ? 
_refine.pdbx_pd_number_of_powder_patterns        ? 
_refine.pdbx_pd_number_of_points                 ? 
_refine.pdbx_pd_meas_number_of_points            ? 
_refine.pdbx_pd_proc_ls_prof_R_factor            ? 
_refine.pdbx_pd_proc_ls_prof_wR_factor           ? 
_refine.pdbx_pd_Marquardt_correlation_coeff      ? 
_refine.pdbx_pd_Fsqrd_R_factor                   ? 
_refine.pdbx_pd_ls_matrix_band_width             ? 
_refine.pdbx_overall_phase_error                 25.34 
_refine.pdbx_overall_SU_R_free_Cruickshank_DPI   ? 
_refine.pdbx_overall_SU_R_free_Blow_DPI          ? 
_refine.pdbx_overall_SU_R_Blow_DPI               ? 
_refine.pdbx_TLS_residual_ADP_flag               ? 
_refine.pdbx_diffrn_id                           1 
_refine.overall_SU_B                             ? 
_refine.overall_SU_ML                            0.45 
_refine.overall_SU_R_Cruickshank_DPI             ? 
_refine.overall_SU_R_free                        ? 
_refine.overall_FOM_free_R_set                   ? 
_refine.overall_FOM_work_R_set                   ? 
_refine.pdbx_average_fsc_overall                 ? 
_refine.pdbx_average_fsc_work                    ? 
_refine.pdbx_average_fsc_free                    ? 
# 
_refine_hist.pdbx_refine_id                   'X-RAY DIFFRACTION' 
_refine_hist.cycle_id                         LAST 
_refine_hist.pdbx_number_atoms_protein        932 
_refine_hist.pdbx_number_atoms_nucleic_acid   0 
_refine_hist.pdbx_number_atoms_ligand         0 
_refine_hist.number_atoms_solvent             0 
_refine_hist.number_atoms_total               932 
_refine_hist.d_res_high                       3.261 
_refine_hist.d_res_low                        48.44 
# 
loop_
_refine_ls_restr.pdbx_refine_id 
_refine_ls_restr.criterion 
_refine_ls_restr.dev_ideal 
_refine_ls_restr.dev_ideal_target 
_refine_ls_restr.number 
_refine_ls_restr.rejects 
_refine_ls_restr.type 
_refine_ls_restr.weight 
_refine_ls_restr.pdbx_restraint_function 
'X-RAY DIFFRACTION' ? 0.003 ? 941  ? f_bond_d           ? ? 
'X-RAY DIFFRACTION' ? 0.638 ? 1286 ? f_angle_d          ? ? 
'X-RAY DIFFRACTION' ? 8.952 ? 575  ? f_dihedral_angle_d ? ? 
'X-RAY DIFFRACTION' ? 0.034 ? 169  ? f_chiral_restr     ? ? 
'X-RAY DIFFRACTION' ? 0.005 ? 164  ? f_plane_restr      ? ? 
# 
loop_
_refine_ls_shell.pdbx_refine_id 
_refine_ls_shell.d_res_high 
_refine_ls_shell.d_res_low 
_refine_ls_shell.number_reflns_all 
_refine_ls_shell.number_reflns_obs 
_refine_ls_shell.number_reflns_R_free 
_refine_ls_shell.number_reflns_R_work 
_refine_ls_shell.percent_reflns_obs 
_refine_ls_shell.percent_reflns_R_free 
_refine_ls_shell.R_factor_all 
_refine_ls_shell.R_factor_obs 
_refine_ls_shell.R_factor_R_free 
_refine_ls_shell.R_factor_R_free_error 
_refine_ls_shell.R_factor_R_work 
_refine_ls_shell.redundancy_reflns_all 
_refine_ls_shell.redundancy_reflns_obs 
_refine_ls_shell.wR_factor_all 
_refine_ls_shell.wR_factor_obs 
_refine_ls_shell.wR_factor_R_free 
_refine_ls_shell.wR_factor_R_work 
_refine_ls_shell.pdbx_total_number_of_bins_used 
_refine_ls_shell.pdbx_phase_error 
_refine_ls_shell.pdbx_fsc_work 
_refine_ls_shell.pdbx_fsc_free 
'X-RAY DIFFRACTION' 3.2609 4.1080  . . 118 1105 100.00 . . . 0.3422 . 0.2996 . . . . . . . . . . 
'X-RAY DIFFRACTION' 4.1080 48.4478 . . 134 1125 100.00 . . . 0.2699 . 0.2443 . . . . . . . . . . 
# 
_struct.entry_id                     6DLC 
_struct.title                        'Designed protein DHD1:234_A, Designed protein DHD1:234_B' 
_struct.pdbx_model_details           ? 
_struct.pdbx_formula_weight          ? 
_struct.pdbx_formula_weight_method   ? 
_struct.pdbx_model_type_details      ? 
_struct.pdbx_CASP_flag               N 
# 
_struct_keywords.entry_id        6DLC 
_struct_keywords.text            'Computational Design, Heterodimer, Coiled-coil, DE NOVO PROTEIN' 
_struct_keywords.pdbx_keywords   'DE NOVO PROTEIN' 
# 
loop_
_struct_asym.id 
_struct_asym.pdbx_blank_PDB_chainid_flag 
_struct_asym.pdbx_modified 
_struct_asym.entity_id 
_struct_asym.details 
A N N 1 ? 
B N N 2 ? 
# 
loop_
_struct_ref.id 
_struct_ref.db_name 
_struct_ref.db_code 
_struct_ref.pdbx_db_accession 
_struct_ref.pdbx_db_isoform 
_struct_ref.entity_id 
_struct_ref.pdbx_seq_one_letter_code 
_struct_ref.pdbx_align_begin 
1 PDB 6DLC 6DLC ? 1 ? 1 
2 PDB 6DLC 6DLC ? 2 ? 1 
# 
loop_
_struct_ref_seq.align_id 
_struct_ref_seq.ref_id 
_struct_ref_seq.pdbx_PDB_id_code 
_struct_ref_seq.pdbx_strand_id 
_struct_ref_seq.seq_align_beg 
_struct_ref_seq.pdbx_seq_align_beg_ins_code 
_struct_ref_seq.seq_align_end 
_struct_ref_seq.pdbx_seq_align_end_ins_code 
_struct_ref_seq.pdbx_db_accession 
_struct_ref_seq.db_align_beg 
_struct_ref_seq.pdbx_db_align_beg_ins_code 
_struct_ref_seq.db_align_end 
_struct_ref_seq.pdbx_db_align_end_ins_code 
_struct_ref_seq.pdbx_auth_seq_align_beg 
_struct_ref_seq.pdbx_auth_seq_align_end 
1 1 6DLC A 1 ? 115 ? 6DLC 0   ? 114 ? 0   114 
2 2 6DLC B 1 ? 36  ? 6DLC 114 ? 149 ? 114 149 
# 
_pdbx_struct_assembly.id                   1 
_pdbx_struct_assembly.details              author_and_software_defined_assembly 
_pdbx_struct_assembly.method_details       PISA 
_pdbx_struct_assembly.oligomeric_details   tetrameric 
_pdbx_struct_assembly.oligomeric_count     4 
# 
loop_
_pdbx_struct_assembly_prop.biol_id 
_pdbx_struct_assembly_prop.type 
_pdbx_struct_assembly_prop.value 
_pdbx_struct_assembly_prop.details 
1 'ABSA (A^2)' 5670  ? 
1 MORE         -68   ? 
1 'SSA (A^2)'  15030 ? 
# 
_pdbx_struct_assembly_gen.assembly_id       1 
_pdbx_struct_assembly_gen.oper_expression   1,2 
_pdbx_struct_assembly_gen.asym_id_list      A,B 
# 
loop_
_pdbx_struct_assembly_auth_evidence.id 
_pdbx_struct_assembly_auth_evidence.assembly_id 
_pdbx_struct_assembly_auth_evidence.experimental_support 
_pdbx_struct_assembly_auth_evidence.details 
1 1 'mass spectrometry' 'Native mass spectrometry confirmed molecular weight of the heterodimer in solution' 
2 1 'gel filtration'    'Heterodimer was monodisperse and eluted at the expected volume'                     
# 
loop_
_pdbx_struct_oper_list.id 
_pdbx_struct_oper_list.type 
_pdbx_struct_oper_list.name 
_pdbx_struct_oper_list.symmetry_operation 
_pdbx_struct_oper_list.matrix[1][1] 
_pdbx_struct_oper_list.matrix[1][2] 
_pdbx_struct_oper_list.matrix[1][3] 
_pdbx_struct_oper_list.vector[1] 
_pdbx_struct_oper_list.matrix[2][1] 
_pdbx_struct_oper_list.matrix[2][2] 
_pdbx_struct_oper_list.matrix[2][3] 
_pdbx_struct_oper_list.vector[2] 
_pdbx_struct_oper_list.matrix[3][1] 
_pdbx_struct_oper_list.matrix[3][2] 
_pdbx_struct_oper_list.matrix[3][3] 
_pdbx_struct_oper_list.vector[3] 
1 'identity operation'         1_555 x,y,z     1.0000000000  0.0000000000  0.0000000000  0.0000000000   0.0000000000  1.0000000000  0.0000000000 0.0000000000   0.0000000000  0.0000000000 1.0000000000 0.0000000000   
2 'crystal symmetry operation' 4_655 -x+1,-y,z -0.4272725017 -0.0155038764 -0.9039899552 -21.3934318949 -0.0155038764 -0.9995803062 0.0244712339 -31.9873945204 -0.9039899552 0.0244712339 0.4268528079 -13.0053194178 
# 
loop_
_struct_conf.conf_type_id 
_struct_conf.id 
_struct_conf.pdbx_PDB_helix_id 
_struct_conf.beg_label_comp_id 
_struct_conf.beg_label_asym_id 
_struct_conf.beg_label_seq_id 
_struct_conf.pdbx_beg_PDB_ins_code 
_struct_conf.end_label_comp_id 
_struct_conf.end_label_asym_id 
_struct_conf.end_label_seq_id 
_struct_conf.pdbx_end_PDB_ins_code 
_struct_conf.beg_auth_comp_id 
_struct_conf.beg_auth_asym_id 
_struct_conf.beg_auth_seq_id 
_struct_conf.end_auth_comp_id 
_struct_conf.end_auth_asym_id 
_struct_conf.end_auth_seq_id 
_struct_conf.pdbx_PDB_helix_class 
_struct_conf.details 
_struct_conf.pdbx_PDB_helix_length 
HELX_P HELX_P1 AA1 LEU A 7  ? ASN A 38  ? LEU A 6   ASN A 37  1 ? 32 
HELX_P HELX_P2 AA2 ASP A 41 ? LYS A 74  ? ASP A 40  LYS A 73  1 ? 34 
HELX_P HELX_P3 AA3 ASP A 82 ? ARG A 115 ? ASP A 81  ARG A 114 1 ? 34 
HELX_P HELX_P4 AA4 ASP B 3  ? LYS B 34  ? ASP B 116 LYS B 147 1 ? 32 
# 
_struct_conf_type.id          HELX_P 
_struct_conf_type.criteria    ? 
_struct_conf_type.reference   ? 
# 
_pdbx_validate_close_contact.id               1 
_pdbx_validate_close_contact.PDB_model_num    1 
_pdbx_validate_close_contact.auth_atom_id_1   OD1 
_pdbx_validate_close_contact.auth_asym_id_1   A 
_pdbx_validate_close_contact.auth_comp_id_1   ASP 
_pdbx_validate_close_contact.auth_seq_id_1    66 
_pdbx_validate_close_contact.PDB_ins_code_1   ? 
_pdbx_validate_close_contact.label_alt_id_1   ? 
_pdbx_validate_close_contact.auth_atom_id_2   NH2 
_pdbx_validate_close_contact.auth_asym_id_2   A 
_pdbx_validate_close_contact.auth_comp_id_2   ARG 
_pdbx_validate_close_contact.auth_seq_id_2    69 
_pdbx_validate_close_contact.PDB_ins_code_2   ? 
_pdbx_validate_close_contact.label_alt_id_2   ? 
_pdbx_validate_close_contact.dist             2.18 
# 
loop_
_pdbx_unobs_or_zero_occ_residues.id 
_pdbx_unobs_or_zero_occ_residues.PDB_model_num 
_pdbx_unobs_or_zero_occ_residues.polymer_flag 
_pdbx_unobs_or_zero_occ_residues.occupancy_flag 
_pdbx_unobs_or_zero_occ_residues.auth_asym_id 
_pdbx_unobs_or_zero_occ_residues.auth_comp_id 
_pdbx_unobs_or_zero_occ_residues.auth_seq_id 
_pdbx_unobs_or_zero_occ_residues.PDB_ins_code 
_pdbx_unobs_or_zero_occ_residues.label_asym_id 
_pdbx_unobs_or_zero_occ_residues.label_comp_id 
_pdbx_unobs_or_zero_occ_residues.label_seq_id 
1  1 Y 1 A MET 0   ? A MET 1  
2  1 Y 1 A ASP 1   ? A ASP 2  
3  1 Y 1 A SER 2   ? A SER 3  
4  1 Y 1 A ASP 3   ? A ASP 4  
5  1 Y 1 A GLU 4   ? A GLU 5  
6  1 Y 1 A HIS 5   ? A HIS 6  
7  1 Y 1 A ILE 76  ? A ILE 77 
8  1 Y 1 A ASP 77  ? A ASP 78 
9  1 Y 1 A LYS 78  ? A LYS 79 
10 1 Y 1 A ARG 79  ? A ARG 80 
11 1 Y 1 B HIS 114 ? B HIS 1  
12 1 Y 1 B VAL 148 ? B VAL 35 
13 1 Y 1 B GLU 149 ? B GLU 36 
# 
loop_
_chem_comp_atom.comp_id 
_chem_comp_atom.atom_id 
_chem_comp_atom.type_symbol 
_chem_comp_atom.pdbx_aromatic_flag 
_chem_comp_atom.pdbx_stereo_config 
_chem_comp_atom.pdbx_ordinal 
ALA N    N N N 1   
ALA CA   C N S 2   
ALA C    C N N 3   
ALA O    O N N 4   
ALA CB   C N N 5   
ALA OXT  O N N 6   
ALA H    H N N 7   
ALA H2   H N N 8   
ALA HA   H N N 9   
ALA HB1  H N N 10  
ALA HB2  H N N 11  
ALA HB3  H N N 12  
ALA HXT  H N N 13  
ARG N    N N N 14  
ARG CA   C N S 15  
ARG C    C N N 16  
ARG O    O N N 17  
ARG CB   C N N 18  
ARG CG   C N N 19  
ARG CD   C N N 20  
ARG NE   N N N 21  
ARG CZ   C N N 22  
ARG NH1  N N N 23  
ARG NH2  N N N 24  
ARG OXT  O N N 25  
ARG H    H N N 26  
ARG H2   H N N 27  
ARG HA   H N N 28  
ARG HB2  H N N 29  
ARG HB3  H N N 30  
ARG HG2  H N N 31  
ARG HG3  H N N 32  
ARG HD2  H N N 33  
ARG HD3  H N N 34  
ARG HE   H N N 35  
ARG HH11 H N N 36  
ARG HH12 H N N 37  
ARG HH21 H N N 38  
ARG HH22 H N N 39  
ARG HXT  H N N 40  
ASN N    N N N 41  
ASN CA   C N S 42  
ASN C    C N N 43  
ASN O    O N N 44  
ASN CB   C N N 45  
ASN CG   C N N 46  
ASN OD1  O N N 47  
ASN ND2  N N N 48  
ASN OXT  O N N 49  
ASN H    H N N 50  
ASN H2   H N N 51  
ASN HA   H N N 52  
ASN HB2  H N N 53  
ASN HB3  H N N 54  
ASN HD21 H N N 55  
ASN HD22 H N N 56  
ASN HXT  H N N 57  
ASP N    N N N 58  
ASP CA   C N S 59  
ASP C    C N N 60  
ASP O    O N N 61  
ASP CB   C N N 62  
ASP CG   C N N 63  
ASP OD1  O N N 64  
ASP OD2  O N N 65  
ASP OXT  O N N 66  
ASP H    H N N 67  
ASP H2   H N N 68  
ASP HA   H N N 69  
ASP HB2  H N N 70  
ASP HB3  H N N 71  
ASP HD2  H N N 72  
ASP HXT  H N N 73  
GLN N    N N N 74  
GLN CA   C N S 75  
GLN C    C N N 76  
GLN O    O N N 77  
GLN CB   C N N 78  
GLN CG   C N N 79  
GLN CD   C N N 80  
GLN OE1  O N N 81  
GLN NE2  N N N 82  
GLN OXT  O N N 83  
GLN H    H N N 84  
GLN H2   H N N 85  
GLN HA   H N N 86  
GLN HB2  H N N 87  
GLN HB3  H N N 88  
GLN HG2  H N N 89  
GLN HG3  H N N 90  
GLN HE21 H N N 91  
GLN HE22 H N N 92  
GLN HXT  H N N 93  
GLU N    N N N 94  
GLU CA   C N S 95  
GLU C    C N N 96  
GLU O    O N N 97  
GLU CB   C N N 98  
GLU CG   C N N 99  
GLU CD   C N N 100 
GLU OE1  O N N 101 
GLU OE2  O N N 102 
GLU OXT  O N N 103 
GLU H    H N N 104 
GLU H2   H N N 105 
GLU HA   H N N 106 
GLU HB2  H N N 107 
GLU HB3  H N N 108 
GLU HG2  H N N 109 
GLU HG3  H N N 110 
GLU HE2  H N N 111 
GLU HXT  H N N 112 
GLY N    N N N 113 
GLY CA   C N N 114 
GLY C    C N N 115 
GLY O    O N N 116 
GLY OXT  O N N 117 
GLY H    H N N 118 
GLY H2   H N N 119 
GLY HA2  H N N 120 
GLY HA3  H N N 121 
GLY HXT  H N N 122 
HIS N    N N N 123 
HIS CA   C N S 124 
HIS C    C N N 125 
HIS O    O N N 126 
HIS CB   C N N 127 
HIS CG   C Y N 128 
HIS ND1  N Y N 129 
HIS CD2  C Y N 130 
HIS CE1  C Y N 131 
HIS NE2  N Y N 132 
HIS OXT  O N N 133 
HIS H    H N N 134 
HIS H2   H N N 135 
HIS HA   H N N 136 
HIS HB2  H N N 137 
HIS HB3  H N N 138 
HIS HD1  H N N 139 
HIS HD2  H N N 140 
HIS HE1  H N N 141 
HIS HE2  H N N 142 
HIS HXT  H N N 143 
ILE N    N N N 144 
ILE CA   C N S 145 
ILE C    C N N 146 
ILE O    O N N 147 
ILE CB   C N S 148 
ILE CG1  C N N 149 
ILE CG2  C N N 150 
ILE CD1  C N N 151 
ILE OXT  O N N 152 
ILE H    H N N 153 
ILE H2   H N N 154 
ILE HA   H N N 155 
ILE HB   H N N 156 
ILE HG12 H N N 157 
ILE HG13 H N N 158 
ILE HG21 H N N 159 
ILE HG22 H N N 160 
ILE HG23 H N N 161 
ILE HD11 H N N 162 
ILE HD12 H N N 163 
ILE HD13 H N N 164 
ILE HXT  H N N 165 
LEU N    N N N 166 
LEU CA   C N S 167 
LEU C    C N N 168 
LEU O    O N N 169 
LEU CB   C N N 170 
LEU CG   C N N 171 
LEU CD1  C N N 172 
LEU CD2  C N N 173 
LEU OXT  O N N 174 
LEU H    H N N 175 
LEU H2   H N N 176 
LEU HA   H N N 177 
LEU HB2  H N N 178 
LEU HB3  H N N 179 
LEU HG   H N N 180 
LEU HD11 H N N 181 
LEU HD12 H N N 182 
LEU HD13 H N N 183 
LEU HD21 H N N 184 
LEU HD22 H N N 185 
LEU HD23 H N N 186 
LEU HXT  H N N 187 
LYS N    N N N 188 
LYS CA   C N S 189 
LYS C    C N N 190 
LYS O    O N N 191 
LYS CB   C N N 192 
LYS CG   C N N 193 
LYS CD   C N N 194 
LYS CE   C N N 195 
LYS NZ   N N N 196 
LYS OXT  O N N 197 
LYS H    H N N 198 
LYS H2   H N N 199 
LYS HA   H N N 200 
LYS HB2  H N N 201 
LYS HB3  H N N 202 
LYS HG2  H N N 203 
LYS HG3  H N N 204 
LYS HD2  H N N 205 
LYS HD3  H N N 206 
LYS HE2  H N N 207 
LYS HE3  H N N 208 
LYS HZ1  H N N 209 
LYS HZ2  H N N 210 
LYS HZ3  H N N 211 
LYS HXT  H N N 212 
MET N    N N N 213 
MET CA   C N S 214 
MET C    C N N 215 
MET O    O N N 216 
MET CB   C N N 217 
MET CG   C N N 218 
MET SD   S N N 219 
MET CE   C N N 220 
MET OXT  O N N 221 
MET H    H N N 222 
MET H2   H N N 223 
MET HA   H N N 224 
MET HB2  H N N 225 
MET HB3  H N N 226 
MET HG2  H N N 227 
MET HG3  H N N 228 
MET HE1  H N N 229 
MET HE2  H N N 230 
MET HE3  H N N 231 
MET HXT  H N N 232 
PHE N    N N N 233 
PHE CA   C N S 234 
PHE C    C N N 235 
PHE O    O N N 236 
PHE CB   C N N 237 
PHE CG   C Y N 238 
PHE CD1  C Y N 239 
PHE CD2  C Y N 240 
PHE CE1  C Y N 241 
PHE CE2  C Y N 242 
PHE CZ   C Y N 243 
PHE OXT  O N N 244 
PHE H    H N N 245 
PHE H2   H N N 246 
PHE HA   H N N 247 
PHE HB2  H N N 248 
PHE HB3  H N N 249 
PHE HD1  H N N 250 
PHE HD2  H N N 251 
PHE HE1  H N N 252 
PHE HE2  H N N 253 
PHE HZ   H N N 254 
PHE HXT  H N N 255 
PRO N    N N N 256 
PRO CA   C N S 257 
PRO C    C N N 258 
PRO O    O N N 259 
PRO CB   C N N 260 
PRO CG   C N N 261 
PRO CD   C N N 262 
PRO OXT  O N N 263 
PRO H    H N N 264 
PRO HA   H N N 265 
PRO HB2  H N N 266 
PRO HB3  H N N 267 
PRO HG2  H N N 268 
PRO HG3  H N N 269 
PRO HD2  H N N 270 
PRO HD3  H N N 271 
PRO HXT  H N N 272 
SER N    N N N 273 
SER CA   C N S 274 
SER C    C N N 275 
SER O    O N N 276 
SER CB   C N N 277 
SER OG   O N N 278 
SER OXT  O N N 279 
SER H    H N N 280 
SER H2   H N N 281 
SER HA   H N N 282 
SER HB2  H N N 283 
SER HB3  H N N 284 
SER HG   H N N 285 
SER HXT  H N N 286 
THR N    N N N 287 
THR CA   C N S 288 
THR C    C N N 289 
THR O    O N N 290 
THR CB   C N R 291 
THR OG1  O N N 292 
THR CG2  C N N 293 
THR OXT  O N N 294 
THR H    H N N 295 
THR H2   H N N 296 
THR HA   H N N 297 
THR HB   H N N 298 
THR HG1  H N N 299 
THR HG21 H N N 300 
THR HG22 H N N 301 
THR HG23 H N N 302 
THR HXT  H N N 303 
TYR N    N N N 304 
TYR CA   C N S 305 
TYR C    C N N 306 
TYR O    O N N 307 
TYR CB   C N N 308 
TYR CG   C Y N 309 
TYR CD1  C Y N 310 
TYR CD2  C Y N 311 
TYR CE1  C Y N 312 
TYR CE2  C Y N 313 
TYR CZ   C Y N 314 
TYR OH   O N N 315 
TYR OXT  O N N 316 
TYR H    H N N 317 
TYR H2   H N N 318 
TYR HA   H N N 319 
TYR HB2  H N N 320 
TYR HB3  H N N 321 
TYR HD1  H N N 322 
TYR HD2  H N N 323 
TYR HE1  H N N 324 
TYR HE2  H N N 325 
TYR HH   H N N 326 
TYR HXT  H N N 327 
VAL N    N N N 328 
VAL CA   C N S 329 
VAL C    C N N 330 
VAL O    O N N 331 
VAL CB   C N N 332 
VAL CG1  C N N 333 
VAL CG2  C N N 334 
VAL OXT  O N N 335 
VAL H    H N N 336 
VAL H2   H N N 337 
VAL HA   H N N 338 
VAL HB   H N N 339 
VAL HG11 H N N 340 
VAL HG12 H N N 341 
VAL HG13 H N N 342 
VAL HG21 H N N 343 
VAL HG22 H N N 344 
VAL HG23 H N N 345 
VAL HXT  H N N 346 
# 
loop_
_chem_comp_bond.comp_id 
_chem_comp_bond.atom_id_1 
_chem_comp_bond.atom_id_2 
_chem_comp_bond.value_order 
_chem_comp_bond.pdbx_aromatic_flag 
_chem_comp_bond.pdbx_stereo_config 
_chem_comp_bond.pdbx_ordinal 
ALA N   CA   sing N N 1   
ALA N   H    sing N N 2   
ALA N   H2   sing N N 3   
ALA CA  C    sing N N 4   
ALA CA  CB   sing N N 5   
ALA CA  HA   sing N N 6   
ALA C   O    doub N N 7   
ALA C   OXT  sing N N 8   
ALA CB  HB1  sing N N 9   
ALA CB  HB2  sing N N 10  
ALA CB  HB3  sing N N 11  
ALA OXT HXT  sing N N 12  
ARG N   CA   sing N N 13  
ARG N   H    sing N N 14  
ARG N   H2   sing N N 15  
ARG CA  C    sing N N 16  
ARG CA  CB   sing N N 17  
ARG CA  HA   sing N N 18  
ARG C   O    doub N N 19  
ARG C   OXT  sing N N 20  
ARG CB  CG   sing N N 21  
ARG CB  HB2  sing N N 22  
ARG CB  HB3  sing N N 23  
ARG CG  CD   sing N N 24  
ARG CG  HG2  sing N N 25  
ARG CG  HG3  sing N N 26  
ARG CD  NE   sing N N 27  
ARG CD  HD2  sing N N 28  
ARG CD  HD3  sing N N 29  
ARG NE  CZ   sing N N 30  
ARG NE  HE   sing N N 31  
ARG CZ  NH1  sing N N 32  
ARG CZ  NH2  doub N N 33  
ARG NH1 HH11 sing N N 34  
ARG NH1 HH12 sing N N 35  
ARG NH2 HH21 sing N N 36  
ARG NH2 HH22 sing N N 37  
ARG OXT HXT  sing N N 38  
ASN N   CA   sing N N 39  
ASN N   H    sing N N 40  
ASN N   H2   sing N N 41  
ASN CA  C    sing N N 42  
ASN CA  CB   sing N N 43  
ASN CA  HA   sing N N 44  
ASN C   O    doub N N 45  
ASN C   OXT  sing N N 46  
ASN CB  CG   sing N N 47  
ASN CB  HB2  sing N N 48  
ASN CB  HB3  sing N N 49  
ASN CG  OD1  doub N N 50  
ASN CG  ND2  sing N N 51  
ASN ND2 HD21 sing N N 52  
ASN ND2 HD22 sing N N 53  
ASN OXT HXT  sing N N 54  
ASP N   CA   sing N N 55  
ASP N   H    sing N N 56  
ASP N   H2   sing N N 57  
ASP CA  C    sing N N 58  
ASP CA  CB   sing N N 59  
ASP CA  HA   sing N N 60  
ASP C   O    doub N N 61  
ASP C   OXT  sing N N 62  
ASP CB  CG   sing N N 63  
ASP CB  HB2  sing N N 64  
ASP CB  HB3  sing N N 65  
ASP CG  OD1  doub N N 66  
ASP CG  OD2  sing N N 67  
ASP OD2 HD2  sing N N 68  
ASP OXT HXT  sing N N 69  
GLN N   CA   sing N N 70  
GLN N   H    sing N N 71  
GLN N   H2   sing N N 72  
GLN CA  C    sing N N 73  
GLN CA  CB   sing N N 74  
GLN CA  HA   sing N N 75  
GLN C   O    doub N N 76  
GLN C   OXT  sing N N 77  
GLN CB  CG   sing N N 78  
GLN CB  HB2  sing N N 79  
GLN CB  HB3  sing N N 80  
GLN CG  CD   sing N N 81  
GLN CG  HG2  sing N N 82  
GLN CG  HG3  sing N N 83  
GLN CD  OE1  doub N N 84  
GLN CD  NE2  sing N N 85  
GLN NE2 HE21 sing N N 86  
GLN NE2 HE22 sing N N 87  
GLN OXT HXT  sing N N 88  
GLU N   CA   sing N N 89  
GLU N   H    sing N N 90  
GLU N   H2   sing N N 91  
GLU CA  C    sing N N 92  
GLU CA  CB   sing N N 93  
GLU CA  HA   sing N N 94  
GLU C   O    doub N N 95  
GLU C   OXT  sing N N 96  
GLU CB  CG   sing N N 97  
GLU CB  HB2  sing N N 98  
GLU CB  HB3  sing N N 99  
GLU CG  CD   sing N N 100 
GLU CG  HG2  sing N N 101 
GLU CG  HG3  sing N N 102 
GLU CD  OE1  doub N N 103 
GLU CD  OE2  sing N N 104 
GLU OE2 HE2  sing N N 105 
GLU OXT HXT  sing N N 106 
GLY N   CA   sing N N 107 
GLY N   H    sing N N 108 
GLY N   H2   sing N N 109 
GLY CA  C    sing N N 110 
GLY CA  HA2  sing N N 111 
GLY CA  HA3  sing N N 112 
GLY C   O    doub N N 113 
GLY C   OXT  sing N N 114 
GLY OXT HXT  sing N N 115 
HIS N   CA   sing N N 116 
HIS N   H    sing N N 117 
HIS N   H2   sing N N 118 
HIS CA  C    sing N N 119 
HIS CA  CB   sing N N 120 
HIS CA  HA   sing N N 121 
HIS C   O    doub N N 122 
HIS C   OXT  sing N N 123 
HIS CB  CG   sing N N 124 
HIS CB  HB2  sing N N 125 
HIS CB  HB3  sing N N 126 
HIS CG  ND1  sing Y N 127 
HIS CG  CD2  doub Y N 128 
HIS ND1 CE1  doub Y N 129 
HIS ND1 HD1  sing N N 130 
HIS CD2 NE2  sing Y N 131 
HIS CD2 HD2  sing N N 132 
HIS CE1 NE2  sing Y N 133 
HIS CE1 HE1  sing N N 134 
HIS NE2 HE2  sing N N 135 
HIS OXT HXT  sing N N 136 
ILE N   CA   sing N N 137 
ILE N   H    sing N N 138 
ILE N   H2   sing N N 139 
ILE CA  C    sing N N 140 
ILE CA  CB   sing N N 141 
ILE CA  HA   sing N N 142 
ILE C   O    doub N N 143 
ILE C   OXT  sing N N 144 
ILE CB  CG1  sing N N 145 
ILE CB  CG2  sing N N 146 
ILE CB  HB   sing N N 147 
ILE CG1 CD1  sing N N 148 
ILE CG1 HG12 sing N N 149 
ILE CG1 HG13 sing N N 150 
ILE CG2 HG21 sing N N 151 
ILE CG2 HG22 sing N N 152 
ILE CG2 HG23 sing N N 153 
ILE CD1 HD11 sing N N 154 
ILE CD1 HD12 sing N N 155 
ILE CD1 HD13 sing N N 156 
ILE OXT HXT  sing N N 157 
LEU N   CA   sing N N 158 
LEU N   H    sing N N 159 
LEU N   H2   sing N N 160 
LEU CA  C    sing N N 161 
LEU CA  CB   sing N N 162 
LEU CA  HA   sing N N 163 
LEU C   O    doub N N 164 
LEU C   OXT  sing N N 165 
LEU CB  CG   sing N N 166 
LEU CB  HB2  sing N N 167 
LEU CB  HB3  sing N N 168 
LEU CG  CD1  sing N N 169 
LEU CG  CD2  sing N N 170 
LEU CG  HG   sing N N 171 
LEU CD1 HD11 sing N N 172 
LEU CD1 HD12 sing N N 173 
LEU CD1 HD13 sing N N 174 
LEU CD2 HD21 sing N N 175 
LEU CD2 HD22 sing N N 176 
LEU CD2 HD23 sing N N 177 
LEU OXT HXT  sing N N 178 
LYS N   CA   sing N N 179 
LYS N   H    sing N N 180 
LYS N   H2   sing N N 181 
LYS CA  C    sing N N 182 
LYS CA  CB   sing N N 183 
LYS CA  HA   sing N N 184 
LYS C   O    doub N N 185 
LYS C   OXT  sing N N 186 
LYS CB  CG   sing N N 187 
LYS CB  HB2  sing N N 188 
LYS CB  HB3  sing N N 189 
LYS CG  CD   sing N N 190 
LYS CG  HG2  sing N N 191 
LYS CG  HG3  sing N N 192 
LYS CD  CE   sing N N 193 
LYS CD  HD2  sing N N 194 
LYS CD  HD3  sing N N 195 
LYS CE  NZ   sing N N 196 
LYS CE  HE2  sing N N 197 
LYS CE  HE3  sing N N 198 
LYS NZ  HZ1  sing N N 199 
LYS NZ  HZ2  sing N N 200 
LYS NZ  HZ3  sing N N 201 
LYS OXT HXT  sing N N 202 
MET N   CA   sing N N 203 
MET N   H    sing N N 204 
MET N   H2   sing N N 205 
MET CA  C    sing N N 206 
MET CA  CB   sing N N 207 
MET CA  HA   sing N N 208 
MET C   O    doub N N 209 
MET C   OXT  sing N N 210 
MET CB  CG   sing N N 211 
MET CB  HB2  sing N N 212 
MET CB  HB3  sing N N 213 
MET CG  SD   sing N N 214 
MET CG  HG2  sing N N 215 
MET CG  HG3  sing N N 216 
MET SD  CE   sing N N 217 
MET CE  HE1  sing N N 218 
MET CE  HE2  sing N N 219 
MET CE  HE3  sing N N 220 
MET OXT HXT  sing N N 221 
PHE N   CA   sing N N 222 
PHE N   H    sing N N 223 
PHE N   H2   sing N N 224 
PHE CA  C    sing N N 225 
PHE CA  CB   sing N N 226 
PHE CA  HA   sing N N 227 
PHE C   O    doub N N 228 
PHE C   OXT  sing N N 229 
PHE CB  CG   sing N N 230 
PHE CB  HB2  sing N N 231 
PHE CB  HB3  sing N N 232 
PHE CG  CD1  doub Y N 233 
PHE CG  CD2  sing Y N 234 
PHE CD1 CE1  sing Y N 235 
PHE CD1 HD1  sing N N 236 
PHE CD2 CE2  doub Y N 237 
PHE CD2 HD2  sing N N 238 
PHE CE1 CZ   doub Y N 239 
PHE CE1 HE1  sing N N 240 
PHE CE2 CZ   sing Y N 241 
PHE CE2 HE2  sing N N 242 
PHE CZ  HZ   sing N N 243 
PHE OXT HXT  sing N N 244 
PRO N   CA   sing N N 245 
PRO N   CD   sing N N 246 
PRO N   H    sing N N 247 
PRO CA  C    sing N N 248 
PRO CA  CB   sing N N 249 
PRO CA  HA   sing N N 250 
PRO C   O    doub N N 251 
PRO C   OXT  sing N N 252 
PRO CB  CG   sing N N 253 
PRO CB  HB2  sing N N 254 
PRO CB  HB3  sing N N 255 
PRO CG  CD   sing N N 256 
PRO CG  HG2  sing N N 257 
PRO CG  HG3  sing N N 258 
PRO CD  HD2  sing N N 259 
PRO CD  HD3  sing N N 260 
PRO OXT HXT  sing N N 261 
SER N   CA   sing N N 262 
SER N   H    sing N N 263 
SER N   H2   sing N N 264 
SER CA  C    sing N N 265 
SER CA  CB   sing N N 266 
SER CA  HA   sing N N 267 
SER C   O    doub N N 268 
SER C   OXT  sing N N 269 
SER CB  OG   sing N N 270 
SER CB  HB2  sing N N 271 
SER CB  HB3  sing N N 272 
SER OG  HG   sing N N 273 
SER OXT HXT  sing N N 274 
THR N   CA   sing N N 275 
THR N   H    sing N N 276 
THR N   H2   sing N N 277 
THR CA  C    sing N N 278 
THR CA  CB   sing N N 279 
THR CA  HA   sing N N 280 
THR C   O    doub N N 281 
THR C   OXT  sing N N 282 
THR CB  OG1  sing N N 283 
THR CB  CG2  sing N N 284 
THR CB  HB   sing N N 285 
THR OG1 HG1  sing N N 286 
THR CG2 HG21 sing N N 287 
THR CG2 HG22 sing N N 288 
THR CG2 HG23 sing N N 289 
THR OXT HXT  sing N N 290 
TYR N   CA   sing N N 291 
TYR N   H    sing N N 292 
TYR N   H2   sing N N 293 
TYR CA  C    sing N N 294 
TYR CA  CB   sing N N 295 
TYR CA  HA   sing N N 296 
TYR C   O    doub N N 297 
TYR C   OXT  sing N N 298 
TYR CB  CG   sing N N 299 
TYR CB  HB2  sing N N 300 
TYR CB  HB3  sing N N 301 
TYR CG  CD1  doub Y N 302 
TYR CG  CD2  sing Y N 303 
TYR CD1 CE1  sing Y N 304 
TYR CD1 HD1  sing N N 305 
TYR CD2 CE2  doub Y N 306 
TYR CD2 HD2  sing N N 307 
TYR CE1 CZ   doub Y N 308 
TYR CE1 HE1  sing N N 309 
TYR CE2 CZ   sing Y N 310 
TYR CE2 HE2  sing N N 311 
TYR CZ  OH   sing N N 312 
TYR OH  HH   sing N N 313 
TYR OXT HXT  sing N N 314 
VAL N   CA   sing N N 315 
VAL N   H    sing N N 316 
VAL N   H2   sing N N 317 
VAL CA  C    sing N N 318 
VAL CA  CB   sing N N 319 
VAL CA  HA   sing N N 320 
VAL C   O    doub N N 321 
VAL C   OXT  sing N N 322 
VAL CB  CG1  sing N N 323 
VAL CB  CG2  sing N N 324 
VAL CB  HB   sing N N 325 
VAL CG1 HG11 sing N N 326 
VAL CG1 HG12 sing N N 327 
VAL CG1 HG13 sing N N 328 
VAL CG2 HG21 sing N N 329 
VAL CG2 HG22 sing N N 330 
VAL CG2 HG23 sing N N 331 
VAL OXT HXT  sing N N 332 
# 
_pdbx_audit_support.funding_organization   'Howard Hughes Medical Institute (HHMI)' 
_pdbx_audit_support.country                'United States' 
_pdbx_audit_support.grant_number           ? 
_pdbx_audit_support.ordinal                1 
# 
_pdbx_initial_refinement_model.accession_code   ? 
_pdbx_initial_refinement_model.id               1 
_pdbx_initial_refinement_model.entity_id_list   ? 
_pdbx_initial_refinement_model.type             'in silico model' 
_pdbx_initial_refinement_model.source_name      Other 
_pdbx_initial_refinement_model.details          'Computational Design Model' 
# 
_atom_sites.entry_id                    6DLC 
_atom_sites.fract_transf_matrix[1][1]   0.00376386 
_atom_sites.fract_transf_matrix[1][2]   0.01109376 
_atom_sites.fract_transf_matrix[1][3]   0.00219435 
_atom_sites.fract_transf_matrix[2][1]   0.00996885 
_atom_sites.fract_transf_matrix[2][2]   0.00177630 
_atom_sites.fract_transf_matrix[2][3]   0.00628535 
_atom_sites.fract_transf_matrix[3][1]   0.01921758 
_atom_sites.fract_transf_matrix[3][2]   -0.00052022 
_atom_sites.fract_transf_matrix[3][3]   -0.03033292 
_atom_sites.fract_transf_vector[1]      0.731984 
_atom_sites.fract_transf_vector[2]      0.175915 
_atom_sites.fract_transf_vector[3]      -0.019024 
# 
loop_
_atom_type.symbol 
C 
H 
N 
O 
# 
loop_
_atom_site.group_PDB 
_atom_site.id 
_atom_site.type_symbol 
_atom_site.label_atom_id 
_atom_site.label_alt_id 
_atom_site.label_comp_id 
_atom_site.label_asym_id 
_atom_site.label_entity_id 
_atom_site.label_seq_id 
_atom_site.pdbx_PDB_ins_code 
_atom_site.Cartn_x 
_atom_site.Cartn_y 
_atom_site.Cartn_z 
_atom_site.occupancy 
_atom_site.B_iso_or_equiv 
_atom_site.pdbx_formal_charge 
_atom_site.auth_seq_id 
_atom_site.auth_comp_id 
_atom_site.auth_asym_id 
_atom_site.auth_atom_id 
_atom_site.pdbx_PDB_model_num 
ATOM 1    N N    . LEU A 1 7   ? -7.247  19.135  9.881   1.00 143.93 ? 6   LEU A N    1 
ATOM 2    C CA   . LEU A 1 7   ? -6.597  18.238  10.828  1.00 132.82 ? 6   LEU A CA   1 
ATOM 3    C C    . LEU A 1 7   ? -7.301  16.886  10.882  1.00 124.84 ? 6   LEU A C    1 
ATOM 4    O O    . LEU A 1 7   ? -6.666  15.844  10.723  1.00 127.95 ? 6   LEU A O    1 
ATOM 5    C CB   . LEU A 1 7   ? -6.564  18.864  12.224  1.00 147.16 ? 6   LEU A CB   1 
ATOM 6    H HA   . LEU A 1 7   ? -5.682  18.089  10.540  1.00 159.88 ? 6   LEU A HA   1 
ATOM 7    N N    . TYR A 1 8   ? -8.619  16.907  11.106  1.00 125.50 ? 7   TYR A N    1 
ATOM 8    C CA   . TYR A 1 8   ? -9.371  15.661  11.194  1.00 120.56 ? 7   TYR A CA   1 
ATOM 9    C C    . TYR A 1 8   ? -9.149  14.813  9.948   1.00 122.62 ? 7   TYR A C    1 
ATOM 10   O O    . TYR A 1 8   ? -9.046  13.583  10.030  1.00 130.84 ? 7   TYR A O    1 
ATOM 11   C CB   . TYR A 1 8   ? -10.859 15.946  11.361  1.00 134.80 ? 7   TYR A CB   1 
ATOM 12   C CG   . TYR A 1 8   ? -11.660 14.744  11.809  1.00 131.98 ? 7   TYR A CG   1 
ATOM 13   C CD1  . TYR A 1 8   ? -11.833 14.474  13.160  1.00 147.80 ? 7   TYR A CD1  1 
ATOM 14   C CD2  . TYR A 1 8   ? -12.195 13.853  10.889  1.00 125.95 ? 7   TYR A CD2  1 
ATOM 15   C CE1  . TYR A 1 8   ? -12.557 13.377  13.583  1.00 163.48 ? 7   TYR A CE1  1 
ATOM 16   C CE2  . TYR A 1 8   ? -12.914 12.745  11.303  1.00 150.85 ? 7   TYR A CE2  1 
ATOM 17   C CZ   . TYR A 1 8   ? -13.089 12.511  12.652  1.00 169.71 ? 7   TYR A CZ   1 
ATOM 18   O OH   . TYR A 1 8   ? -13.802 11.411  13.073  1.00 151.61 ? 7   TYR A OH   1 
ATOM 19   H H    . TYR A 1 8   ? -9.092  17.618  11.209  1.00 151.10 ? 7   TYR A H    1 
ATOM 20   H HA   . TYR A 1 8   ? -9.069  15.171  11.974  1.00 145.17 ? 7   TYR A HA   1 
ATOM 21   H HB2  . TYR A 1 8   ? -10.971 16.642  12.027  1.00 162.26 ? 7   TYR A HB2  1 
ATOM 22   H HB3  . TYR A 1 8   ? -11.218 16.241  10.509  1.00 162.26 ? 7   TYR A HB3  1 
ATOM 23   H HD1  . TYR A 1 8   ? -11.456 15.043  13.791  1.00 177.86 ? 7   TYR A HD1  1 
ATOM 24   H HD2  . TYR A 1 8   ? -12.070 14.003  9.980   1.00 151.64 ? 7   TYR A HD2  1 
ATOM 25   H HE1  . TYR A 1 8   ? -12.684 13.223  14.491  1.00 196.67 ? 7   TYR A HE1  1 
ATOM 26   H HE2  . TYR A 1 8   ? -13.277 12.161  10.676  1.00 181.52 ? 7   TYR A HE2  1 
ATOM 27   H HH   . TYR A 1 8   ? -13.966 10.907  12.421  1.00 182.43 ? 7   TYR A HH   1 
ATOM 28   N N    . LYS A 1 9   ? -9.068  15.459  8.780   1.00 123.37 ? 8   LYS A N    1 
ATOM 29   C CA   . LYS A 1 9   ? -8.894  14.727  7.532   1.00 121.23 ? 8   LYS A CA   1 
ATOM 30   C C    . LYS A 1 9   ? -7.507  14.102  7.441   1.00 117.60 ? 8   LYS A C    1 
ATOM 31   O O    . LYS A 1 9   ? -7.363  12.970  6.967   1.00 109.65 ? 8   LYS A O    1 
ATOM 32   C CB   . LYS A 1 9   ? -9.142  15.657  6.343   1.00 111.58 ? 8   LYS A CB   1 
ATOM 33   H H    . LYS A 1 9   ? -9.111  16.313  8.686   1.00 148.55 ? 8   LYS A H    1 
ATOM 34   H HA   . LYS A 1 9   ? -9.546  14.010  7.496   1.00 145.98 ? 8   LYS A HA   1 
ATOM 35   N N    . LEU A 1 10  ? -6.474  14.822  7.883   1.00 120.45 ? 9   LEU A N    1 
ATOM 36   C CA   . LEU A 1 10  ? -5.129  14.255  7.892   1.00 123.06 ? 9   LEU A CA   1 
ATOM 37   C C    . LEU A 1 10  ? -5.067  13.019  8.784   1.00 119.40 ? 9   LEU A C    1 
ATOM 38   O O    . LEU A 1 10  ? -4.522  11.981  8.390   1.00 118.97 ? 9   LEU A O    1 
ATOM 39   C CB   . LEU A 1 10  ? -4.120  15.306  8.354   1.00 115.84 ? 9   LEU A CB   1 
ATOM 40   C CG   . LEU A 1 10  ? -3.675  16.303  7.283   1.00 105.83 ? 9   LEU A CG   1 
ATOM 41   H H    . LEU A 1 10  ? -6.523  15.629  8.179   1.00 145.04 ? 9   LEU A H    1 
ATOM 42   H HA   . LEU A 1 10  ? -4.893  13.989  6.990   1.00 148.17 ? 9   LEU A HA   1 
ATOM 43   H HB2  . LEU A 1 10  ? -4.520  15.816  9.075   1.00 139.51 ? 9   LEU A HB2  1 
ATOM 44   H HB3  . LEU A 1 10  ? -3.327  14.849  8.671   1.00 139.51 ? 9   LEU A HB3  1 
ATOM 45   N N    . LYS A 1 11  ? -5.627  13.114  9.995   1.00 121.11 ? 10  LYS A N    1 
ATOM 46   C CA   . LYS A 1 11  ? -5.635  11.974  10.903  1.00 125.28 ? 10  LYS A CA   1 
ATOM 47   C C    . LYS A 1 11  ? -6.438  10.812  10.328  1.00 117.88 ? 10  LYS A C    1 
ATOM 48   O O    . LYS A 1 11  ? -6.011  9.656   10.410  1.00 107.47 ? 10  LYS A O    1 
ATOM 49   C CB   . LYS A 1 11  ? -6.202  12.393  12.261  1.00 129.30 ? 10  LYS A CB   1 
ATOM 50   H H    . LYS A 1 11  ? -6.004  13.820  10.310  1.00 145.84 ? 10  LYS A H    1 
ATOM 51   H HA   . LYS A 1 11  ? -4.723  11.672  11.034  1.00 150.84 ? 10  LYS A HA   1 
ATOM 52   N N    . THR A 1 12  ? -7.602  11.100  9.741   1.00 105.06 ? 11  THR A N    1 
ATOM 53   C CA   . THR A 1 12  ? -8.429  10.040  9.171   1.00 111.70 ? 11  THR A CA   1 
ATOM 54   C C    . THR A 1 12  ? -7.714  9.337   8.023   1.00 104.07 ? 11  THR A C    1 
ATOM 55   O O    . THR A 1 12  ? -7.720  8.103   7.942   1.00 97.38  ? 11  THR A O    1 
ATOM 56   C CB   . THR A 1 12  ? -9.763  10.621  8.698   1.00 109.15 ? 11  THR A CB   1 
ATOM 57   O OG1  . THR A 1 12  ? -10.468 11.176  9.816   1.00 125.63 ? 11  THR A OG1  1 
ATOM 58   C CG2  . THR A 1 12  ? -10.622 9.552   8.040   1.00 110.20 ? 11  THR A CG2  1 
ATOM 59   H H    . THR A 1 12  ? -7.933  11.889  9.659   1.00 126.58 ? 11  THR A H    1 
ATOM 60   H HA   . THR A 1 12  ? -8.612  9.381   9.857   1.00 134.54 ? 11  THR A HA   1 
ATOM 61   H HB   . THR A 1 12  ? -9.595  11.315  8.041   1.00 131.48 ? 11  THR A HB   1 
ATOM 62   H HG1  . THR A 1 12  ? -9.971  11.712  10.230  1.00 151.26 ? 11  THR A HG1  1 
ATOM 63   H HG21 . THR A 1 12  ? -11.535 9.867   7.950   1.00 132.74 ? 11  THR A HG21 1 
ATOM 64   H HG22 . THR A 1 12  ? -10.274 9.343   7.158   1.00 132.74 ? 11  THR A HG22 1 
ATOM 65   H HG23 . THR A 1 12  ? -10.620 8.745   8.578   1.00 132.74 ? 11  THR A HG23 1 
ATOM 66   N N    . PHE A 1 13  ? -7.089  10.105  7.125   1.00 108.11 ? 12  PHE A N    1 
ATOM 67   C CA   . PHE A 1 13  ? -6.352  9.496   6.028   1.00 102.45 ? 12  PHE A CA   1 
ATOM 68   C C    . PHE A 1 13  ? -5.164  8.686   6.528   1.00 94.91  ? 12  PHE A C    1 
ATOM 69   O O    . PHE A 1 13  ? -4.900  7.588   6.025   1.00 97.79  ? 12  PHE A O    1 
ATOM 70   C CB   . PHE A 1 13  ? -5.849  10.557  5.056   1.00 106.86 ? 12  PHE A CB   1 
ATOM 71   C CG   . PHE A 1 13  ? -4.898  10.014  4.029   1.00 105.91 ? 12  PHE A CG   1 
ATOM 72   C CD1  . PHE A 1 13  ? -5.362  9.364   2.899   1.00 103.91 ? 12  PHE A CD1  1 
ATOM 73   C CD2  . PHE A 1 13  ? -3.530  10.105  4.229   1.00 89.72  ? 12  PHE A CD2  1 
ATOM 74   C CE1  . PHE A 1 13  ? -4.475  8.850   1.967   1.00 97.51  ? 12  PHE A CE1  1 
ATOM 75   C CE2  . PHE A 1 13  ? -2.644  9.589   3.306   1.00 85.39  ? 12  PHE A CE2  1 
ATOM 76   C CZ   . PHE A 1 13  ? -3.115  8.962   2.176   1.00 87.22  ? 12  PHE A CZ   1 
ATOM 77   H H    . PHE A 1 13  ? -7.077  10.965  7.133   1.00 130.24 ? 12  PHE A H    1 
ATOM 78   H HA   . PHE A 1 13  ? -6.965  8.908   5.560   1.00 123.44 ? 12  PHE A HA   1 
ATOM 79   H HB2  . PHE A 1 13  ? -6.608  10.940  4.589   1.00 128.73 ? 12  PHE A HB2  1 
ATOM 80   H HB3  . PHE A 1 13  ? -5.385  11.248  5.557   1.00 128.73 ? 12  PHE A HB3  1 
ATOM 81   H HD1  . PHE A 1 13  ? -6.277  9.271   2.763   1.00 125.19 ? 12  PHE A HD1  1 
ATOM 82   H HD2  . PHE A 1 13  ? -3.204  10.520  4.994   1.00 108.16 ? 12  PHE A HD2  1 
ATOM 83   H HE1  . PHE A 1 13  ? -4.796  8.430   1.202   1.00 117.51 ? 12  PHE A HE1  1 
ATOM 84   H HE2  . PHE A 1 13  ? -1.728  9.664   3.448   1.00 102.97 ? 12  PHE A HE2  1 
ATOM 85   H HZ   . PHE A 1 13  ? -2.519  8.615   1.552   1.00 105.17 ? 12  PHE A HZ   1 
ATOM 86   N N    . LEU A 1 14  ? -4.402  9.227   7.476   1.00 80.93  ? 13  LEU A N    1 
ATOM 87   C CA   . LEU A 1 14  ? -3.260  8.484   7.988   1.00 88.97  ? 13  LEU A CA   1 
ATOM 88   C C    . LEU A 1 14  ? -3.718  7.198   8.663   1.00 97.60  ? 13  LEU A C    1 
ATOM 89   O O    . LEU A 1 14  ? -3.084  6.144   8.517   1.00 98.19  ? 13  LEU A O    1 
ATOM 90   C CB   . LEU A 1 14  ? -2.459  9.351   8.954   1.00 92.23  ? 13  LEU A CB   1 
ATOM 91   C CG   . LEU A 1 14  ? -1.155  8.722   9.449   1.00 94.66  ? 13  LEU A CG   1 
ATOM 92   H H    . LEU A 1 14  ? -4.521  10.002  7.830   1.00 97.62  ? 13  LEU A H    1 
ATOM 93   H HA   . LEU A 1 14  ? -2.673  8.248   7.252   1.00 107.27 ? 13  LEU A HA   1 
ATOM 94   H HB2  . LEU A 1 14  ? -2.230  10.180  8.506   1.00 111.17 ? 13  LEU A HB2  1 
ATOM 95   H HB3  . LEU A 1 14  ? -3.008  9.534   9.731   1.00 111.17 ? 13  LEU A HB3  1 
ATOM 96   N N    . GLU A 1 15  ? -4.834  7.258   9.392   1.00 93.25  ? 14  GLU A N    1 
ATOM 97   C CA   . GLU A 1 15  ? -5.383  6.055   10.000  1.00 87.64  ? 14  GLU A CA   1 
ATOM 98   C C    . GLU A 1 15  ? -5.797  5.051   8.934   1.00 89.46  ? 14  GLU A C    1 
ATOM 99   O O    . GLU A 1 15  ? -5.591  3.842   9.096   1.00 85.22  ? 14  GLU A O    1 
ATOM 100  C CB   . GLU A 1 15  ? -6.567  6.419   10.895  1.00 95.07  ? 14  GLU A CB   1 
ATOM 101  H H    . GLU A 1 15  ? -5.286  7.974   9.548   1.00 112.40 ? 14  GLU A H    1 
ATOM 102  H HA   . GLU A 1 15  ? -4.707  5.638   10.558  1.00 105.67 ? 14  GLU A HA   1 
ATOM 103  N N    . ASN A 1 16  ? -6.395  5.528   7.839   1.00 88.18  ? 15  ASN A N    1 
ATOM 104  C CA   . ASN A 1 16  ? -6.696  4.635   6.725   1.00 90.30  ? 15  ASN A CA   1 
ATOM 105  C C    . ASN A 1 16  ? -5.420  3.984   6.206   1.00 93.16  ? 15  ASN A C    1 
ATOM 106  O O    . ASN A 1 16  ? -5.391  2.778   5.927   1.00 91.47  ? 15  ASN A O    1 
ATOM 107  C CB   . ASN A 1 16  ? -7.393  5.401   5.601   1.00 87.31  ? 15  ASN A CB   1 
ATOM 108  C CG   . ASN A 1 16  ? -8.779  5.874   5.989   1.00 96.44  ? 15  ASN A CG   1 
ATOM 109  O OD1  . ASN A 1 16  ? -9.531  5.161   6.651   1.00 91.55  ? 15  ASN A OD1  1 
ATOM 110  N ND2  . ASN A 1 16  ? -9.127  7.084   5.566   1.00 106.43 ? 15  ASN A ND2  1 
ATOM 111  H H    . ASN A 1 16  ? -6.631  6.346   7.718   1.00 106.31 ? 15  ASN A H    1 
ATOM 112  H HA   . ASN A 1 16  ? -7.301  3.943   7.031   1.00 108.86 ? 15  ASN A HA   1 
ATOM 113  H HB2  . ASN A 1 16  ? -6.863  6.180   5.372   1.00 105.28 ? 15  ASN A HB2  1 
ATOM 114  H HB3  . ASN A 1 16  ? -7.480  4.820   4.829   1.00 105.28 ? 15  ASN A HB3  1 
ATOM 115  H HD21 . ASN A 1 16  ? -9.903  7.400   5.759   1.00 128.22 ? 15  ASN A HD21 1 
ATOM 116  H HD22 . ASN A 1 16  ? -8.576  7.552   5.100   1.00 128.22 ? 15  ASN A HD22 1 
ATOM 117  N N    . LEU A 1 17  ? -4.355  4.776   6.071   1.00 85.00  ? 16  LEU A N    1 
ATOM 118  C CA   . LEU A 1 17  ? -3.076  4.239   5.625   1.00 82.73  ? 16  LEU A CA   1 
ATOM 119  C C    . LEU A 1 17  ? -2.610  3.116   6.540   1.00 73.41  ? 16  LEU A C    1 
ATOM 120  O O    . LEU A 1 17  ? -2.112  2.087   6.068   1.00 80.40  ? 16  LEU A O    1 
ATOM 121  C CB   . LEU A 1 17  ? -2.031  5.353   5.570   1.00 79.50  ? 16  LEU A CB   1 
ATOM 122  C CG   . LEU A 1 17  ? -2.053  6.218   4.308   1.00 80.74  ? 16  LEU A CG   1 
ATOM 123  H H    . LEU A 1 17  ? -4.347  5.621   6.227   1.00 102.50 ? 16  LEU A H    1 
ATOM 124  H HA   . LEU A 1 17  ? -3.178  3.880   4.730   1.00 99.77  ? 16  LEU A HA   1 
ATOM 125  H HB2  . LEU A 1 17  ? -2.176  5.943   6.327   1.00 95.90  ? 16  LEU A HB2  1 
ATOM 126  H HB3  . LEU A 1 17  ? -1.152  4.948   5.627   1.00 95.90  ? 16  LEU A HB3  1 
ATOM 127  N N    . ARG A 1 18  ? -2.782  3.280   7.852   1.00 90.24  ? 17  ARG A N    1 
ATOM 128  C CA   . ARG A 1 18  ? -2.251  2.276   8.775   1.00 98.23  ? 17  ARG A CA   1 
ATOM 129  C C    . ARG A 1 18  ? -3.127  1.021   8.802   1.00 86.22  ? 17  ARG A C    1 
ATOM 130  O O    . ARG A 1 18  ? -2.616  -0.097  8.941   1.00 75.26  ? 17  ARG A O    1 
ATOM 131  C CB   . ARG A 1 18  ? -2.102  2.860   10.178  1.00 105.73 ? 17  ARG A CB   1 
ATOM 132  C CG   . ARG A 1 18  ? -1.423  4.222   10.172  1.00 110.42 ? 17  ARG A CG   1 
ATOM 133  C CD   . ARG A 1 18  ? -0.740  4.578   11.474  1.00 111.55 ? 17  ARG A CD   1 
ATOM 134  N NE   . ARG A 1 18  ? -0.445  6.006   11.542  1.00 109.05 ? 17  ARG A NE   1 
ATOM 135  C CZ   . ARG A 1 18  ? 0.387   6.565   12.415  1.00 126.99 ? 17  ARG A CZ   1 
ATOM 136  N NH1  . ARG A 1 18  ? 1.085   5.806   13.248  1.00 141.20 ? 17  ARG A NH1  1 
ATOM 137  N NH2  . ARG A 1 18  ? 0.566   7.877   12.414  1.00 130.00 ? 17  ARG A NH2  1 
ATOM 138  H H    . ARG A 1 18  ? -3.188  3.940   8.224   1.00 108.79 ? 17  ARG A H    1 
ATOM 139  H HA   . ARG A 1 18  ? -1.367  2.018   8.473   1.00 118.37 ? 17  ARG A HA   1 
ATOM 140  H HB2  . ARG A 1 18  ? -2.983  2.964   10.573  1.00 127.38 ? 17  ARG A HB2  1 
ATOM 141  H HB3  . ARG A 1 18  ? -1.566  2.257   10.717  1.00 127.38 ? 17  ARG A HB3  1 
ATOM 142  H HG2  . ARG A 1 18  ? -0.749  4.231   9.474   1.00 133.01 ? 17  ARG A HG2  1 
ATOM 143  H HG3  . ARG A 1 18  ? -2.091  4.904   9.995   1.00 133.01 ? 17  ARG A HG3  1 
ATOM 144  H HD2  . ARG A 1 18  ? -1.321  4.349   12.216  1.00 134.36 ? 17  ARG A HD2  1 
ATOM 145  H HD3  . ARG A 1 18  ? 0.095   4.089   11.544  1.00 134.36 ? 17  ARG A HD3  1 
ATOM 146  H HE   . ARG A 1 18  ? -0.838  6.522   10.978  1.00 131.37 ? 17  ARG A HE   1 
ATOM 147  H HH11 . ARG A 1 18  ? 0.999   4.950   13.224  1.00 169.94 ? 17  ARG A HH11 1 
ATOM 148  H HH12 . ARG A 1 18  ? 1.623   6.169   13.812  1.00 169.94 ? 17  ARG A HH12 1 
ATOM 149  H HH21 . ARG A 1 18  ? 0.145   8.368   11.848  1.00 156.50 ? 17  ARG A HH21 1 
ATOM 150  H HH22 . ARG A 1 18  ? 1.106   8.239   12.979  1.00 156.50 ? 17  ARG A HH22 1 
ATOM 151  N N    . ARG A 1 19  ? -4.450  1.188   8.679   1.00 86.10  ? 18  ARG A N    1 
ATOM 152  C CA   . ARG A 1 19  ? -5.342  0.051   8.459   1.00 83.09  ? 18  ARG A CA   1 
ATOM 153  C C    . ARG A 1 19  ? -4.889  -0.752  7.244   1.00 83.90  ? 18  ARG A C    1 
ATOM 154  O O    . ARG A 1 19  ? -4.815  -1.988  7.274   1.00 92.67  ? 18  ARG A O    1 
ATOM 155  C CB   . ARG A 1 19  ? -6.772  0.553   8.243   1.00 83.92  ? 18  ARG A CB   1 
ATOM 156  C CG   . ARG A 1 19  ? -7.373  1.344   9.402   1.00 84.79  ? 18  ARG A CG   1 
ATOM 157  C CD   . ARG A 1 19  ? -8.674  2.018   8.962   1.00 100.14 ? 18  ARG A CD   1 
ATOM 158  N NE   . ARG A 1 19  ? -9.160  3.005   9.926   1.00 106.06 ? 18  ARG A NE   1 
ATOM 159  C CZ   . ARG A 1 19  ? -10.155 3.860   9.685   1.00 122.38 ? 18  ARG A CZ   1 
ATOM 160  N NH1  . ARG A 1 19  ? -10.769 3.858   8.508   1.00 120.14 ? 18  ARG A NH1  1 
ATOM 161  N NH2  . ARG A 1 19  ? -10.527 4.729   10.616  1.00 129.85 ? 18  ARG A NH2  1 
ATOM 162  H H    . ARG A 1 19  ? -4.854  1.946   8.718   1.00 103.82 ? 18  ARG A H    1 
ATOM 163  H HA   . ARG A 1 19  ? -5.327  -0.522  9.242   1.00 100.20 ? 18  ARG A HA   1 
ATOM 164  H HB2  . ARG A 1 19  ? -6.777  1.133   7.465   1.00 101.20 ? 18  ARG A HB2  1 
ATOM 165  H HB3  . ARG A 1 19  ? -7.345  -0.214  8.089   1.00 101.20 ? 18  ARG A HB3  1 
ATOM 166  H HG2  . ARG A 1 19  ? -7.567  0.744   10.139  1.00 102.25 ? 18  ARG A HG2  1 
ATOM 167  H HG3  . ARG A 1 19  ? -6.749  2.029   9.687   1.00 102.25 ? 18  ARG A HG3  1 
ATOM 168  H HD2  . ARG A 1 19  ? -8.526  2.471   8.118   1.00 120.67 ? 18  ARG A HD2  1 
ATOM 169  H HD3  . ARG A 1 19  ? -9.360  1.339   8.858   1.00 120.67 ? 18  ARG A HD3  1 
ATOM 170  H HE   . ARG A 1 19  ? -8.780  3.037   10.696  1.00 127.77 ? 18  ARG A HE   1 
ATOM 171  H HH11 . ARG A 1 19  ? -10.526 3.305   7.896   1.00 144.67 ? 18  ARG A HH11 1 
ATOM 172  H HH12 . ARG A 1 19  ? -11.410 4.411   8.357   1.00 144.67 ? 18  ARG A HH12 1 
ATOM 173  H HH21 . ARG A 1 19  ? -10.125 4.743   11.375  1.00 156.32 ? 18  ARG A HH21 1 
ATOM 174  H HH22 . ARG A 1 19  ? -11.169 5.279   10.458  1.00 156.32 ? 18  ARG A HH22 1 
ATOM 175  N N    . HIS A 1 20  ? -4.613  -0.043  6.148   1.00 84.46  ? 19  HIS A N    1 
ATOM 176  C CA   . HIS A 1 20  ? -4.130  -0.680  4.929   1.00 81.55  ? 19  HIS A CA   1 
ATOM 177  C C    . HIS A 1 20  ? -2.814  -1.406  5.170   1.00 71.66  ? 19  HIS A C    1 
ATOM 178  O O    . HIS A 1 20  ? -2.599  -2.511  4.656   1.00 80.63  ? 19  HIS A O    1 
ATOM 179  C CB   . HIS A 1 20  ? -3.976  0.394   3.851   1.00 86.44  ? 19  HIS A CB   1 
ATOM 180  C CG   . HIS A 1 20  ? -3.550  -0.132  2.521   1.00 70.41  ? 19  HIS A CG   1 
ATOM 181  N ND1  . HIS A 1 20  ? -4.419  -0.763  1.659   1.00 72.64  ? 19  HIS A ND1  1 
ATOM 182  C CD2  . HIS A 1 20  ? -2.346  -0.119  1.903   1.00 60.72  ? 19  HIS A CD2  1 
ATOM 183  C CE1  . HIS A 1 20  ? -3.769  -1.112  0.564   1.00 85.34  ? 19  HIS A CE1  1 
ATOM 184  N NE2  . HIS A 1 20  ? -2.507  -0.738  0.688   1.00 66.46  ? 19  HIS A NE2  1 
ATOM 185  H H    . HIS A 1 20  ? -4.696  0.811   6.084   1.00 101.85 ? 19  HIS A H    1 
ATOM 186  H HA   . HIS A 1 20  ? -4.769  -1.341  4.623   1.00 98.36  ? 19  HIS A HA   1 
ATOM 187  H HB2  . HIS A 1 20  ? -4.828  0.839   3.732   1.00 104.23 ? 19  HIS A HB2  1 
ATOM 188  H HB3  . HIS A 1 20  ? -3.306  1.032   4.143   1.00 104.23 ? 19  HIS A HB3  1 
ATOM 189  H HD2  . HIS A 1 20  ? -1.557  0.242   2.239   1.00 73.37  ? 19  HIS A HD2  1 
ATOM 190  H HE1  . HIS A 1 20  ? -4.136  -1.547  -0.171  1.00 102.91 ? 19  HIS A HE1  1 
ATOM 191  H HE2  . HIS A 1 20  ? -1.889  -0.862  0.104   1.00 80.26  ? 19  HIS A HE2  1 
ATOM 192  N N    . LEU A 1 21  ? -1.917  -0.797  5.946   1.00 65.01  ? 20  LEU A N    1 
ATOM 193  C CA   . LEU A 1 21  ? -0.644  -1.440  6.257   1.00 76.63  ? 20  LEU A CA   1 
ATOM 194  C C    . LEU A 1 21  ? -0.849  -2.733  7.041   1.00 82.47  ? 20  LEU A C    1 
ATOM 195  O O    . LEU A 1 21  ? -0.152  -3.727  6.808   1.00 79.59  ? 20  LEU A O    1 
ATOM 196  C CB   . LEU A 1 21  ? 0.247   -0.477  7.042   1.00 71.55  ? 20  LEU A CB   1 
ATOM 197  C CG   . LEU A 1 21  ? 1.514   -1.103  7.623   1.00 44.33  ? 20  LEU A CG   1 
ATOM 198  H H    . LEU A 1 21  ? -2.017  -0.020  6.300   1.00 78.51  ? 20  LEU A H    1 
ATOM 199  H HA   . LEU A 1 21  ? -0.196  -1.662  5.427   1.00 92.46  ? 20  LEU A HA   1 
ATOM 200  H HB2  . LEU A 1 21  ? 0.520   0.241   6.450   1.00 86.37  ? 20  LEU A HB2  1 
ATOM 201  H HB3  . LEU A 1 21  ? -0.267  -0.118  7.783   1.00 86.37  ? 20  LEU A HB3  1 
ATOM 202  N N    . ASP A 1 22  ? -1.791  -2.736  7.988   1.00 89.15  ? 21  ASP A N    1 
ATOM 203  C CA   . ASP A 1 22  ? -2.091  -3.960  8.729   1.00 87.67  ? 21  ASP A CA   1 
ATOM 204  C C    . ASP A 1 22  ? -2.655  -5.036  7.806   1.00 86.56  ? 21  ASP A C    1 
ATOM 205  O O    . ASP A 1 22  ? -2.305  -6.221  7.922   1.00 86.75  ? 21  ASP A O    1 
ATOM 206  C CB   . ASP A 1 22  ? -3.076  -3.660  9.859   1.00 91.94  ? 21  ASP A CB   1 
ATOM 207  H H    . ASP A 1 22  ? -2.264  -2.055  8.217   1.00 107.48 ? 21  ASP A H    1 
ATOM 208  H HA   . ASP A 1 22  ? -1.271  -4.297  9.123   1.00 105.70 ? 21  ASP A HA   1 
ATOM 209  N N    . ARG A 1 23  ? -3.557  -4.642  6.905   1.00 93.85  ? 22  ARG A N    1 
ATOM 210  C CA   . ARG A 1 23  ? -4.028  -5.551  5.864   1.00 92.05  ? 22  ARG A CA   1 
ATOM 211  C C    . ARG A 1 23  ? -2.854  -6.180  5.120   1.00 92.26  ? 22  ARG A C    1 
ATOM 212  O O    . ARG A 1 23  ? -2.791  -7.404  4.939   1.00 86.37  ? 22  ARG A O    1 
ATOM 213  C CB   . ARG A 1 23  ? -4.931  -4.787  4.897   1.00 84.98  ? 22  ARG A CB   1 
ATOM 214  C CG   . ARG A 1 23  ? -5.557  -5.632  3.813   1.00 95.89  ? 22  ARG A CG   1 
ATOM 215  C CD   . ARG A 1 23  ? -6.353  -4.769  2.845   1.00 96.36  ? 22  ARG A CD   1 
ATOM 216  N NE   . ARG A 1 23  ? -7.499  -4.123  3.480   1.00 102.75 ? 22  ARG A NE   1 
ATOM 217  C CZ   . ARG A 1 23  ? -8.674  -4.712  3.679   1.00 112.42 ? 22  ARG A CZ   1 
ATOM 218  N NH1  . ARG A 1 23  ? -8.863  -5.971  3.305   1.00 111.80 ? 22  ARG A NH1  1 
ATOM 219  N NH2  . ARG A 1 23  ? -9.662  -4.045  4.261   1.00 125.41 ? 22  ARG A NH2  1 
ATOM 220  H H    . ARG A 1 23  ? -3.911  -3.859  6.874   1.00 113.12 ? 22  ARG A H    1 
ATOM 221  H HA   . ARG A 1 23  ? -4.543  -6.265  6.270   1.00 110.97 ? 22  ARG A HA   1 
ATOM 222  H HB2  . ARG A 1 23  ? -5.652  -4.383  5.403   1.00 102.48 ? 22  ARG A HB2  1 
ATOM 223  H HB3  . ARG A 1 23  ? -4.404  -4.099  4.462   1.00 102.48 ? 22  ARG A HB3  1 
ATOM 224  H HG2  . ARG A 1 23  ? -4.860  -6.088  3.316   1.00 115.57 ? 22  ARG A HG2  1 
ATOM 225  H HG3  . ARG A 1 23  ? -6.156  -6.279  4.213   1.00 115.57 ? 22  ARG A HG3  1 
ATOM 226  H HD2  . ARG A 1 23  ? -5.776  -4.076  2.490   1.00 116.13 ? 22  ARG A HD2  1 
ATOM 227  H HD3  . ARG A 1 23  ? -6.685  -5.326  2.123   1.00 116.13 ? 22  ARG A HD3  1 
ATOM 228  H HE   . ARG A 1 23  ? -7.407  -3.309  3.742   1.00 123.80 ? 22  ARG A HE   1 
ATOM 229  H HH11 . ARG A 1 23  ? -8.225  -6.410  2.932   1.00 134.66 ? 22  ARG A HH11 1 
ATOM 230  H HH12 . ARG A 1 23  ? -9.625  -6.350  3.437   1.00 134.66 ? 22  ARG A HH12 1 
ATOM 231  H HH21 . ARG A 1 23  ? -9.542  -3.231  4.510   1.00 150.99 ? 22  ARG A HH21 1 
ATOM 232  H HH22 . ARG A 1 23  ? -10.422 -4.427  4.391   1.00 150.99 ? 22  ARG A HH22 1 
ATOM 233  N N    . LEU A 1 24  ? -1.911  -5.345  4.677   1.00 85.78  ? 23  LEU A N    1 
ATOM 234  C CA   . LEU A 1 24  ? -0.743  -5.848  3.961   1.00 84.16  ? 23  LEU A CA   1 
ATOM 235  C C    . LEU A 1 24  ? 0.083   -6.796  4.821   1.00 87.32  ? 23  LEU A C    1 
ATOM 236  O O    . LEU A 1 24  ? 0.633   -7.779  4.316   1.00 88.41  ? 23  LEU A O    1 
ATOM 237  C CB   . LEU A 1 24  ? 0.120   -4.681  3.481   1.00 82.65  ? 23  LEU A CB   1 
ATOM 238  C CG   . LEU A 1 24  ? -0.345  -3.936  2.233   1.00 77.13  ? 23  LEU A CG   1 
ATOM 239  C CD1  . LEU A 1 24  ? 0.422   -2.641  2.067   1.00 72.31  ? 23  LEU A CD1  1 
ATOM 240  C CD2  . LEU A 1 24  ? -0.134  -4.826  1.015   1.00 91.93  ? 23  LEU A CD2  1 
ATOM 241  H H    . LEU A 1 24  ? -1.923  -4.491  4.777   1.00 103.43 ? 23  LEU A H    1 
ATOM 242  H HA   . LEU A 1 24  ? -1.051  -6.343  3.186   1.00 101.49 ? 23  LEU A HA   1 
ATOM 243  H HB2  . LEU A 1 24  ? 0.164   -4.029  4.198   1.00 99.68  ? 23  LEU A HB2  1 
ATOM 244  H HB3  . LEU A 1 24  ? 1.007   -5.025  3.291   1.00 99.68  ? 23  LEU A HB3  1 
ATOM 245  H HG   . LEU A 1 24  ? -1.285  -3.716  2.314   1.00 93.05  ? 23  LEU A HG   1 
ATOM 246  H HD11 . LEU A 1 24  ? 0.122   -2.196  1.259   1.00 87.27  ? 23  LEU A HD11 1 
ATOM 247  H HD12 . LEU A 1 24  ? 0.255   -2.074  2.836   1.00 87.27  ? 23  LEU A HD12 1 
ATOM 248  H HD13 . LEU A 1 24  ? 1.369   -2.840  2.003   1.00 87.27  ? 23  LEU A HD13 1 
ATOM 249  H HD21 . LEU A 1 24  ? -0.324  -4.314  0.213   1.00 110.81 ? 23  LEU A HD21 1 
ATOM 250  H HD22 . LEU A 1 24  ? 0.786   -5.131  1.002   1.00 110.81 ? 23  LEU A HD22 1 
ATOM 251  H HD23 . LEU A 1 24  ? -0.734  -5.586  1.072   1.00 110.81 ? 23  LEU A HD23 1 
ATOM 252  N N    . ASP A 1 25  ? 0.202   -6.509  6.118   1.00 95.37  ? 24  ASP A N    1 
ATOM 253  C CA   . ASP A 1 25  ? 0.997   -7.376  6.984   1.00 102.73 ? 24  ASP A CA   1 
ATOM 254  C C    . ASP A 1 25  ? 0.357   -8.752  7.115   1.00 102.47 ? 24  ASP A C    1 
ATOM 255  O O    . ASP A 1 25  ? 1.056   -9.772  7.121   1.00 102.52 ? 24  ASP A O    1 
ATOM 256  C CB   . ASP A 1 25  ? 1.175   -6.744  8.363   1.00 121.30 ? 24  ASP A CB   1 
ATOM 257  C CG   . ASP A 1 25  ? 2.162   -7.509  9.232   1.00 128.39 ? 24  ASP A CG   1 
ATOM 258  O OD1  . ASP A 1 25  ? 2.699   -8.537  8.763   1.00 124.00 ? 24  ASP A OD1  1 
ATOM 259  O OD2  . ASP A 1 25  ? 2.396   -7.090  10.385  1.00 124.14 ? 24  ASP A OD2  1 
ATOM 260  H H    . ASP A 1 25  ? -0.157  -5.835  6.514   1.00 114.94 ? 24  ASP A H    1 
ATOM 261  H HA   . ASP A 1 25  ? 1.877   -7.480  6.588   1.00 123.78 ? 24  ASP A HA   1 
ATOM 262  H HB2  . ASP A 1 25  ? 1.506   -5.839  8.256   1.00 146.06 ? 24  ASP A HB2  1 
ATOM 263  H HB3  . ASP A 1 25  ? 0.318   -6.732  8.819   1.00 146.06 ? 24  ASP A HB3  1 
ATOM 264  N N    . LYS A 1 26  ? -0.972  -8.799  7.247   1.00 93.89  ? 25  LYS A N    1 
ATOM 265  C CA   . LYS A 1 26  ? -1.657  -10.089 7.208   1.00 96.20  ? 25  LYS A CA   1 
ATOM 266  C C    . LYS A 1 26  ? -1.394  -10.794 5.881   1.00 87.13  ? 25  LYS A C    1 
ATOM 267  O O    . LYS A 1 26  ? -1.091  -11.998 5.845   1.00 82.61  ? 25  LYS A O    1 
ATOM 268  C CB   . LYS A 1 26  ? -3.158  -9.892  7.426   1.00 67.32  ? 25  LYS A CB   1 
ATOM 269  H H    . LYS A 1 26  ? -1.486  -8.119  7.356   1.00 113.17 ? 25  LYS A H    1 
ATOM 270  H HA   . LYS A 1 26  ? -1.325  -10.650 7.927   1.00 115.94 ? 25  LYS A HA   1 
ATOM 271  N N    . HIS A 1 27  ? -1.492  -10.049 4.781   1.00 84.78  ? 26  HIS A N    1 
ATOM 272  C CA   . HIS A 1 27  ? -1.259  -10.632 3.466   1.00 90.00  ? 26  HIS A CA   1 
ATOM 273  C C    . HIS A 1 27  ? 0.137   -11.236 3.378   1.00 89.60  ? 26  HIS A C    1 
ATOM 274  O O    . HIS A 1 27  ? 0.328   -12.299 2.776   1.00 96.11  ? 26  HIS A O    1 
ATOM 275  C CB   . HIS A 1 27  ? -1.446  -9.560  2.396   1.00 101.05 ? 26  HIS A CB   1 
ATOM 276  C CG   . HIS A 1 27  ? -1.479  -10.092 0.999   1.00 84.31  ? 26  HIS A CG   1 
ATOM 277  N ND1  . HIS A 1 27  ? -2.607  -10.663 0.451   1.00 79.99  ? 26  HIS A ND1  1 
ATOM 278  C CD2  . HIS A 1 27  ? -0.524  -10.147 0.041   1.00 78.19  ? 26  HIS A CD2  1 
ATOM 279  C CE1  . HIS A 1 27  ? -2.349  -11.034 -0.791  1.00 85.27  ? 26  HIS A CE1  1 
ATOM 280  N NE2  . HIS A 1 27  ? -1.091  -10.737 -1.062  1.00 85.45  ? 26  HIS A NE2  1 
ATOM 281  H H    . HIS A 1 27  ? -1.689  -9.211  4.767   1.00 102.24 ? 26  HIS A H    1 
ATOM 282  H HA   . HIS A 1 27  ? -1.903  -11.339 3.310   1.00 108.50 ? 26  HIS A HA   1 
ATOM 283  H HB2  . HIS A 1 27  ? -2.285  -9.102  2.557   1.00 121.76 ? 26  HIS A HB2  1 
ATOM 284  H HB3  . HIS A 1 27  ? -0.709  -8.932  2.455   1.00 121.76 ? 26  HIS A HB3  1 
ATOM 285  H HD1  . HIS A 1 27  ? -3.361  -10.761 0.852   1.00 96.49  ? 26  HIS A HD1  1 
ATOM 286  H HD2  . HIS A 1 27  ? 0.352   -9.843  0.116   1.00 94.33  ? 26  HIS A HD2  1 
ATOM 287  H HE1  . HIS A 1 27  ? -2.952  -11.437 -1.374  1.00 102.83 ? 26  HIS A HE1  1 
ATOM 288  N N    . ILE A 1 28  ? 1.127   -10.576 3.984   1.00 88.51  ? 27  ILE A N    1 
ATOM 289  C CA   . ILE A 1 28  ? 2.498   -11.049 3.855   1.00 95.86  ? 27  ILE A CA   1 
ATOM 290  C C    . ILE A 1 28  ? 2.781   -12.181 4.831   1.00 100.90 ? 27  ILE A C    1 
ATOM 291  O O    . ILE A 1 28  ? 3.600   -13.050 4.540   1.00 104.67 ? 27  ILE A O    1 
ATOM 292  C CB   . ILE A 1 28  ? 3.514   -9.912  4.039   1.00 90.74  ? 27  ILE A CB   1 
ATOM 293  C CG1  . ILE A 1 28  ? 3.321   -8.862  2.948   1.00 105.34 ? 27  ILE A CG1  1 
ATOM 294  C CG2  . ILE A 1 28  ? 4.937   -10.464 3.970   1.00 75.12  ? 27  ILE A CG2  1 
ATOM 295  C CD1  . ILE A 1 28  ? 4.099   -7.592  3.176   1.00 92.95  ? 27  ILE A CD1  1 
ATOM 296  H H    . ILE A 1 28  ? 1.032   -9.870  4.464   1.00 106.72 ? 27  ILE A H    1 
ATOM 297  H HA   . ILE A 1 28  ? 2.599   -11.385 2.950   1.00 115.53 ? 27  ILE A HA   1 
ATOM 298  H HB   . ILE A 1 28  ? 3.368   -9.505  4.907   1.00 109.39 ? 27  ILE A HB   1 
ATOM 299  H HG12 . ILE A 1 28  ? 3.610   -9.237  2.101   1.00 126.91 ? 27  ILE A HG12 1 
ATOM 300  H HG13 . ILE A 1 28  ? 2.380   -8.628  2.904   1.00 126.91 ? 27  ILE A HG13 1 
ATOM 301  H HG21 . ILE A 1 28  ? 5.557   -9.724  3.882   1.00 90.65  ? 27  ILE A HG21 1 
ATOM 302  H HG22 . ILE A 1 28  ? 5.123   -10.958 4.785   1.00 90.65  ? 27  ILE A HG22 1 
ATOM 303  H HG23 . ILE A 1 28  ? 5.010   -11.052 3.203   1.00 90.65  ? 27  ILE A HG23 1 
ATOM 304  H HD11 . ILE A 1 28  ? 3.727   -6.889  2.620   1.00 112.04 ? 27  ILE A HD11 1 
ATOM 305  H HD12 . ILE A 1 28  ? 4.032   -7.344  4.111   1.00 112.04 ? 27  ILE A HD12 1 
ATOM 306  H HD13 . ILE A 1 28  ? 5.028   -7.743  2.940   1.00 112.04 ? 27  ILE A HD13 1 
ATOM 307  N N    . LYS A 1 29  ? 2.132   -12.205 5.995   1.00 97.31  ? 28  LYS A N    1 
ATOM 308  C CA   . LYS A 1 29  ? 2.190   -13.409 6.820   1.00 99.60  ? 28  LYS A CA   1 
ATOM 309  C C    . LYS A 1 29  ? 1.669   -14.609 6.033   1.00 100.16 ? 28  LYS A C    1 
ATOM 310  O O    . LYS A 1 29  ? 2.241   -15.709 6.094   1.00 105.39 ? 28  LYS A O    1 
ATOM 311  C CB   . LYS A 1 29  ? 1.388   -13.209 8.107   1.00 93.48  ? 28  LYS A CB   1 
ATOM 312  C CG   . LYS A 1 29  ? 0.175   -14.119 8.249   1.00 80.47  ? 28  LYS A CG   1 
ATOM 313  H H    . LYS A 1 29  ? 1.664   -11.560 6.321   1.00 117.28 ? 28  LYS A H    1 
ATOM 314  H HA   . LYS A 1 29  ? 3.108   -13.583 7.078   1.00 120.02 ? 28  LYS A HA   1 
ATOM 315  H HB2  . LYS A 1 29  ? 1.971   -13.379 8.863   1.00 112.68 ? 28  LYS A HB2  1 
ATOM 316  H HB3  . LYS A 1 29  ? 1.070   -12.293 8.132   1.00 112.68 ? 28  LYS A HB3  1 
ATOM 317  N N    . GLN A 1 30  ? 0.600   -14.403 5.260   1.00 98.03  ? 29  GLN A N    1 
ATOM 318  C CA   . GLN A 1 30  ? 0.029   -15.494 4.476   1.00 82.79  ? 29  GLN A CA   1 
ATOM 319  C C    . GLN A 1 30  ? 0.966   -15.915 3.348   1.00 89.09  ? 29  GLN A C    1 
ATOM 320  O O    . GLN A 1 30  ? 1.180   -17.115 3.119   1.00 104.51 ? 29  GLN A O    1 
ATOM 321  C CB   . GLN A 1 30  ? -1.331  -15.067 3.932   1.00 81.62  ? 29  GLN A CB   1 
ATOM 322  C CG   . GLN A 1 30  ? -2.119  -16.166 3.261   1.00 77.62  ? 29  GLN A CG   1 
ATOM 323  C CD   . GLN A 1 30  ? -3.504  -15.700 2.864   1.00 93.75  ? 29  GLN A CD   1 
ATOM 324  O OE1  . GLN A 1 30  ? -3.850  -14.531 3.040   1.00 97.14  ? 29  GLN A OE1  1 
ATOM 325  N NE2  . GLN A 1 30  ? -4.308  -16.613 2.336   1.00 102.01 ? 29  GLN A NE2  1 
ATOM 326  H H    . GLN A 1 30  ? 0.192   -13.650 5.174   1.00 118.14 ? 29  GLN A H    1 
ATOM 327  H HA   . GLN A 1 30  ? -0.102  -16.266 5.048   1.00 99.85  ? 29  GLN A HA   1 
ATOM 328  H HB2  . GLN A 1 30  ? -1.867  -14.732 4.668   1.00 98.44  ? 29  GLN A HB2  1 
ATOM 329  H HB3  . GLN A 1 30  ? -1.193  -14.366 3.276   1.00 98.44  ? 29  GLN A HB3  1 
ATOM 330  H HG2  . GLN A 1 30  ? -1.652  -16.451 2.461   1.00 93.64  ? 29  GLN A HG2  1 
ATOM 331  H HG3  . GLN A 1 30  ? -2.213  -16.912 3.874   1.00 93.64  ? 29  GLN A HG3  1 
ATOM 332  H HE21 . GLN A 1 30  ? -4.033  -17.422 2.235   1.00 122.92 ? 29  GLN A HE21 1 
ATOM 333  H HE22 . GLN A 1 30  ? -5.105  -16.396 2.094   1.00 122.92 ? 29  GLN A HE22 1 
ATOM 334  N N    . LEU A 1 31  ? 1.520   -14.943 2.615   1.00 88.85  ? 30  LEU A N    1 
ATOM 335  C CA   . LEU A 1 31  ? 2.568   -15.264 1.652   1.00 97.58  ? 30  LEU A CA   1 
ATOM 336  C C    . LEU A 1 31  ? 3.739   -15.971 2.320   1.00 102.39 ? 30  LEU A C    1 
ATOM 337  O O    . LEU A 1 31  ? 4.372   -16.827 1.703   1.00 98.94  ? 30  LEU A O    1 
ATOM 338  C CB   . LEU A 1 31  ? 3.078   -14.013 0.934   1.00 107.33 ? 30  LEU A CB   1 
ATOM 339  C CG   . LEU A 1 31  ? 2.265   -13.439 -0.225  1.00 99.22  ? 30  LEU A CG   1 
ATOM 340  C CD1  . LEU A 1 31  ? 2.883   -12.135 -0.704  1.00 107.88 ? 30  LEU A CD1  1 
ATOM 341  C CD2  . LEU A 1 31  ? 2.198   -14.439 -1.369  1.00 67.99  ? 30  LEU A CD2  1 
ATOM 342  H H    . LEU A 1 31  ? 1.311   -14.110 2.656   1.00 107.12 ? 30  LEU A H    1 
ATOM 343  H HA   . LEU A 1 31  ? 2.177   -15.848 0.984   1.00 117.59 ? 30  LEU A HA   1 
ATOM 344  H HB2  . LEU A 1 31  ? 3.147   -13.307 1.595   1.00 129.30 ? 30  LEU A HB2  1 
ATOM 345  H HB3  . LEU A 1 31  ? 3.955   -14.220 0.576   1.00 129.30 ? 30  LEU A HB3  1 
ATOM 346  H HG   . LEU A 1 31  ? 1.360   -13.259 0.077   1.00 119.56 ? 30  LEU A HG   1 
ATOM 347  H HD11 . LEU A 1 31  ? 2.340   -11.772 -1.421  1.00 129.96 ? 30  LEU A HD11 1 
ATOM 348  H HD12 . LEU A 1 31  ? 2.915   -11.509 0.037   1.00 129.96 ? 30  LEU A HD12 1 
ATOM 349  H HD13 . LEU A 1 31  ? 3.781   -12.312 -1.028  1.00 129.96 ? 30  LEU A HD13 1 
ATOM 350  H HD21 . LEU A 1 31  ? 1.869   -13.990 -2.163  1.00 82.09  ? 30  LEU A HD21 1 
ATOM 351  H HD22 . LEU A 1 31  ? 3.086   -14.791 -1.533  1.00 82.09  ? 30  LEU A HD22 1 
ATOM 352  H HD23 . LEU A 1 31  ? 1.596   -15.160 -1.125  1.00 82.09  ? 30  LEU A HD23 1 
ATOM 353  N N    . ARG A 1 32  ? 4.051   -15.626 3.570   1.00 117.16 ? 31  ARG A N    1 
ATOM 354  C CA   . ARG A 1 32  ? 5.150   -16.279 4.268   1.00 129.56 ? 31  ARG A CA   1 
ATOM 355  C C    . ARG A 1 32  ? 4.857   -17.759 4.445   1.00 126.73 ? 31  ARG A C    1 
ATOM 356  O O    . ARG A 1 32  ? 5.680   -18.612 4.102   1.00 127.91 ? 31  ARG A O    1 
ATOM 357  C CB   . ARG A 1 32  ? 5.391   -15.604 5.619   1.00 111.79 ? 31  ARG A CB   1 
ATOM 358  C CG   . ARG A 1 32  ? 5.379   -16.549 6.815   1.00 113.45 ? 31  ARG A CG   1 
ATOM 359  H H    . ARG A 1 32  ? 3.646   -15.022 4.031   1.00 141.09 ? 31  ARG A H    1 
ATOM 360  H HA   . ARG A 1 32  ? 5.963   -16.188 3.747   1.00 155.97 ? 31  ARG A HA   1 
ATOM 361  H HB2  . ARG A 1 32  ? 6.261   -15.172 5.598   1.00 134.65 ? 31  ARG A HB2  1 
ATOM 362  H HB3  . ARG A 1 32  ? 4.695   -14.942 5.763   1.00 134.65 ? 31  ARG A HB3  1 
ATOM 363  N N    . ASP A 1 33  ? 3.674   -18.083 4.967   1.00 113.51 ? 32  ASP A N    1 
ATOM 364  C CA   . ASP A 1 33  ? 3.269   -19.481 5.067   1.00 107.99 ? 32  ASP A CA   1 
ATOM 365  C C    . ASP A 1 33  ? 3.381   -20.179 3.710   1.00 118.06 ? 32  ASP A C    1 
ATOM 366  O O    . ASP A 1 33  ? 4.088   -21.188 3.560   1.00 118.95 ? 32  ASP A O    1 
ATOM 367  C CB   . ASP A 1 33  ? 1.840   -19.573 5.606   1.00 80.37  ? 32  ASP A CB   1 
ATOM 368  H H    . ASP A 1 33  ? 3.096   -17.520 5.267   1.00 136.72 ? 32  ASP A H    1 
ATOM 369  H HA   . ASP A 1 33  ? 3.854   -19.936 5.692   1.00 130.09 ? 32  ASP A HA   1 
ATOM 370  N N    . ILE A 1 34  ? 2.698   -19.631 2.700   1.00 112.84 ? 33  ILE A N    1 
ATOM 371  C CA   . ILE A 1 34  ? 2.641   -20.281 1.390   1.00 109.93 ? 33  ILE A CA   1 
ATOM 372  C C    . ILE A 1 34  ? 4.047   -20.493 0.836   1.00 126.74 ? 33  ILE A C    1 
ATOM 373  O O    . ILE A 1 34  ? 4.450   -21.621 0.528   1.00 134.88 ? 33  ILE A O    1 
ATOM 374  C CB   . ILE A 1 34  ? 1.775   -19.460 0.419   1.00 95.75  ? 33  ILE A CB   1 
ATOM 375  H H    . ILE A 1 34  ? 2.263   -18.891 2.746   1.00 135.90 ? 33  ILE A H    1 
ATOM 376  H HA   . ILE A 1 34  ? 2.230   -21.154 1.499   1.00 132.42 ? 33  ILE A HA   1 
ATOM 377  N N    . LEU A 1 35  ? 4.806   -19.405 0.679   1.00 136.17 ? 34  LEU A N    1 
ATOM 378  C CA   . LEU A 1 35  ? 6.182   -19.488 0.207   1.00 140.52 ? 34  LEU A CA   1 
ATOM 379  C C    . LEU A 1 35  ? 6.983   -20.522 0.987   1.00 136.74 ? 34  LEU A C    1 
ATOM 380  O O    . LEU A 1 35  ? 7.660   -21.370 0.397   1.00 138.92 ? 34  LEU A O    1 
ATOM 381  C CB   . LEU A 1 35  ? 6.847   -18.114 0.325   1.00 146.19 ? 34  LEU A CB   1 
ATOM 382  H H    . LEU A 1 35  ? 4.543   -18.601 0.839   1.00 163.91 ? 34  LEU A H    1 
ATOM 383  H HA   . LEU A 1 35  ? 6.172   -19.757 -0.725  1.00 169.13 ? 34  LEU A HA   1 
ATOM 384  N N    . SER A 1 36  ? 6.936   -20.456 2.321   1.00 129.99 ? 35  SER A N    1 
ATOM 385  C CA   . SER A 1 36  ? 7.672   -21.412 3.135   1.00 140.34 ? 35  SER A CA   1 
ATOM 386  C C    . SER A 1 36  ? 7.322   -22.839 2.755   1.00 143.03 ? 35  SER A C    1 
ATOM 387  O O    . SER A 1 36  ? 8.175   -23.730 2.835   1.00 151.85 ? 35  SER A O    1 
ATOM 388  C CB   . SER A 1 36  ? 7.383   -21.172 4.617   1.00 142.22 ? 35  SER A CB   1 
ATOM 389  H H    . SER A 1 36  ? 6.489   -19.875 2.771   1.00 156.49 ? 35  SER A H    1 
ATOM 390  H HA   . SER A 1 36  ? 8.623   -21.283 2.994   1.00 168.91 ? 35  SER A HA   1 
ATOM 391  N N    . GLU A 1 37  ? 6.078   -23.082 2.335   1.00 142.85 ? 36  GLU A N    1 
ATOM 392  C CA   . GLU A 1 37  ? 5.746   -24.414 1.842   1.00 120.14 ? 36  GLU A CA   1 
ATOM 393  C C    . GLU A 1 37  ? 6.450   -24.707 0.518   1.00 120.83 ? 36  GLU A C    1 
ATOM 394  O O    . GLU A 1 37  ? 7.008   -25.795 0.341   1.00 126.95 ? 36  GLU A O    1 
ATOM 395  C CB   . GLU A 1 37  ? 4.234   -24.568 1.699   1.00 130.06 ? 36  GLU A CB   1 
ATOM 396  C CG   . GLU A 1 37  ? 3.526   -24.865 3.011   1.00 130.95 ? 36  GLU A CG   1 
ATOM 397  H H    . GLU A 1 37  ? 5.433   -22.513 2.325   1.00 171.92 ? 36  GLU A H    1 
ATOM 398  H HA   . GLU A 1 37  ? 6.046   -25.068 2.492   1.00 144.67 ? 36  GLU A HA   1 
ATOM 399  H HB2  . GLU A 1 37  ? 3.868   -23.742 1.344   1.00 156.58 ? 36  GLU A HB2  1 
ATOM 400  H HB3  . GLU A 1 37  ? 4.050   -25.301 1.090   1.00 156.58 ? 36  GLU A HB3  1 
ATOM 401  N N    . ASN A 1 38  ? 6.449   -23.748 -0.420  1.00 125.94 ? 37  ASN A N    1 
ATOM 402  C CA   . ASN A 1 38  ? 7.087   -23.924 -1.723  1.00 145.73 ? 37  ASN A CA   1 
ATOM 403  C C    . ASN A 1 38  ? 8.151   -22.850 -1.950  1.00 155.68 ? 37  ASN A C    1 
ATOM 404  O O    . ASN A 1 38  ? 7.891   -21.829 -2.601  1.00 155.32 ? 37  ASN A O    1 
ATOM 405  C CB   . ASN A 1 38  ? 6.080   -23.879 -2.880  1.00 140.81 ? 37  ASN A CB   1 
ATOM 406  C CG   . ASN A 1 38  ? 5.198   -25.108 -2.936  1.00 147.30 ? 37  ASN A CG   1 
ATOM 407  O OD1  . ASN A 1 38  ? 5.621   -26.204 -2.570  1.00 154.01 ? 37  ASN A OD1  1 
ATOM 408  N ND2  . ASN A 1 38  ? 3.993   -24.947 -3.471  1.00 135.28 ? 37  ASN A ND2  1 
ATOM 409  H H    . ASN A 1 38  ? 6.077   -22.980 -0.315  1.00 151.63 ? 37  ASN A H    1 
ATOM 410  H HA   . ASN A 1 38  ? 7.522   -24.789 -1.696  1.00 175.37 ? 37  ASN A HA   1 
ATOM 411  H HB2  . ASN A 1 38  ? 5.507   -23.104 -2.771  1.00 169.48 ? 37  ASN A HB2  1 
ATOM 412  H HB3  . ASN A 1 38  ? 6.564   -23.821 -3.718  1.00 169.48 ? 37  ASN A HB3  1 
ATOM 413  H HD21 . ASN A 1 38  ? 3.453   -25.614 -3.525  1.00 162.83 ? 37  ASN A HD21 1 
ATOM 414  H HD22 . ASN A 1 38  ? 3.752   -24.174 -3.763  1.00 162.83 ? 37  ASN A HD22 1 
ATOM 415  N N    . PRO A 1 39  ? 9.359   -23.042 -1.411  1.00 152.99 ? 38  PRO A N    1 
ATOM 416  C CA   . PRO A 1 39  ? 10.515  -22.255 -1.900  1.00 137.35 ? 38  PRO A CA   1 
ATOM 417  C C    . PRO A 1 39  ? 10.791  -22.519 -3.351  1.00 130.00 ? 38  PRO A C    1 
ATOM 418  O O    . PRO A 1 39  ? 11.580  -21.781 -3.987  1.00 125.64 ? 38  PRO A O    1 
ATOM 419  C CB   . PRO A 1 39  ? 11.659  -22.741 -1.002  1.00 147.10 ? 38  PRO A CB   1 
ATOM 420  C CG   . PRO A 1 39  ? 10.978  -23.158 0.256   1.00 131.00 ? 38  PRO A CG   1 
ATOM 421  C CD   . PRO A 1 39  ? 9.651   -23.741 -0.152  1.00 136.88 ? 38  PRO A CD   1 
ATOM 422  H HA   . PRO A 1 39  ? 10.395  -21.304 -1.754  1.00 165.32 ? 38  PRO A HA   1 
ATOM 423  H HB2  . PRO A 1 39  ? 12.115  -23.489 -1.417  1.00 177.02 ? 38  PRO A HB2  1 
ATOM 424  H HB3  . PRO A 1 39  ? 12.286  -22.019 -0.838  1.00 177.02 ? 38  PRO A HB3  1 
ATOM 425  H HG2  . PRO A 1 39  ? 11.517  -23.823 0.714   1.00 157.70 ? 38  PRO A HG2  1 
ATOM 426  H HG3  . PRO A 1 39  ? 10.850  -22.385 0.829   1.00 157.70 ? 38  PRO A HG3  1 
ATOM 427  H HD2  . PRO A 1 39  ? 9.721   -24.698 -0.296  1.00 164.76 ? 38  PRO A HD2  1 
ATOM 428  H HD3  . PRO A 1 39  ? 8.971   -23.555 0.514   1.00 164.76 ? 38  PRO A HD3  1 
ATOM 429  N N    . GLU A 1 40  ? 10.170  -23.550 -3.905  1.00 145.99 ? 39  GLU A N    1 
ATOM 430  C CA   . GLU A 1 40  ? 10.391  -23.954 -5.277  1.00 158.35 ? 39  GLU A CA   1 
ATOM 431  C C    . GLU A 1 40  ? 10.060  -22.843 -6.261  1.00 159.08 ? 39  GLU A C    1 
ATOM 432  O O    . GLU A 1 40  ? 10.615  -22.815 -7.365  1.00 148.99 ? 39  GLU A O    1 
ATOM 433  C CB   . GLU A 1 40  ? 9.547   -25.194 -5.584  1.00 130.13 ? 39  GLU A CB   1 
ATOM 434  H H    . GLU A 1 40  ? 9.600   -24.048 -3.495  1.00 175.68 ? 39  GLU A H    1 
ATOM 435  H HA   . GLU A 1 40  ? 11.328  -24.175 -5.391  1.00 190.51 ? 39  GLU A HA   1 
ATOM 436  N N    . ASP A 1 41  ? 9.171   -21.924 -5.894  1.00 158.73 ? 40  ASP A N    1 
ATOM 437  C CA   . ASP A 1 41  ? 8.677   -20.914 -6.819  1.00 153.53 ? 40  ASP A CA   1 
ATOM 438  C C    . ASP A 1 41  ? 9.383   -19.586 -6.573  1.00 136.21 ? 40  ASP A C    1 
ATOM 439  O O    . ASP A 1 41  ? 9.262   -19.002 -5.490  1.00 136.40 ? 40  ASP A O    1 
ATOM 440  C CB   . ASP A 1 41  ? 7.165   -20.742 -6.680  1.00 144.02 ? 40  ASP A CB   1 
ATOM 441  C CG   . ASP A 1 41  ? 6.573   -19.907 -7.794  1.00 141.27 ? 40  ASP A CG   1 
ATOM 442  O OD1  . ASP A 1 41  ? 7.345   -19.441 -8.657  1.00 142.74 ? 40  ASP A OD1  1 
ATOM 443  O OD2  . ASP A 1 41  ? 5.338   -19.722 -7.811  1.00 148.29 ? 40  ASP A OD2  1 
ATOM 444  H H    . ASP A 1 41  ? 8.838   -21.868 -5.103  1.00 190.98 ? 40  ASP A H    1 
ATOM 445  H HA   . ASP A 1 41  ? 8.881   -21.197 -7.724  1.00 184.74 ? 40  ASP A HA   1 
ATOM 446  H HB2  . ASP A 1 41  ? 6.743   -21.616 -6.703  1.00 173.33 ? 40  ASP A HB2  1 
ATOM 447  H HB3  . ASP A 1 41  ? 6.971   -20.301 -5.838  1.00 173.33 ? 40  ASP A HB3  1 
ATOM 448  N N    . GLU A 1 42  ? 10.108  -19.108 -7.585  1.00 139.08 ? 41  GLU A N    1 
ATOM 449  C CA   . GLU A 1 42  ? 10.721  -17.790 -7.518  1.00 151.58 ? 41  GLU A CA   1 
ATOM 450  C C    . GLU A 1 42  ? 9.720   -16.678 -7.798  1.00 152.43 ? 41  GLU A C    1 
ATOM 451  O O    . GLU A 1 42  ? 10.001  -15.519 -7.478  1.00 150.75 ? 41  GLU A O    1 
ATOM 452  C CB   . GLU A 1 42  ? 11.887  -17.696 -8.503  1.00 152.95 ? 41  GLU A CB   1 
ATOM 453  H H    . GLU A 1 42  ? 10.259  -19.529 -8.320  1.00 167.39 ? 41  GLU A H    1 
ATOM 454  H HA   . GLU A 1 42  ? 11.082  -17.655 -6.628  1.00 182.40 ? 41  GLU A HA   1 
ATOM 455  N N    . ARG A 1 43  ? 8.568   -16.995 -8.396  1.00 155.14 ? 42  ARG A N    1 
ATOM 456  C CA   . ARG A 1 43  ? 7.498   -16.004 -8.474  1.00 144.84 ? 42  ARG A CA   1 
ATOM 457  C C    . ARG A 1 43  ? 6.887   -15.734 -7.107  1.00 140.49 ? 42  ARG A C    1 
ATOM 458  O O    . ARG A 1 43  ? 6.446   -14.613 -6.840  1.00 138.17 ? 42  ARG A O    1 
ATOM 459  C CB   . ARG A 1 43  ? 6.407   -16.429 -9.458  1.00 152.27 ? 42  ARG A CB   1 
ATOM 460  C CG   . ARG A 1 43  ? 6.693   -16.089 -10.917 1.00 150.31 ? 42  ARG A CG   1 
ATOM 461  C CD   . ARG A 1 43  ? 6.794   -14.564 -11.043 1.00 149.25 ? 42  ARG A CD   1 
ATOM 462  N NE   . ARG A 1 43  ? 6.763   -14.045 -12.404 1.00 157.22 ? 42  ARG A NE   1 
ATOM 463  C CZ   . ARG A 1 43  ? 7.087   -12.797 -12.737 1.00 151.71 ? 42  ARG A CZ   1 
ATOM 464  N NH1  . ARG A 1 43  ? 7.010   -12.416 -14.002 1.00 152.85 ? 42  ARG A NH1  1 
ATOM 465  N NH2  . ARG A 1 43  ? 7.527   -11.941 -11.812 1.00 151.06 ? 42  ARG A NH2  1 
ATOM 466  H H    . ARG A 1 43  ? 8.385   -17.756 -8.754  1.00 186.67 ? 42  ARG A H    1 
ATOM 467  H HA   . ARG A 1 43  ? 7.884   -15.181 -8.813  1.00 174.31 ? 42  ARG A HA   1 
ATOM 468  H HB2  . ARG A 1 43  ? 6.298   -17.391 -9.398  1.00 183.23 ? 42  ARG A HB2  1 
ATOM 469  H HB3  . ARG A 1 43  ? 5.580   -15.986 -9.211  1.00 183.23 ? 42  ARG A HB3  1 
ATOM 470  H HG2  . ARG A 1 43  ? 7.532   -16.487 -11.195 1.00 180.87 ? 42  ARG A HG2  1 
ATOM 471  H HG3  . ARG A 1 43  ? 5.971   -16.407 -11.482 1.00 180.87 ? 42  ARG A HG3  1 
ATOM 472  H HD2  . ARG A 1 43  ? 6.048   -14.168 -10.567 1.00 179.60 ? 42  ARG A HD2  1 
ATOM 473  H HD3  . ARG A 1 43  ? 7.632   -14.279 -10.645 1.00 179.60 ? 42  ARG A HD3  1 
ATOM 474  H HE   . ARG A 1 43  ? 6.519   -14.578 -13.034 1.00 189.17 ? 42  ARG A HE   1 
ATOM 475  H HH11 . ARG A 1 43  ? 6.750   -12.973 -14.604 1.00 183.92 ? 42  ARG A HH11 1 
ATOM 476  H HH12 . ARG A 1 43  ? 7.218   -11.612 -14.222 1.00 183.92 ? 42  ARG A HH12 1 
ATOM 477  H HH21 . ARG A 1 43  ? 7.602   -12.194 -10.994 1.00 181.78 ? 42  ARG A HH21 1 
ATOM 478  H HH22 . ARG A 1 43  ? 7.735   -11.137 -12.035 1.00 181.78 ? 42  ARG A HH22 1 
ATOM 479  N N    . VAL A 1 44  ? 6.832   -16.740 -6.233  1.00 135.42 ? 43  VAL A N    1 
ATOM 480  C CA   . VAL A 1 44  ? 6.479   -16.470 -4.847  1.00 134.90 ? 43  VAL A CA   1 
ATOM 481  C C    . VAL A 1 44  ? 7.552   -15.608 -4.198  1.00 134.45 ? 43  VAL A C    1 
ATOM 482  O O    . VAL A 1 44  ? 7.258   -14.731 -3.375  1.00 118.52 ? 43  VAL A O    1 
ATOM 483  C CB   . VAL A 1 44  ? 6.267   -17.787 -4.084  1.00 127.74 ? 43  VAL A CB   1 
ATOM 484  C CG1  . VAL A 1 44  ? 6.153   -17.514 -2.604  1.00 135.28 ? 43  VAL A CG1  1 
ATOM 485  C CG2  . VAL A 1 44  ? 5.019   -18.484 -4.587  1.00 130.96 ? 43  VAL A CG2  1 
ATOM 486  H H    . VAL A 1 44  ? 6.991   -17.565 -6.413  1.00 163.01 ? 43  VAL A H    1 
ATOM 487  H HA   . VAL A 1 44  ? 5.642   -15.982 -4.827  1.00 162.38 ? 43  VAL A HA   1 
ATOM 488  H HB   . VAL A 1 44  ? 7.028   -18.370 -4.232  1.00 153.79 ? 43  VAL A HB   1 
ATOM 489  H HG11 . VAL A 1 44  ? 5.605   -18.202 -2.197  1.00 162.84 ? 43  VAL A HG11 1 
ATOM 490  H HG12 . VAL A 1 44  ? 7.041   -17.523 -2.212  1.00 162.84 ? 43  VAL A HG12 1 
ATOM 491  H HG13 . VAL A 1 44  ? 5.744   -16.644 -2.474  1.00 162.84 ? 43  VAL A HG13 1 
ATOM 492  H HG21 . VAL A 1 44  ? 4.918   -19.327 -4.118  1.00 157.65 ? 43  VAL A HG21 1 
ATOM 493  H HG22 . VAL A 1 44  ? 4.251   -17.917 -4.416  1.00 157.65 ? 43  VAL A HG22 1 
ATOM 494  H HG23 . VAL A 1 44  ? 5.109   -18.644 -5.539  1.00 157.65 ? 43  VAL A HG23 1 
ATOM 495  N N    . LYS A 1 45  ? 8.813   -15.840 -4.568  1.00 144.07 ? 44  LYS A N    1 
ATOM 496  C CA   . LYS A 1 45  ? 9.885   -14.945 -4.154  1.00 139.01 ? 44  LYS A CA   1 
ATOM 497  C C    . LYS A 1 45  ? 9.573   -13.516 -4.572  1.00 124.50 ? 44  LYS A C    1 
ATOM 498  O O    . LYS A 1 45  ? 9.683   -12.580 -3.771  1.00 122.01 ? 44  LYS A O    1 
ATOM 499  C CB   . LYS A 1 45  ? 11.209  -15.409 -4.760  1.00 129.72 ? 44  LYS A CB   1 
ATOM 500  H H    . LYS A 1 45  ? 9.070   -16.500 -5.053  1.00 173.38 ? 44  LYS A H    1 
ATOM 501  H HA   . LYS A 1 45  ? 9.972   -14.969 -3.188  1.00 167.31 ? 44  LYS A HA   1 
ATOM 502  N N    . ASP A 1 46  ? 9.175   -13.331 -5.832  1.00 124.16 ? 45  ASP A N    1 
ATOM 503  C CA   . ASP A 1 46  ? 8.779   -12.008 -6.296  1.00 138.64 ? 45  ASP A CA   1 
ATOM 504  C C    . ASP A 1 46  ? 7.661   -11.460 -5.425  1.00 125.28 ? 45  ASP A C    1 
ATOM 505  O O    . ASP A 1 46  ? 7.854   -10.493 -4.691  1.00 122.04 ? 45  ASP A O    1 
ATOM 506  C CB   . ASP A 1 46  ? 8.356   -12.062 -7.763  1.00 160.62 ? 45  ASP A CB   1 
ATOM 507  C CG   . ASP A 1 46  ? 9.519   -12.327 -8.685  1.00 165.94 ? 45  ASP A CG   1 
ATOM 508  O OD1  . ASP A 1 46  ? 10.656  -11.984 -8.303  1.00 165.03 ? 45  ASP A OD1  1 
ATOM 509  O OD2  . ASP A 1 46  ? 9.307   -12.873 -9.787  1.00 167.45 ? 45  ASP A OD2  1 
ATOM 510  H H    . ASP A 1 46  ? 9.125   -13.947 -6.429  1.00 149.49 ? 45  ASP A H    1 
ATOM 511  H HA   . ASP A 1 46  ? 9.541   -11.410 -6.238  1.00 166.87 ? 45  ASP A HA   1 
ATOM 512  H HB2  . ASP A 1 46  ? 7.708   -12.775 -7.880  1.00 193.24 ? 45  ASP A HB2  1 
ATOM 513  H HB3  . ASP A 1 46  ? 7.961   -11.212 -8.011  1.00 193.24 ? 45  ASP A HB3  1 
ATOM 514  N N    . ALA A 1 47  ? 6.497   -12.107 -5.455  1.00 121.63 ? 46  ALA A N    1 
ATOM 515  C CA   . ALA A 1 47  ? 5.361   -11.662 -4.658  1.00 113.49 ? 46  ALA A CA   1 
ATOM 516  C C    . ALA A 1 47  ? 5.797   -11.186 -3.279  1.00 112.20 ? 46  ALA A C    1 
ATOM 517  O O    . ALA A 1 47  ? 5.421   -10.095 -2.836  1.00 114.14 ? 46  ALA A O    1 
ATOM 518  C CB   . ALA A 1 47  ? 4.339   -12.792 -4.532  1.00 130.41 ? 46  ALA A CB   1 
ATOM 519  H H    . ALA A 1 47  ? 6.339   -12.807 -5.929  1.00 146.46 ? 46  ALA A H    1 
ATOM 520  H HA   . ALA A 1 47  ? 4.937   -10.919 -5.114  1.00 136.69 ? 46  ALA A HA   1 
ATOM 521  H HB1  . ALA A 1 47  ? 3.562   -12.463 -4.054  1.00 156.99 ? 46  ALA A HB1  1 
ATOM 522  H HB2  . ALA A 1 47  ? 4.081   -13.087 -5.420  1.00 156.99 ? 46  ALA A HB2  1 
ATOM 523  H HB3  . ALA A 1 47  ? 4.740   -13.528 -4.044  1.00 156.99 ? 46  ALA A HB3  1 
ATOM 524  N N    . ILE A 1 48  ? 6.612   -11.993 -2.591  1.00 118.38 ? 47  ILE A N    1 
ATOM 525  C CA   . ILE A 1 48  ? 7.100   -11.607 -1.271  1.00 106.79 ? 47  ILE A CA   1 
ATOM 526  C C    . ILE A 1 48  ? 7.883   -10.302 -1.358  1.00 92.73  ? 47  ILE A C    1 
ATOM 527  O O    . ILE A 1 48  ? 7.663   -9.371  -0.574  1.00 94.40  ? 47  ILE A O    1 
ATOM 528  C CB   . ILE A 1 48  ? 7.954   -12.736 -0.666  1.00 109.60 ? 47  ILE A CB   1 
ATOM 529  H H    . ILE A 1 48  ? 6.893   -12.758 -2.864  1.00 142.56 ? 47  ILE A H    1 
ATOM 530  H HA   . ILE A 1 48  ? 6.338   -11.461 -0.689  1.00 128.65 ? 47  ILE A HA   1 
ATOM 531  N N    . ASP A 1 49  ? 8.800   -10.214 -2.324  1.00 97.89  ? 48  ASP A N    1 
ATOM 532  C CA   . ASP A 1 49  ? 9.643   -9.029  -2.447  1.00 99.24  ? 48  ASP A CA   1 
ATOM 533  C C    . ASP A 1 49  ? 8.812   -7.788  -2.746  1.00 93.91  ? 48  ASP A C    1 
ATOM 534  O O    . ASP A 1 49  ? 9.013   -6.734  -2.140  1.00 103.14 ? 48  ASP A O    1 
ATOM 535  C CB   . ASP A 1 49  ? 10.691  -9.251  -3.540  1.00 115.03 ? 48  ASP A CB   1 
ATOM 536  H H    . ASP A 1 49  ? 8.954   -10.821 -2.914  1.00 117.97 ? 48  ASP A H    1 
ATOM 537  H HA   . ASP A 1 49  ? 10.104  -8.884  -1.606  1.00 119.59 ? 48  ASP A HA   1 
ATOM 538  N N    . LEU A 1 50  ? 7.887   -7.895  -3.698  1.00 97.54  ? 49  LEU A N    1 
ATOM 539  C CA   . LEU A 1 50  ? 7.026   -6.775  -4.061  1.00 87.55  ? 49  LEU A CA   1 
ATOM 540  C C    . LEU A 1 50  ? 6.194   -6.316  -2.872  1.00 86.84  ? 49  LEU A C    1 
ATOM 541  O O    . LEU A 1 50  ? 6.074   -5.113  -2.609  1.00 101.26 ? 49  LEU A O    1 
ATOM 542  C CB   . LEU A 1 50  ? 6.117   -7.171  -5.225  1.00 96.62  ? 49  LEU A CB   1 
ATOM 543  C CG   . LEU A 1 50  ? 6.820   -7.497  -6.542  1.00 98.60  ? 49  LEU A CG   1 
ATOM 544  H H    . LEU A 1 50  ? 7.738   -8.608  -4.154  1.00 117.55 ? 49  LEU A H    1 
ATOM 545  H HA   . LEU A 1 50  ? 7.583   -6.034  -4.346  1.00 105.56 ? 49  LEU A HA   1 
ATOM 546  H HB2  . LEU A 1 50  ? 5.617   -7.961  -4.963  1.00 116.45 ? 49  LEU A HB2  1 
ATOM 547  H HB3  . LEU A 1 50  ? 5.509   -6.436  -5.398  1.00 116.45 ? 49  LEU A HB3  1 
ATOM 548  N N    . SER A 1 51  ? 5.592   -7.261  -2.146  1.00 83.81  ? 50  SER A N    1 
ATOM 549  C CA   . SER A 1 51  ? 4.805   -6.889  -0.976  1.00 94.70  ? 50  SER A CA   1 
ATOM 550  C C    . SER A 1 51  ? 5.678   -6.207  0.072   1.00 103.35 ? 50  SER A C    1 
ATOM 551  O O    . SER A 1 51  ? 5.248   -5.246  0.720   1.00 107.82 ? 50  SER A O    1 
ATOM 552  C CB   . SER A 1 51  ? 4.115   -8.124  -0.398  1.00 98.22  ? 50  SER A CB   1 
ATOM 553  O OG   . SER A 1 51  ? 3.187   -8.668  -1.322  1.00 110.00 ? 50  SER A OG   1 
ATOM 554  H H    . SER A 1 51  ? 5.624   -8.106  -2.305  1.00 101.07 ? 50  SER A H    1 
ATOM 555  H HA   . SER A 1 51  ? 4.114   -6.262  -1.241  1.00 114.14 ? 50  SER A HA   1 
ATOM 556  H HB2  . SER A 1 51  ? 4.787   -8.794  -0.195  1.00 118.37 ? 50  SER A HB2  1 
ATOM 557  H HB3  . SER A 1 51  ? 3.644   -7.872  0.411   1.00 118.37 ? 50  SER A HB3  1 
ATOM 558  H HG   . SER A 1 51  ? 3.573   -8.845  -2.047  1.00 132.50 ? 50  SER A HG   1 
ATOM 559  N N    . GLU A 1 52  ? 6.921   -6.673  0.235   1.00 103.60 ? 51  GLU A N    1 
ATOM 560  C CA   . GLU A 1 52  ? 7.829   -6.047  1.193   1.00 103.11 ? 51  GLU A CA   1 
ATOM 561  C C    . GLU A 1 52  ? 8.235   -4.646  0.747   1.00 93.28  ? 51  GLU A C    1 
ATOM 562  O O    . GLU A 1 52  ? 8.357   -3.734  1.576   1.00 103.65 ? 51  GLU A O    1 
ATOM 563  C CB   . GLU A 1 52  ? 9.067   -6.925  1.384   1.00 114.24 ? 51  GLU A CB   1 
ATOM 564  H H    . GLU A 1 52  ? 7.259   -7.340  -0.190  1.00 124.82 ? 51  GLU A H    1 
ATOM 565  H HA   . GLU A 1 52  ? 7.375   -5.969  2.046   1.00 124.23 ? 51  GLU A HA   1 
ATOM 566  N N    . ARG A 1 53  ? 8.471   -4.457  -0.553  1.00 91.56  ? 52  ARG A N    1 
ATOM 567  C CA   . ARG A 1 53  ? 8.713   -3.119  -1.073  1.00 94.06  ? 52  ARG A CA   1 
ATOM 568  C C    . ARG A 1 53  ? 7.543   -2.207  -0.722  1.00 88.06  ? 52  ARG A C    1 
ATOM 569  O O    . ARG A 1 53  ? 7.730   -1.079  -0.254  1.00 89.36  ? 52  ARG A O    1 
ATOM 570  C CB   . ARG A 1 53  ? 8.885   -3.135  -2.591  1.00 101.32 ? 52  ARG A CB   1 
ATOM 571  C CG   . ARG A 1 53  ? 9.998   -3.987  -3.182  1.00 105.62 ? 52  ARG A CG   1 
ATOM 572  C CD   . ARG A 1 53  ? 9.996   -3.732  -4.689  1.00 121.91 ? 52  ARG A CD   1 
ATOM 573  N NE   . ARG A 1 53  ? 10.732  -4.702  -5.491  1.00 107.46 ? 52  ARG A NE   1 
ATOM 574  C CZ   . ARG A 1 53  ? 10.790  -4.663  -6.821  1.00 120.38 ? 52  ARG A CZ   1 
ATOM 575  N NH1  . ARG A 1 53  ? 10.177  -3.690  -7.483  1.00 118.27 ? 52  ARG A NH1  1 
ATOM 576  N NH2  . ARG A 1 53  ? 11.464  -5.587  -7.490  1.00 127.11 ? 52  ARG A NH2  1 
ATOM 577  H H    . ARG A 1 53  ? 8.495   -5.080  -1.146  1.00 110.37 ? 52  ARG A H    1 
ATOM 578  H HA   . ARG A 1 53  ? 9.535   -2.787  -0.680  1.00 113.38 ? 52  ARG A HA   1 
ATOM 579  H HB2  . ARG A 1 53  ? 8.056   -3.459  -2.978  1.00 122.09 ? 52  ARG A HB2  1 
ATOM 580  H HB3  . ARG A 1 53  ? 9.053   -2.224  -2.878  1.00 122.09 ? 52  ARG A HB3  1 
ATOM 581  H HG2  . ARG A 1 53  ? 10.856  -3.727  -2.811  1.00 127.25 ? 52  ARG A HG2  1 
ATOM 582  H HG3  . ARG A 1 53  ? 9.833   -4.927  -3.011  1.00 127.25 ? 52  ARG A HG3  1 
ATOM 583  H HD2  . ARG A 1 53  ? 9.076   -3.741  -4.999  1.00 146.79 ? 52  ARG A HD2  1 
ATOM 584  H HD3  . ARG A 1 53  ? 10.392  -2.862  -4.853  1.00 146.79 ? 52  ARG A HD3  1 
ATOM 585  H HE   . ARG A 1 53  ? 11.151  -5.333  -5.083  1.00 129.45 ? 52  ARG A HE   1 
ATOM 586  H HH11 . ARG A 1 53  ? 9.742   -3.084  -7.053  1.00 142.43 ? 52  ARG A HH11 1 
ATOM 587  H HH12 . ARG A 1 53  ? 10.215  -3.664  -8.342  1.00 142.43 ? 52  ARG A HH12 1 
ATOM 588  H HH21 . ARG A 1 53  ? 11.868  -6.217  -7.064  1.00 153.04 ? 52  ARG A HH21 1 
ATOM 589  H HH22 . ARG A 1 53  ? 11.499  -5.556  -8.348  1.00 153.04 ? 52  ARG A HH22 1 
ATOM 590  N N    . SER A 1 54  ? 6.321   -2.682  -0.988  1.00 92.00  ? 53  SER A N    1 
ATOM 591  C CA   . SER A 1 54  ? 5.126   -1.908  -0.676  1.00 91.28  ? 53  SER A CA   1 
ATOM 592  C C    . SER A 1 54  ? 5.070   -1.562  0.804   1.00 87.63  ? 53  SER A C    1 
ATOM 593  O O    . SER A 1 54  ? 4.689   -0.446  1.177   1.00 88.31  ? 53  SER A O    1 
ATOM 594  C CB   . SER A 1 54  ? 3.877   -2.693  -1.080  1.00 89.23  ? 53  SER A CB   1 
ATOM 595  O OG   . SER A 1 54  ? 3.832   -2.912  -2.479  1.00 85.03  ? 53  SER A OG   1 
ATOM 596  H H    . SER A 1 54  ? 6.159   -3.447  -1.346  1.00 110.90 ? 53  SER A H    1 
ATOM 597  H HA   . SER A 1 54  ? 5.145   -1.082  -1.183  1.00 110.03 ? 53  SER A HA   1 
ATOM 598  H HB2  . SER A 1 54  ? 3.887   -3.552  -0.629  1.00 107.58 ? 53  SER A HB2  1 
ATOM 599  H HB3  . SER A 1 54  ? 3.091   -2.189  -0.817  1.00 107.58 ? 53  SER A HB3  1 
ATOM 600  H HG   . SER A 1 54  ? 4.538   -3.290  -2.733  1.00 102.53 ? 53  SER A HG   1 
ATOM 601  N N    . VAL A 1 55  ? 5.438   -2.513  1.664   1.00 89.44  ? 54  VAL A N    1 
ATOM 602  C CA   . VAL A 1 55  ? 5.433   -2.268  3.102   1.00 88.85  ? 54  VAL A CA   1 
ATOM 603  C C    . VAL A 1 55  ? 6.413   -1.153  3.452   1.00 91.91  ? 54  VAL A C    1 
ATOM 604  O O    . VAL A 1 55  ? 6.092   -0.234  4.214   1.00 92.87  ? 54  VAL A O    1 
ATOM 605  C CB   . VAL A 1 55  ? 5.760   -3.562  3.868   1.00 90.68  ? 54  VAL A CB   1 
ATOM 606  H H    . VAL A 1 55  ? 5.694   -3.304  1.442   1.00 107.83 ? 54  VAL A H    1 
ATOM 607  H HA   . VAL A 1 55  ? 4.545   -1.978  3.364   1.00 107.12 ? 54  VAL A HA   1 
ATOM 608  N N    . ARG A 1 56  ? 7.626   -1.222  2.898   1.00 92.99  ? 55  ARG A N    1 
ATOM 609  C CA   . ARG A 1 56  ? 8.623   -0.193  3.178   1.00 95.83  ? 55  ARG A CA   1 
ATOM 610  C C    . ARG A 1 56  ? 8.155   1.173   2.689   1.00 88.32  ? 55  ARG A C    1 
ATOM 611  O O    . ARG A 1 56  ? 8.334   2.187   3.378   1.00 85.68  ? 55  ARG A O    1 
ATOM 612  C CB   . ARG A 1 56  ? 9.959   -0.564  2.534   1.00 86.82  ? 55  ARG A CB   1 
ATOM 613  C CG   . ARG A 1 56  ? 10.701  -1.680  3.251   1.00 78.47  ? 55  ARG A CG   1 
ATOM 614  H H    . ARG A 1 56  ? 7.894   -1.843  2.367   1.00 112.09 ? 55  ARG A H    1 
ATOM 615  H HA   . ARG A 1 56  ? 8.757   -0.140  4.138   1.00 115.50 ? 55  ARG A HA   1 
ATOM 616  H HB2  . ARG A 1 56  ? 9.794   -0.855  1.624   1.00 104.68 ? 55  ARG A HB2  1 
ATOM 617  H HB3  . ARG A 1 56  ? 10.532  0.218   2.535   1.00 104.68 ? 55  ARG A HB3  1 
ATOM 618  N N    . ILE A 1 57  ? 7.539   1.221   1.506   1.00 87.44  ? 56  ILE A N    1 
ATOM 619  C CA   . ILE A 1 57  ? 7.099   2.499   0.960   1.00 86.11  ? 56  ILE A CA   1 
ATOM 620  C C    . ILE A 1 57  ? 5.965   3.074   1.802   1.00 91.05  ? 56  ILE A C    1 
ATOM 621  O O    . ILE A 1 57  ? 5.912   4.283   2.050   1.00 89.33  ? 56  ILE A O    1 
ATOM 622  C CB   . ILE A 1 57  ? 6.669   2.353   -0.508  1.00 80.29  ? 56  ILE A CB   1 
ATOM 623  C CG1  . ILE A 1 57  ? 7.808   1.803   -1.361  1.00 89.33  ? 56  ILE A CG1  1 
ATOM 624  C CG2  . ILE A 1 57  ? 6.250   3.716   -1.055  1.00 88.94  ? 56  ILE A CG2  1 
ATOM 625  C CD1  . ILE A 1 57  ? 7.359   1.329   -2.724  1.00 86.41  ? 56  ILE A CD1  1 
ATOM 626  H H    . ILE A 1 57  ? 7.367   0.540   1.008   1.00 105.43 ? 56  ILE A H    1 
ATOM 627  H HA   . ILE A 1 57  ? 7.852   3.109   0.992   1.00 103.83 ? 56  ILE A HA   1 
ATOM 628  H HB   . ILE A 1 57  ? 5.926   1.731   -0.543  1.00 96.85  ? 56  ILE A HB   1 
ATOM 629  H HG12 . ILE A 1 57  ? 8.468   2.501   -1.491  1.00 107.69 ? 56  ILE A HG12 1 
ATOM 630  H HG13 . ILE A 1 57  ? 8.209   1.049   -0.901  1.00 107.69 ? 56  ILE A HG13 1 
ATOM 631  H HG21 . ILE A 1 57  ? 6.172   3.658   -2.020  1.00 107.23 ? 56  ILE A HG21 1 
ATOM 632  H HG22 . ILE A 1 57  ? 5.395   3.961   -0.668  1.00 107.23 ? 56  ILE A HG22 1 
ATOM 633  H HG23 . ILE A 1 57  ? 6.922   4.372   -0.816  1.00 107.23 ? 56  ILE A HG23 1 
ATOM 634  H HD11 . ILE A 1 57  ? 8.042   0.751   -3.099  1.00 104.20 ? 56  ILE A HD11 1 
ATOM 635  H HD12 . ILE A 1 57  ? 6.527   0.840   -2.630  1.00 104.20 ? 56  ILE A HD12 1 
ATOM 636  H HD13 . ILE A 1 57  ? 7.226   2.100   -3.299  1.00 104.20 ? 56  ILE A HD13 1 
ATOM 637  N N    . VAL A 1 58  ? 5.029   2.225   2.236   1.00 89.72  ? 57  VAL A N    1 
ATOM 638  C CA   . VAL A 1 58  ? 3.929   2.711   3.060   1.00 83.68  ? 57  VAL A CA   1 
ATOM 639  C C    . VAL A 1 58  ? 4.450   3.180   4.411   1.00 94.60  ? 57  VAL A C    1 
ATOM 640  O O    . VAL A 1 58  ? 3.953   4.160   4.972   1.00 93.56  ? 57  VAL A O    1 
ATOM 641  C CB   . VAL A 1 58  ? 2.847   1.629   3.215   1.00 90.59  ? 57  VAL A CB   1 
ATOM 642  C CG1  . VAL A 1 58  ? 1.785   2.083   4.209   1.00 87.35  ? 57  VAL A CG1  1 
ATOM 643  C CG2  . VAL A 1 58  ? 2.207   1.322   1.870   1.00 80.86  ? 57  VAL A CG2  1 
ATOM 644  H H    . VAL A 1 58  ? 5.010   1.381   2.070   1.00 108.17 ? 57  VAL A H    1 
ATOM 645  H HA   . VAL A 1 58  ? 3.524   3.468   2.611   1.00 100.91 ? 57  VAL A HA   1 
ATOM 646  H HB   . VAL A 1 58  ? 3.258   0.817   3.552   1.00 109.20 ? 57  VAL A HB   1 
ATOM 647  H HG11 . VAL A 1 58  ? 0.991   1.538   4.094   1.00 105.31 ? 57  VAL A HG11 1 
ATOM 648  H HG12 . VAL A 1 58  ? 2.130   1.977   5.110   1.00 105.31 ? 57  VAL A HG12 1 
ATOM 649  H HG13 . VAL A 1 58  ? 1.574   3.015   4.043   1.00 105.31 ? 57  VAL A HG13 1 
ATOM 650  H HG21 . VAL A 1 58  ? 1.594   0.578   1.974   1.00 97.53  ? 57  VAL A HG21 1 
ATOM 651  H HG22 . VAL A 1 58  ? 1.727   2.107   1.563   1.00 97.53  ? 57  VAL A HG22 1 
ATOM 652  H HG23 . VAL A 1 58  ? 2.903   1.092   1.235   1.00 97.53  ? 57  VAL A HG23 1 
ATOM 653  N N    . LYS A 1 59  ? 5.461   2.496   4.955   1.00 90.64  ? 58  LYS A N    1 
ATOM 654  C CA   . LYS A 1 59  ? 6.088   2.971   6.184   1.00 89.27  ? 58  LYS A CA   1 
ATOM 655  C C    . LYS A 1 59  ? 6.707   4.348   5.976   1.00 84.04  ? 58  LYS A C    1 
ATOM 656  O O    . LYS A 1 59  ? 6.542   5.249   6.811   1.00 87.07  ? 58  LYS A O    1 
ATOM 657  C CB   . LYS A 1 59  ? 7.143   1.964   6.648   1.00 74.04  ? 58  LYS A CB   1 
ATOM 658  H H    . LYS A 1 59  ? 5.795   1.769   4.639   1.00 109.27 ? 58  LYS A H    1 
ATOM 659  H HA   . LYS A 1 59  ? 5.418   3.044   6.881   1.00 107.62 ? 58  LYS A HA   1 
ATOM 660  N N    . THR A 1 60  ? 7.411   4.531   4.860   1.00 80.92  ? 59  THR A N    1 
ATOM 661  C CA   . THR A 1 60  ? 8.017   5.826   4.574   1.00 87.28  ? 59  THR A CA   1 
ATOM 662  C C    . THR A 1 60  ? 6.956   6.911   4.430   1.00 83.05  ? 59  THR A C    1 
ATOM 663  O O    . THR A 1 60  ? 7.132   8.029   4.922   1.00 91.32  ? 59  THR A O    1 
ATOM 664  C CB   . THR A 1 60  ? 8.872   5.740   3.307   1.00 100.17 ? 59  THR A CB   1 
ATOM 665  O OG1  . THR A 1 60  ? 9.916   4.777   3.500   1.00 98.07  ? 59  THR A OG1  1 
ATOM 666  C CG2  . THR A 1 60  ? 9.487   7.099   2.975   1.00 103.61 ? 59  THR A CG2  1 
ATOM 667  H H    . THR A 1 60  ? 7.552   3.932   4.259   1.00 97.61  ? 59  THR A H    1 
ATOM 668  H HA   . THR A 1 60  ? 8.598   6.069   5.312   1.00 105.23 ? 59  THR A HA   1 
ATOM 669  H HB   . THR A 1 60  ? 8.316   5.470   2.561   1.00 120.71 ? 59  THR A HB   1 
ATOM 670  H HG1  . THR A 1 60  ? 9.588   4.040   3.738   1.00 118.18 ? 59  THR A HG1  1 
ATOM 671  H HG21 . THR A 1 60  ? 10.181  6.994   2.306   1.00 124.83 ? 59  THR A HG21 1 
ATOM 672  H HG22 . THR A 1 60  ? 8.805   7.696   2.630   1.00 124.83 ? 59  THR A HG22 1 
ATOM 673  H HG23 . THR A 1 60  ? 9.874   7.492   3.773   1.00 124.83 ? 59  THR A HG23 1 
ATOM 674  N N    . VAL A 1 61  ? 5.843   6.603   3.763   1.00 87.59  ? 60  VAL A N    1 
ATOM 675  C CA   . VAL A 1 61  ? 4.791   7.600   3.590   1.00 96.11  ? 60  VAL A CA   1 
ATOM 676  C C    . VAL A 1 61  ? 4.117   7.903   4.923   1.00 84.96  ? 60  VAL A C    1 
ATOM 677  O O    . VAL A 1 61  ? 3.734   9.042   5.197   1.00 86.43  ? 60  VAL A O    1 
ATOM 678  C CB   . VAL A 1 61  ? 3.767   7.145   2.536   1.00 99.51  ? 60  VAL A CB   1 
ATOM 679  C CG1  . VAL A 1 61  ? 2.621   8.155   2.438   1.00 92.01  ? 60  VAL A CG1  1 
ATOM 680  C CG2  . VAL A 1 61  ? 4.435   6.967   1.184   1.00 96.02  ? 60  VAL A CG2  1 
ATOM 681  H H    . VAL A 1 61  ? 5.674   5.837   3.409   1.00 105.61 ? 60  VAL A H    1 
ATOM 682  H HA   . VAL A 1 61  ? 5.206   8.415   3.266   1.00 115.83 ? 60  VAL A HA   1 
ATOM 683  H HB   . VAL A 1 61  ? 3.400   6.290   2.804   1.00 119.91 ? 60  VAL A HB   1 
ATOM 684  H HG11 . VAL A 1 61  ? 2.113   7.980   1.630   1.00 110.92 ? 60  VAL A HG11 1 
ATOM 685  H HG12 . VAL A 1 61  ? 2.048   8.058   3.215   1.00 110.92 ? 60  VAL A HG12 1 
ATOM 686  H HG13 . VAL A 1 61  ? 2.990   9.051   2.409   1.00 110.92 ? 60  VAL A HG13 1 
ATOM 687  H HG21 . VAL A 1 61  ? 3.877   6.401   0.628   1.00 115.73 ? 60  VAL A HG21 1 
ATOM 688  H HG22 . VAL A 1 61  ? 4.542   7.836   0.767   1.00 115.73 ? 60  VAL A HG22 1 
ATOM 689  H HG23 . VAL A 1 61  ? 5.302   6.553   1.312   1.00 115.73 ? 60  VAL A HG23 1 
ATOM 690  N N    . ILE A 1 62  ? 3.952   6.883   5.771   1.00 91.97  ? 61  ILE A N    1 
ATOM 691  C CA   . ILE A 1 62  ? 3.349   7.100   7.082   1.00 101.03 ? 61  ILE A CA   1 
ATOM 692  C C    . ILE A 1 62  ? 4.235   8.009   7.919   1.00 104.45 ? 61  ILE A C    1 
ATOM 693  O O    . ILE A 1 62  ? 3.745   8.897   8.621   1.00 104.44 ? 61  ILE A O    1 
ATOM 694  C CB   . ILE A 1 62  ? 3.092   5.754   7.786   1.00 79.02  ? 61  ILE A CB   1 
ATOM 695  H H    . ILE A 1 62  ? 4.176   6.067   5.613   1.00 110.87 ? 61  ILE A H    1 
ATOM 696  H HA   . ILE A 1 62  ? 2.492   7.539   6.961   1.00 121.74 ? 61  ILE A HA   1 
ATOM 697  N N    . LYS A 1 63  ? 5.556   7.820   7.840   1.00 95.69  ? 62  LYS A N    1 
ATOM 698  C CA   . LYS A 1 63  ? 6.470   8.689   8.577   1.00 95.84  ? 62  LYS A CA   1 
ATOM 699  C C    . LYS A 1 63  ? 6.519   10.091  7.975   1.00 103.40 ? 62  LYS A C    1 
ATOM 700  O O    . LYS A 1 63  ? 6.657   11.080  8.701   1.00 111.51 ? 62  LYS A O    1 
ATOM 701  C CB   . LYS A 1 63  ? 7.870   8.079   8.614   1.00 87.69  ? 62  LYS A CB   1 
ATOM 702  H H    . LYS A 1 63  ? 5.942   7.207   7.375   1.00 115.33 ? 62  LYS A H    1 
ATOM 703  H HA   . LYS A 1 63  ? 6.150   8.762   9.489   1.00 115.51 ? 62  LYS A HA   1 
ATOM 704  N N    . ILE A 1 64  ? 6.410   10.198  6.646   1.00 96.90  ? 63  ILE A N    1 
ATOM 705  C CA   . ILE A 1 64  ? 6.382   11.510  6.002   1.00 95.82  ? 63  ILE A CA   1 
ATOM 706  C C    . ILE A 1 64  ? 5.150   12.288  6.444   1.00 93.70  ? 63  ILE A C    1 
ATOM 707  O O    . ILE A 1 64  ? 5.228   13.481  6.766   1.00 96.11  ? 63  ILE A O    1 
ATOM 708  C CB   . ILE A 1 64  ? 6.434   11.357  4.471   1.00 84.66  ? 63  ILE A CB   1 
ATOM 709  H H    . ILE A 1 64  ? 6.352   9.536   6.101   1.00 116.78 ? 63  ILE A H    1 
ATOM 710  H HA   . ILE A 1 64  ? 7.168   12.006  6.281   1.00 115.48 ? 63  ILE A HA   1 
ATOM 711  N N    . PHE A 1 65  ? 3.992   11.631  6.476   1.00 93.54  ? 64  PHE A N    1 
ATOM 712  C CA   . PHE A 1 65  ? 2.821   12.328  6.970   1.00 90.25  ? 64  PHE A CA   1 
ATOM 713  C C    . PHE A 1 65  ? 2.831   12.470  8.486   1.00 100.98 ? 64  PHE A C    1 
ATOM 714  O O    . PHE A 1 65  ? 2.196   13.379  8.997   1.00 115.19 ? 64  PHE A O    1 
ATOM 715  C CB   . PHE A 1 65  ? 1.506   11.680  6.554   1.00 93.33  ? 64  PHE A CB   1 
ATOM 716  C CG   . PHE A 1 65  ? 1.135   11.928  5.122   1.00 96.35  ? 64  PHE A CG   1 
ATOM 717  C CD1  . PHE A 1 65  ? 2.048   12.455  4.223   1.00 105.15 ? 64  PHE A CD1  1 
ATOM 718  C CD2  . PHE A 1 65  ? -0.171  11.759  4.710   1.00 86.80  ? 64  PHE A CD2  1 
ATOM 719  C CE1  . PHE A 1 65  ? 1.688   12.704  2.919   1.00 91.33  ? 64  PHE A CE1  1 
ATOM 720  C CE2  . PHE A 1 65  ? -0.540  12.024  3.415   1.00 92.22  ? 64  PHE A CE2  1 
ATOM 721  C CZ   . PHE A 1 65  ? 0.389   12.501  2.518   1.00 87.26  ? 64  PHE A CZ   1 
ATOM 722  H H    . PHE A 1 65  ? 3.868   10.817  6.227   1.00 112.75 ? 64  PHE A H    1 
ATOM 723  H HA   . PHE A 1 65  ? 2.835   13.205  6.554   1.00 108.80 ? 64  PHE A HA   1 
ATOM 724  H HB2  . PHE A 1 65  ? 1.578   10.720  6.679   1.00 112.50 ? 64  PHE A HB2  1 
ATOM 725  H HB3  . PHE A 1 65  ? 0.793   12.035  7.109   1.00 112.50 ? 64  PHE A HB3  1 
ATOM 726  H HD1  . PHE A 1 65  ? 2.914   12.643  4.504   1.00 126.68 ? 64  PHE A HD1  1 
ATOM 727  H HD2  . PHE A 1 65  ? -0.809  11.461  5.317   1.00 104.66 ? 64  PHE A HD2  1 
ATOM 728  H HE1  . PHE A 1 65  ? 2.321   13.010  2.311   1.00 110.10 ? 64  PHE A HE1  1 
ATOM 729  H HE2  . PHE A 1 65  ? -1.418  11.882  3.143   1.00 111.16 ? 64  PHE A HE2  1 
ATOM 730  H HZ   . PHE A 1 65  ? 0.138   12.685  1.643   1.00 105.21 ? 64  PHE A HZ   1 
ATOM 731  N N    . GLU A 1 66  ? 3.547   11.625  9.218   1.00 92.30  ? 65  GLU A N    1 
ATOM 732  C CA   . GLU A 1 66  ? 3.717   11.881  10.643  1.00 104.79 ? 65  GLU A CA   1 
ATOM 733  C C    . GLU A 1 66  ? 4.470   13.191  10.850  1.00 107.78 ? 65  GLU A C    1 
ATOM 734  O O    . GLU A 1 66  ? 4.046   14.054  11.630  1.00 108.26 ? 65  GLU A O    1 
ATOM 735  C CB   . GLU A 1 66  ? 4.451   10.715  11.303  1.00 118.25 ? 65  GLU A CB   1 
ATOM 736  H H    . GLU A 1 66  ? 3.934   10.915  8.925   1.00 111.26 ? 65  GLU A H    1 
ATOM 737  H HA   . GLU A 1 66  ? 2.847   11.953  11.067  1.00 126.25 ? 65  GLU A HA   1 
ATOM 738  N N    . ASP A 1 67  ? 5.602   13.336  10.154  1.00 108.09 ? 66  ASP A N    1 
ATOM 739  C CA   . ASP A 1 67  ? 6.311   14.611  10.068  1.00 114.64 ? 66  ASP A CA   1 
ATOM 740  C C    . ASP A 1 67  ? 5.355   15.761  9.786   1.00 107.41 ? 66  ASP A C    1 
ATOM 741  O O    . ASP A 1 67  ? 5.266   16.727  10.559  1.00 99.83  ? 66  ASP A O    1 
ATOM 742  C CB   . ASP A 1 67  ? 7.368   14.533  8.958   1.00 116.53 ? 66  ASP A CB   1 
ATOM 743  C CG   . ASP A 1 67  ? 8.588   13.727  9.358   1.00 126.39 ? 66  ASP A CG   1 
ATOM 744  O OD1  . ASP A 1 67  ? 8.959   13.753  10.548  1.00 139.38 ? 66  ASP A OD1  1 
ATOM 745  O OD2  . ASP A 1 67  ? 9.180   13.069  8.478   1.00 129.41 ? 66  ASP A OD2  1 
ATOM 746  H H    . ASP A 1 67  ? 5.986   12.703  9.717   1.00 130.21 ? 66  ASP A H    1 
ATOM 747  H HA   . ASP A 1 67  ? 6.750   14.777  10.918  1.00 138.07 ? 66  ASP A HA   1 
ATOM 748  H HB2  . ASP A 1 67  ? 6.974   14.112  8.178   1.00 140.34 ? 66  ASP A HB2  1 
ATOM 749  H HB3  . ASP A 1 67  ? 7.661   15.430  8.739   1.00 140.34 ? 66  ASP A HB3  1 
ATOM 750  N N    . SER A 1 68  ? 4.655   15.685  8.650   1.00 116.83 ? 67  SER A N    1 
ATOM 751  C CA   . SER A 1 68  ? 3.769   16.766  8.238   1.00 111.51 ? 67  SER A CA   1 
ATOM 752  C C    . SER A 1 68  ? 2.691   17.034  9.283   1.00 110.89 ? 67  SER A C    1 
ATOM 753  O O    . SER A 1 68  ? 2.379   18.191  9.579   1.00 114.64 ? 67  SER A O    1 
ATOM 754  C CB   . SER A 1 68  ? 3.133   16.429  6.888   1.00 85.74  ? 67  SER A CB   1 
ATOM 755  H H    . SER A 1 68  ? 4.676   15.021  8.104   1.00 140.70 ? 67  SER A H    1 
ATOM 756  H HA   . SER A 1 68  ? 4.291   17.577  8.136   1.00 134.31 ? 67  SER A HA   1 
ATOM 757  N N    . VAL A 1 69  ? 2.134   15.976  9.874   1.00 108.66 ? 68  VAL A N    1 
ATOM 758  C CA   . VAL A 1 69  ? 1.000   16.117  10.777  1.00 113.43 ? 68  VAL A CA   1 
ATOM 759  C C    . VAL A 1 69  ? 1.430   16.798  12.068  1.00 117.37 ? 68  VAL A C    1 
ATOM 760  O O    . VAL A 1 69  ? 0.760   17.714  12.554  1.00 116.90 ? 68  VAL A O    1 
ATOM 761  C CB   . VAL A 1 69  ? 0.368   14.737  11.052  1.00 98.42  ? 68  VAL A CB   1 
ATOM 762  C CG1  . VAL A 1 69  ? -0.726  14.838  12.110  1.00 105.11 ? 68  VAL A CG1  1 
ATOM 763  C CG2  . VAL A 1 69  ? -0.205  14.138  9.770   1.00 111.85 ? 68  VAL A CG2  1 
ATOM 764  H H    . VAL A 1 69  ? 2.396   15.164  9.768   1.00 130.89 ? 68  VAL A H    1 
ATOM 765  H HA   . VAL A 1 69  ? 0.332   16.677  10.354  1.00 136.62 ? 68  VAL A HA   1 
ATOM 766  H HB   . VAL A 1 69  ? 1.065   14.150  11.385  1.00 118.61 ? 68  VAL A HB   1 
ATOM 767  H HG11 . VAL A 1 69  ? -1.122  13.962  12.239  1.00 126.64 ? 68  VAL A HG11 1 
ATOM 768  H HG12 . VAL A 1 69  ? -0.335  15.150  12.941  1.00 126.64 ? 68  VAL A HG12 1 
ATOM 769  H HG13 . VAL A 1 69  ? -1.403  15.465  11.807  1.00 126.64 ? 68  VAL A HG13 1 
ATOM 770  H HG21 . VAL A 1 69  ? 0.034   13.199  9.727   1.00 134.72 ? 68  VAL A HG21 1 
ATOM 771  H HG22 . VAL A 1 69  ? -1.169  14.234  9.780   1.00 134.72 ? 68  VAL A HG22 1 
ATOM 772  H HG23 . VAL A 1 69  ? 0.167   14.608  9.007   1.00 134.72 ? 68  VAL A HG23 1 
ATOM 773  N N    . ARG A 1 70  ? 2.550   16.364  12.651  1.00 114.98 ? 69  ARG A N    1 
ATOM 774  C CA   . ARG A 1 70  ? 2.993   16.997  13.888  1.00 120.22 ? 69  ARG A CA   1 
ATOM 775  C C    . ARG A 1 70  ? 3.463   18.426  13.629  1.00 125.87 ? 69  ARG A C    1 
ATOM 776  O O    . ARG A 1 70  ? 3.169   19.339  14.416  1.00 130.28 ? 69  ARG A O    1 
ATOM 777  C CB   . ARG A 1 70  ? 4.081   16.160  14.563  1.00 119.67 ? 69  ARG A CB   1 
ATOM 778  C CG   . ARG A 1 70  ? 5.393   16.021  13.812  1.00 119.10 ? 69  ARG A CG   1 
ATOM 779  C CD   . ARG A 1 70  ? 6.347   15.116  14.600  1.00 120.03 ? 69  ARG A CD   1 
ATOM 780  N NE   . ARG A 1 70  ? 7.674   15.025  13.994  1.00 123.51 ? 69  ARG A NE   1 
ATOM 781  C CZ   . ARG A 1 70  ? 8.076   14.066  13.159  1.00 124.60 ? 69  ARG A CZ   1 
ATOM 782  N NH1  . ARG A 1 70  ? 7.269   13.065  12.820  1.00 96.88  ? 69  ARG A NH1  1 
ATOM 783  N NH2  . ARG A 1 70  ? 9.308   14.104  12.674  1.00 130.54 ? 69  ARG A NH2  1 
ATOM 784  H H    . ARG A 1 70  ? 3.052   15.728  12.362  1.00 138.48 ? 69  ARG A H    1 
ATOM 785  H HA   . ARG A 1 70  ? 2.248   17.037  14.508  1.00 144.77 ? 69  ARG A HA   1 
ATOM 786  H HB2  . ARG A 1 70  ? 4.287   16.567  15.419  1.00 144.10 ? 69  ARG A HB2  1 
ATOM 787  H HB3  . ARG A 1 70  ? 3.733   15.264  14.696  1.00 144.10 ? 69  ARG A HB3  1 
ATOM 788  H HG2  . ARG A 1 70  ? 5.231   15.621  12.942  1.00 143.42 ? 69  ARG A HG2  1 
ATOM 789  H HG3  . ARG A 1 70  ? 5.804   16.892  13.706  1.00 143.42 ? 69  ARG A HG3  1 
ATOM 790  H HD2  . ARG A 1 70  ? 6.451   15.472  15.496  1.00 144.54 ? 69  ARG A HD2  1 
ATOM 791  H HD3  . ARG A 1 70  ? 5.974   14.221  14.638  1.00 144.54 ? 69  ARG A HD3  1 
ATOM 792  H HE   . ARG A 1 70  ? 8.242   15.640  14.192  1.00 148.71 ? 69  ARG A HE   1 
ATOM 793  H HH11 . ARG A 1 70  ? 6.472   13.029  13.141  1.00 116.76 ? 69  ARG A HH11 1 
ATOM 794  H HH12 . ARG A 1 70  ? 7.544   12.455  12.281  1.00 116.76 ? 69  ARG A HH12 1 
ATOM 795  H HH21 . ARG A 1 70  ? 9.839   14.744  12.898  1.00 157.15 ? 69  ARG A HH21 1 
ATOM 796  H HH22 . ARG A 1 70  ? 9.578   13.492  12.134  1.00 157.15 ? 69  ARG A HH22 1 
ATOM 797  N N    . LYS A 1 71  ? 4.153   18.654  12.506  1.00 128.68 ? 70  LYS A N    1 
ATOM 798  C CA   . LYS A 1 71  ? 4.554   20.013  12.161  1.00 117.79 ? 70  LYS A CA   1 
ATOM 799  C C    . LYS A 1 71  ? 3.340   20.920  12.001  1.00 116.42 ? 70  LYS A C    1 
ATOM 800  O O    . LYS A 1 71  ? 3.368   22.086  12.411  1.00 110.87 ? 70  LYS A O    1 
ATOM 801  C CB   . LYS A 1 71  ? 5.391   19.995  10.882  1.00 110.65 ? 70  LYS A CB   1 
ATOM 802  H H    . LYS A 1 71  ? 4.395   18.053  11.941  1.00 154.92 ? 70  LYS A H    1 
ATOM 803  H HA   . LYS A 1 71  ? 5.104   20.375  12.874  1.00 141.85 ? 70  LYS A HA   1 
ATOM 804  N N    . LYS A 1 72  ? 2.258   20.399  11.413  1.00 117.65 ? 71  LYS A N    1 
ATOM 805  C CA   . LYS A 1 72  ? 1.042   21.189  11.259  1.00 119.38 ? 71  LYS A CA   1 
ATOM 806  C C    . LYS A 1 72  ? 0.357   21.405  12.599  1.00 120.12 ? 71  LYS A C    1 
ATOM 807  O O    . LYS A 1 72  ? -0.239  22.465  12.829  1.00 122.99 ? 71  LYS A O    1 
ATOM 808  C CB   . LYS A 1 72  ? 0.093   20.495  10.280  1.00 104.56 ? 71  LYS A CB   1 
ATOM 809  C CG   . LYS A 1 72  ? -1.153  21.296  9.957   1.00 65.59  ? 71  LYS A CG   1 
ATOM 810  H H    . LYS A 1 72  ? 2.203   19.601  11.099  1.00 141.68 ? 71  LYS A H    1 
ATOM 811  H HA   . LYS A 1 72  ? 1.268   22.057  10.890  1.00 143.76 ? 71  LYS A HA   1 
ATOM 812  H HB2  . LYS A 1 72  ? 0.566   20.336  9.449   1.00 125.97 ? 71  LYS A HB2  1 
ATOM 813  H HB3  . LYS A 1 72  ? -0.190  19.652  10.667  1.00 125.97 ? 71  LYS A HB3  1 
ATOM 814  N N    . GLU A 1 73  ? 0.427   20.411  13.483  1.00 116.23 ? 72  GLU A N    1 
ATOM 815  C CA   . GLU A 1 73  ? -0.035  20.598  14.851  1.00 123.57 ? 72  GLU A CA   1 
ATOM 816  C C    . GLU A 1 73  ? 0.715   21.737  15.519  1.00 131.84 ? 72  GLU A C    1 
ATOM 817  O O    . GLU A 1 73  ? 0.169   22.412  16.401  1.00 131.49 ? 72  GLU A O    1 
ATOM 818  C CB   . GLU A 1 73  ? 0.140   19.301  15.641  1.00 114.45 ? 72  GLU A CB   1 
ATOM 819  H H    . GLU A 1 73  ? 0.735   19.625  13.317  1.00 139.98 ? 72  GLU A H    1 
ATOM 820  H HA   . GLU A 1 73  ? -0.980  20.815  14.849  1.00 148.79 ? 72  GLU A HA   1 
ATOM 821  N N    . LYS A 1 74  ? 1.960   21.977  15.102  1.00 126.37 ? 73  LYS A N    1 
ATOM 822  C CA   . LYS A 1 74  ? 2.756   23.069  15.642  1.00 117.35 ? 73  LYS A CA   1 
ATOM 823  C C    . LYS A 1 74  ? 2.342   24.435  15.099  1.00 127.11 ? 73  LYS A C    1 
ATOM 824  O O    . LYS A 1 74  ? 3.137   25.382  15.176  1.00 133.75 ? 73  LYS A O    1 
ATOM 825  C CB   . LYS A 1 74  ? 4.242   22.831  15.364  1.00 103.61 ? 73  LYS A CB   1 
ATOM 826  H H    . LYS A 1 74  ? 2.364   21.514  14.501  1.00 152.15 ? 73  LYS A H    1 
ATOM 827  H HA   . LYS A 1 74  ? 2.630   23.082  16.603  1.00 141.32 ? 73  LYS A HA   1 
ATOM 828  N N    . ARG A 1 75  ? 1.145   24.571  14.542  1.00 129.89 ? 74  ARG A N    1 
ATOM 829  C CA   . ARG A 1 75  ? 0.711   25.827  13.952  1.00 128.31 ? 74  ARG A CA   1 
ATOM 830  C C    . ARG A 1 75  ? -0.797  25.905  13.987  1.00 139.84 ? 74  ARG A C    1 
ATOM 831  O O    . ARG A 1 75  ? -1.479  24.875  14.144  1.00 123.37 ? 74  ARG A O    1 
ATOM 832  C CB   . ARG A 1 75  ? 1.219   25.972  12.510  1.00 111.01 ? 74  ARG A CB   1 
ATOM 833  H H    . ARG A 1 75  ? 0.562   23.942  14.494  1.00 156.37 ? 74  ARG A H    1 
ATOM 834  H HA   . ARG A 1 75  ? 1.057   26.561  14.483  1.00 154.47 ? 74  ARG A HA   1 
ATOM 835  N N    . PRO A 1 76  ? -1.382  27.114  13.860  1.00 154.10 ? 75  PRO A N    1 
ATOM 836  C CA   . PRO A 1 76  ? -2.825  27.344  13.728  1.00 154.32 ? 75  PRO A CA   1 
ATOM 837  C C    . PRO A 1 76  ? -3.299  27.309  12.275  1.00 128.05 ? 75  PRO A C    1 
ATOM 838  O O    . PRO A 1 76  ? -3.285  28.352  11.617  1.00 104.69 ? 75  PRO A O    1 
ATOM 839  C CB   . PRO A 1 76  ? -3.010  28.745  14.316  1.00 144.47 ? 75  PRO A CB   1 
ATOM 840  C CG   . PRO A 1 76  ? -1.733  29.434  13.981  1.00 149.86 ? 75  PRO A CG   1 
ATOM 841  C CD   . PRO A 1 76  ? -0.648  28.383  14.061  1.00 156.46 ? 75  PRO A CD   1 
ATOM 842  H HA   . PRO A 1 76  ? -3.325  26.695  14.249  1.00 185.68 ? 75  PRO A HA   1 
ATOM 843  H HB2  . PRO A 1 76  ? -3.767  29.186  13.902  1.00 173.86 ? 75  PRO A HB2  1 
ATOM 844  H HB3  . PRO A 1 76  ? -3.141  28.693  15.276  1.00 173.86 ? 75  PRO A HB3  1 
ATOM 845  H HG2  . PRO A 1 76  ? -1.788  29.801  13.084  1.00 180.33 ? 75  PRO A HG2  1 
ATOM 846  H HG3  . PRO A 1 76  ? -1.569  30.144  14.622  1.00 180.33 ? 75  PRO A HG3  1 
ATOM 847  H HD2  . PRO A 1 76  ? 0.011   28.515  13.361  1.00 188.26 ? 75  PRO A HD2  1 
ATOM 848  H HD3  . PRO A 1 76  ? -0.217  28.398  14.930  1.00 188.26 ? 75  PRO A HD3  1 
ATOM 849  N N    . ASP A 1 81  ? -3.916  28.475  0.099   1.00 176.25 ? 80  ASP A N    1 
ATOM 850  C CA   . ASP A 1 81  ? -2.806  27.546  0.280   1.00 169.63 ? 80  ASP A CA   1 
ATOM 851  C C    . ASP A 1 81  ? -3.303  26.199  0.798   1.00 168.22 ? 80  ASP A C    1 
ATOM 852  O O    . ASP A 1 81  ? -2.799  25.145  0.404   1.00 163.11 ? 80  ASP A O    1 
ATOM 853  C CB   . ASP A 1 81  ? -1.773  28.132  1.244   1.00 154.07 ? 80  ASP A CB   1 
ATOM 854  H HA   . ASP A 1 81  ? -2.369  27.399  -0.573  1.00 204.06 ? 80  ASP A HA   1 
ATOM 855  N N    . ASP A 1 82  ? -4.306  26.241  1.681   1.00 175.62 ? 81  ASP A N    1 
ATOM 856  C CA   . ASP A 1 82  ? -4.850  25.011  2.244   1.00 176.50 ? 81  ASP A CA   1 
ATOM 857  C C    . ASP A 1 82  ? -5.631  24.209  1.212   1.00 164.15 ? 81  ASP A C    1 
ATOM 858  O O    . ASP A 1 82  ? -5.708  22.980  1.316   1.00 163.58 ? 81  ASP A O    1 
ATOM 859  C CB   . ASP A 1 82  ? -5.752  25.328  3.439   1.00 165.22 ? 81  ASP A CB   1 
ATOM 860  C CG   . ASP A 1 82  ? -4.974  25.772  4.657   1.00 168.52 ? 81  ASP A CG   1 
ATOM 861  O OD1  . ASP A 1 82  ? -3.821  25.322  4.819   1.00 179.76 ? 81  ASP A OD1  1 
ATOM 862  O OD2  . ASP A 1 82  ? -5.514  26.566  5.454   1.00 169.86 ? 81  ASP A OD2  1 
ATOM 863  H H    . ASP A 1 82  ? -4.683  26.959  1.966   1.00 211.24 ? 81  ASP A H    1 
ATOM 864  H HA   . ASP A 1 82  ? -4.109  24.467  2.555   1.00 212.31 ? 81  ASP A HA   1 
ATOM 865  H HB2  . ASP A 1 82  ? -6.360  26.044  3.194   1.00 198.76 ? 81  ASP A HB2  1 
ATOM 866  H HB3  . ASP A 1 82  ? -6.254  24.533  3.677   1.00 198.76 ? 81  ASP A HB3  1 
ATOM 867  N N    . LYS A 1 83  ? -6.224  24.880  0.222   1.00 166.37 ? 82  LYS A N    1 
ATOM 868  C CA   . LYS A 1 83  ? -7.043  24.175  -0.757  1.00 160.89 ? 82  LYS A CA   1 
ATOM 869  C C    . LYS A 1 83  ? -6.220  23.182  -1.562  1.00 155.26 ? 82  LYS A C    1 
ATOM 870  O O    . LYS A 1 83  ? -6.726  22.121  -1.941  1.00 149.25 ? 82  LYS A O    1 
ATOM 871  C CB   . LYS A 1 83  ? -7.726  25.173  -1.689  1.00 161.66 ? 82  LYS A CB   1 
ATOM 872  H H    . LYS A 1 83  ? -6.168  25.729  0.096   1.00 200.15 ? 82  LYS A H    1 
ATOM 873  H HA   . LYS A 1 83  ? -7.734  23.683  -0.286  1.00 193.56 ? 82  LYS A HA   1 
ATOM 874  N N    . GLU A 1 84  ? -4.955  23.504  -1.841  1.00 160.24 ? 83  GLU A N    1 
ATOM 875  C CA   . GLU A 1 84  ? -4.102  22.558  -2.549  1.00 155.34 ? 83  GLU A CA   1 
ATOM 876  C C    . GLU A 1 84  ? -3.864  21.315  -1.704  1.00 146.75 ? 83  GLU A C    1 
ATOM 877  O O    . GLU A 1 84  ? -3.887  20.192  -2.218  1.00 131.70 ? 83  GLU A O    1 
ATOM 878  C CB   . GLU A 1 84  ? -2.777  23.214  -2.921  1.00 152.89 ? 83  GLU A CB   1 
ATOM 879  C CG   . GLU A 1 84  ? -1.629  22.229  -3.081  1.00 157.62 ? 83  GLU A CG   1 
ATOM 880  H H    . GLU A 1 84  ? -4.576  24.248  -1.637  1.00 192.78 ? 83  GLU A H    1 
ATOM 881  H HA   . GLU A 1 84  ? -4.541  22.291  -3.372  1.00 186.91 ? 83  GLU A HA   1 
ATOM 882  H HB2  . GLU A 1 84  ? -2.887  23.680  -3.764  1.00 183.97 ? 83  GLU A HB2  1 
ATOM 883  H HB3  . GLU A 1 84  ? -2.532  23.843  -2.224  1.00 183.97 ? 83  GLU A HB3  1 
ATOM 884  N N    . LEU A 1 85  ? -3.644  21.498  -0.400  1.00 154.17 ? 84  LEU A N    1 
ATOM 885  C CA   . LEU A 1 85  ? -3.517  20.352  0.491   1.00 150.89 ? 84  LEU A CA   1 
ATOM 886  C C    . LEU A 1 85  ? -4.811  19.550  0.532   1.00 141.84 ? 84  LEU A C    1 
ATOM 887  O O    . LEU A 1 85  ? -4.783  18.318  0.597   1.00 145.37 ? 84  LEU A O    1 
ATOM 888  C CB   . LEU A 1 85  ? -3.121  20.820  1.890   1.00 149.32 ? 84  LEU A CB   1 
ATOM 889  H H    . LEU A 1 85  ? -3.566  22.261  -0.014  1.00 185.50 ? 84  LEU A H    1 
ATOM 890  H HA   . LEU A 1 85  ? -2.813  19.771  0.163   1.00 181.57 ? 84  LEU A HA   1 
ATOM 891  N N    . ASP A 1 86  ? -5.961  20.225  0.466   1.00 130.71 ? 85  ASP A N    1 
ATOM 892  C CA   . ASP A 1 86  ? -7.234  19.513  0.514   1.00 134.59 ? 85  ASP A CA   1 
ATOM 893  C C    . ASP A 1 86  ? -7.473  18.717  -0.767  1.00 136.94 ? 85  ASP A C    1 
ATOM 894  O O    . ASP A 1 86  ? -7.987  17.592  -0.723  1.00 139.12 ? 85  ASP A O    1 
ATOM 895  C CB   . ASP A 1 86  ? -8.376  20.500  0.757   1.00 142.69 ? 85  ASP A CB   1 
ATOM 896  C CG   . ASP A 1 86  ? -9.682  20.046  0.135   1.00 130.88 ? 85  ASP A CG   1 
ATOM 897  H H    . ASP A 1 86  ? -6.030  21.080  0.395   1.00 157.35 ? 85  ASP A H    1 
ATOM 898  H HA   . ASP A 1 86  ? -7.215  18.887  1.255   1.00 162.01 ? 85  ASP A HA   1 
ATOM 899  H HB2  . ASP A 1 86  ? -8.515  20.594  1.712   1.00 171.73 ? 85  ASP A HB2  1 
ATOM 900  H HB3  . ASP A 1 86  ? -8.141  21.358  0.369   1.00 171.73 ? 85  ASP A HB3  1 
ATOM 901  N N    . LYS A 1 87  ? -7.111  19.285  -1.918  1.00 136.28 ? 86  LYS A N    1 
ATOM 902  C CA   . LYS A 1 87  ? -7.233  18.547  -3.171  1.00 127.26 ? 86  LYS A CA   1 
ATOM 903  C C    . LYS A 1 87  ? -6.251  17.385  -3.204  1.00 126.69 ? 86  LYS A C    1 
ATOM 904  O O    . LYS A 1 87  ? -6.572  16.304  -3.713  1.00 120.18 ? 86  LYS A O    1 
ATOM 905  C CB   . LYS A 1 87  ? -7.009  19.481  -4.359  1.00 120.13 ? 86  LYS A CB   1 
ATOM 906  C CG   . LYS A 1 87  ? -6.322  18.821  -5.543  1.00 123.52 ? 86  LYS A CG   1 
ATOM 907  H H    . LYS A 1 87  ? -6.798  20.081  -2.000  1.00 164.03 ? 86  LYS A H    1 
ATOM 908  H HA   . LYS A 1 87  ? -8.133  18.192  -3.246  1.00 153.21 ? 86  LYS A HA   1 
ATOM 909  H HB2  . LYS A 1 87  ? -7.870  19.809  -4.663  1.00 144.66 ? 86  LYS A HB2  1 
ATOM 910  H HB3  . LYS A 1 87  ? -6.454  20.222  -4.071  1.00 144.66 ? 86  LYS A HB3  1 
ATOM 911  N N    . LEU A 1 88  ? -5.050  17.586  -2.655  1.00 127.90 ? 87  LEU A N    1 
ATOM 912  C CA   . LEU A 1 88  ? -4.122  16.477  -2.487  1.00 112.70 ? 87  LEU A CA   1 
ATOM 913  C C    . LEU A 1 88  ? -4.704  15.415  -1.568  1.00 110.49 ? 87  LEU A C    1 
ATOM 914  O O    . LEU A 1 88  ? -4.453  14.226  -1.762  1.00 113.83 ? 87  LEU A O    1 
ATOM 915  C CB   . LEU A 1 88  ? -2.791  16.984  -1.933  1.00 124.49 ? 87  LEU A CB   1 
ATOM 916  H H    . LEU A 1 88  ? -4.753  18.343  -2.376  1.00 153.98 ? 87  LEU A H    1 
ATOM 917  H HA   . LEU A 1 88  ? -3.949  16.074  -3.351  1.00 135.74 ? 87  LEU A HA   1 
ATOM 918  N N    . LEU A 1 89  ? -5.485  15.821  -0.566  1.00 117.23 ? 88  LEU A N    1 
ATOM 919  C CA   . LEU A 1 89  ? -6.149  14.851  0.297   1.00 120.34 ? 88  LEU A CA   1 
ATOM 920  C C    . LEU A 1 89  ? -7.163  14.035  -0.493  1.00 111.31 ? 88  LEU A C    1 
ATOM 921  O O    . LEU A 1 89  ? -7.212  12.806  -0.383  1.00 104.31 ? 88  LEU A O    1 
ATOM 922  C CB   . LEU A 1 89  ? -6.823  15.568  1.467   1.00 119.87 ? 88  LEU A CB   1 
ATOM 923  H H    . LEU A 1 89  ? -5.644  16.643  -0.367  1.00 141.17 ? 88  LEU A H    1 
ATOM 924  H HA   . LEU A 1 89  ? -5.486  14.244  0.661   1.00 144.90 ? 88  LEU A HA   1 
ATOM 925  N N    . ASP A 1 90  ? -7.993  14.713  -1.290  1.00 109.12 ? 89  ASP A N    1 
ATOM 926  C CA   . ASP A 1 90  ? -8.918  14.013  -2.178  1.00 103.97 ? 89  ASP A CA   1 
ATOM 927  C C    . ASP A 1 90  ? -8.174  13.018  -3.065  1.00 105.73 ? 89  ASP A C    1 
ATOM 928  O O    . ASP A 1 90  ? -8.599  11.868  -3.236  1.00 117.50 ? 89  ASP A O    1 
ATOM 929  C CB   . ASP A 1 90  ? -9.680  15.020  -3.041  1.00 109.79 ? 89  ASP A CB   1 
ATOM 930  C CG   . ASP A 1 90  ? -10.164 14.420  -4.348  1.00 115.27 ? 89  ASP A CG   1 
ATOM 931  H H    . ASP A 1 90  ? -8.042  15.569  -1.335  1.00 131.44 ? 89  ASP A H    1 
ATOM 932  H HA   . ASP A 1 90  ? -9.560  13.527  -1.638  1.00 125.26 ? 89  ASP A HA   1 
ATOM 933  H HB2  . ASP A 1 90  ? -10.455 15.336  -2.550  1.00 132.24 ? 89  ASP A HB2  1 
ATOM 934  H HB3  . ASP A 1 90  ? -9.094  15.765  -3.251  1.00 132.24 ? 89  ASP A HB3  1 
ATOM 935  N N    . THR A 1 91  ? -7.051  13.453  -3.637  1.00 98.20  ? 90  THR A N    1 
ATOM 936  C CA   . THR A 1 91  ? -6.314  12.611  -4.571  1.00 95.01  ? 90  THR A CA   1 
ATOM 937  C C    . THR A 1 91  ? -5.695  11.412  -3.866  1.00 91.56  ? 90  THR A C    1 
ATOM 938  O O    . THR A 1 91  ? -5.753  10.286  -4.376  1.00 94.72  ? 90  THR A O    1 
ATOM 939  C CB   . THR A 1 91  ? -5.232  13.435  -5.267  1.00 99.00  ? 90  THR A CB   1 
ATOM 940  O OG1  . THR A 1 91  ? -5.838  14.540  -5.951  1.00 117.94 ? 90  THR A OG1  1 
ATOM 941  C CG2  . THR A 1 91  ? -4.469  12.579  -6.265  1.00 90.77  ? 90  THR A CG2  1 
ATOM 942  H H    . THR A 1 91  ? -6.696  14.225  -3.502  1.00 118.34 ? 90  THR A H    1 
ATOM 943  H HA   . THR A 1 91  ? -6.928  12.279  -5.245  1.00 114.51 ? 90  THR A HA   1 
ATOM 944  H HB   . THR A 1 91  ? -4.603  13.769  -4.609  1.00 119.30 ? 90  THR A HB   1 
ATOM 945  H HG1  . THR A 1 91  ? -5.244  15.021  -6.302  1.00 142.03 ? 90  THR A HG1  1 
ATOM 946  H HG21 . THR A 1 91  ? -3.949  13.145  -6.858  1.00 109.43 ? 90  THR A HG21 1 
ATOM 947  H HG22 . THR A 1 91  ? -3.869  11.977  -5.796  1.00 109.43 ? 90  THR A HG22 1 
ATOM 948  H HG23 . THR A 1 91  ? -5.090  12.055  -6.796  1.00 109.43 ? 90  THR A HG23 1 
ATOM 949  N N    . LEU A 1 92  ? -5.084  11.632  -2.701  1.00 93.89  ? 91  LEU A N    1 
ATOM 950  C CA   . LEU A 1 92  ? -4.495  10.533  -1.952  1.00 97.28  ? 91  LEU A CA   1 
ATOM 951  C C    . LEU A 1 92  ? -5.570  9.565   -1.480  1.00 91.90  ? 91  LEU A C    1 
ATOM 952  O O    . LEU A 1 92  ? -5.331  8.355   -1.438  1.00 94.79  ? 91  LEU A O    1 
ATOM 953  C CB   . LEU A 1 92  ? -3.701  11.070  -0.760  1.00 98.36  ? 91  LEU A CB   1 
ATOM 954  C CG   . LEU A 1 92  ? -2.495  11.965  -1.054  1.00 91.89  ? 91  LEU A CG   1 
ATOM 955  C CD1  . LEU A 1 92  ? -1.874  12.440  0.245   1.00 72.19  ? 91  LEU A CD1  1 
ATOM 956  C CD2  . LEU A 1 92  ? -1.468  11.255  -1.908  1.00 100.03 ? 91  LEU A CD2  1 
ATOM 957  H H    . LEU A 1 92  ? -5.000  12.402  -2.325  1.00 113.17 ? 91  LEU A H    1 
ATOM 958  H HA   . LEU A 1 92  ? -3.875  10.055  -2.524  1.00 117.24 ? 91  LEU A HA   1 
ATOM 959  H HB2  . LEU A 1 92  ? -4.308  11.589  -0.209  1.00 118.53 ? 91  LEU A HB2  1 
ATOM 960  H HB3  . LEU A 1 92  ? -3.370  10.308  -0.258  1.00 118.53 ? 91  LEU A HB3  1 
ATOM 961  H HG   . LEU A 1 92  ? -2.797  12.737  -1.557  1.00 110.77 ? 91  LEU A HG   1 
ATOM 962  H HD11 . LEU A 1 92  ? -1.139  13.041  0.043   1.00 87.13  ? 91  LEU A HD11 1 
ATOM 963  H HD12 . LEU A 1 92  ? -2.547  12.904  0.766   1.00 87.13  ? 91  LEU A HD12 1 
ATOM 964  H HD13 . LEU A 1 92  ? -1.546  11.671  0.738   1.00 87.13  ? 91  LEU A HD13 1 
ATOM 965  H HD21 . LEU A 1 92  ? -0.596  11.349  -1.495  1.00 120.53 ? 91  LEU A HD21 1 
ATOM 966  H HD22 . LEU A 1 92  ? -1.705  10.316  -1.970  1.00 120.53 ? 91  LEU A HD22 1 
ATOM 967  H HD23 . LEU A 1 92  ? -1.461  11.655  -2.791  1.00 120.53 ? 91  LEU A HD23 1 
ATOM 968  N N    . GLU A 1 93  ? -6.753  10.073  -1.140  1.00 85.57  ? 92  GLU A N    1 
ATOM 969  C CA   . GLU A 1 93  ? -7.853  9.196   -0.764  1.00 86.59  ? 92  GLU A CA   1 
ATOM 970  C C    . GLU A 1 93  ? -8.302  8.345   -1.945  1.00 86.72  ? 92  GLU A C    1 
ATOM 971  O O    . GLU A 1 93  ? -8.568  7.149   -1.788  1.00 94.08  ? 92  GLU A O    1 
ATOM 972  C CB   . GLU A 1 93  ? -9.017  10.028  -0.224  1.00 97.44  ? 92  GLU A CB   1 
ATOM 973  H H    . GLU A 1 93  ? -6.943  10.910  -1.120  1.00 103.18 ? 92  GLU A H    1 
ATOM 974  H HA   . GLU A 1 93  ? -7.559  8.599   -0.060  1.00 104.41 ? 92  GLU A HA   1 
ATOM 975  N N    . LYS A 1 94  ? -8.380  8.936   -3.141  1.00 80.36  ? 93  LYS A N    1 
ATOM 976  C CA   . LYS A 1 94  ? -8.752  8.154   -4.317  1.00 96.57  ? 93  LYS A CA   1 
ATOM 977  C C    . LYS A 1 94  ? -7.699  7.092   -4.627  1.00 99.75  ? 93  LYS A C    1 
ATOM 978  O O    . LYS A 1 94  ? -8.033  5.941   -4.949  1.00 105.31 ? 93  LYS A O    1 
ATOM 979  C CB   . LYS A 1 94  ? -8.956  9.078   -5.517  1.00 98.64  ? 93  LYS A CB   1 
ATOM 980  H H    . LYS A 1 94  ? -8.229  9.768   -3.294  1.00 96.94  ? 93  LYS A H    1 
ATOM 981  H HA   . LYS A 1 94  ? -9.592  7.701   -4.141  1.00 116.38 ? 93  LYS A HA   1 
ATOM 982  N N    . ILE A 1 95  ? -6.419  7.462   -4.537  1.00 84.27  ? 94  ILE A N    1 
ATOM 983  C CA   . ILE A 1 95  ? -5.347  6.497   -4.764  1.00 80.87  ? 94  ILE A CA   1 
ATOM 984  C C    . ILE A 1 95  ? -5.414  5.378   -3.734  1.00 80.94  ? 94  ILE A C    1 
ATOM 985  O O    . ILE A 1 95  ? -5.244  4.197   -4.062  1.00 85.19  ? 94  ILE A O    1 
ATOM 986  C CB   . ILE A 1 95  ? -3.979  7.205   -4.748  1.00 82.22  ? 94  ILE A CB   1 
ATOM 987  C CG1  . ILE A 1 95  ? -3.867  8.159   -5.940  1.00 96.81  ? 94  ILE A CG1  1 
ATOM 988  C CG2  . ILE A 1 95  ? -2.848  6.190   -4.776  1.00 88.38  ? 94  ILE A CG2  1 
ATOM 989  C CD1  . ILE A 1 95  ? -2.667  9.080   -5.894  1.00 87.17  ? 94  ILE A CD1  1 
ATOM 990  H H    . ILE A 1 95  ? -6.148  8.255   -4.347  1.00 101.63 ? 94  ILE A H    1 
ATOM 991  H HA   . ILE A 1 95  ? -5.467  6.101   -5.642  1.00 97.55  ? 94  ILE A HA   1 
ATOM 992  H HB   . ILE A 1 95  ? -3.911  7.716   -3.926  1.00 99.17  ? 94  ILE A HB   1 
ATOM 993  H HG12 . ILE A 1 95  ? -3.802  7.633   -6.753  1.00 116.67 ? 94  ILE A HG12 1 
ATOM 994  H HG13 . ILE A 1 95  ? -4.661  8.714   -5.968  1.00 116.67 ? 94  ILE A HG13 1 
ATOM 995  H HG21 . ILE A 1 95  ? -2.010  6.656   -4.923  1.00 106.55 ? 94  ILE A HG21 1 
ATOM 996  H HG22 . ILE A 1 95  ? -2.822  5.721   -3.928  1.00 106.55 ? 94  ILE A HG22 1 
ATOM 997  H HG23 . ILE A 1 95  ? -3.007  5.561   -5.497  1.00 106.55 ? 94  ILE A HG23 1 
ATOM 998  H HD11 . ILE A 1 95  ? -2.818  9.825   -6.495  1.00 105.10 ? 94  ILE A HD11 1 
ATOM 999  H HD12 . ILE A 1 95  ? -2.553  9.404   -4.987  1.00 105.10 ? 94  ILE A HD12 1 
ATOM 1000 H HD13 . ILE A 1 95  ? -1.879  8.586   -6.170  1.00 105.10 ? 94  ILE A HD13 1 
ATOM 1001 N N    . LEU A 1 96  ? -5.660  5.731   -2.471  1.00 90.12  ? 95  LEU A N    1 
ATOM 1002 C CA   . LEU A 1 96  ? -5.801  4.735   -1.417  1.00 88.07  ? 95  LEU A CA   1 
ATOM 1003 C C    . LEU A 1 96  ? -6.961  3.792   -1.705  1.00 92.14  ? 95  LEU A C    1 
ATOM 1004 O O    . LEU A 1 96  ? -6.871  2.585   -1.451  1.00 85.98  ? 95  LEU A O    1 
ATOM 1005 C CB   . LEU A 1 96  ? -6.017  5.449   -0.085  1.00 87.69  ? 95  LEU A CB   1 
ATOM 1006 C CG   . LEU A 1 96  ? -5.977  4.617   1.192   1.00 100.72 ? 95  LEU A CG   1 
ATOM 1007 C CD1  . LEU A 1 96  ? -4.550  4.176   1.496   1.00 88.52  ? 95  LEU A CD1  1 
ATOM 1008 C CD2  . LEU A 1 96  ? -6.582  5.401   2.343   1.00 95.28  ? 95  LEU A CD2  1 
ATOM 1009 H H    . LEU A 1 96  ? -5.749  6.540   -2.199  1.00 108.65 ? 95  LEU A H    1 
ATOM 1010 H HA   . LEU A 1 96  ? -4.991  4.205   -1.361  1.00 106.18 ? 95  LEU A HA   1 
ATOM 1011 H HB2  . LEU A 1 96  ? -5.327  6.125   0.001   1.00 105.72 ? 95  LEU A HB2  1 
ATOM 1012 H HB3  . LEU A 1 96  ? -6.891  5.869   -0.115  1.00 105.72 ? 95  LEU A HB3  1 
ATOM 1013 H HG   . LEU A 1 96  ? -6.505  3.812   1.078   1.00 121.36 ? 95  LEU A HG   1 
ATOM 1014 H HD11 . LEU A 1 96  ? -4.558  3.596   2.274   1.00 106.72 ? 95  LEU A HD11 1 
ATOM 1015 H HD12 . LEU A 1 96  ? -4.198  3.696   0.731   1.00 106.72 ? 95  LEU A HD12 1 
ATOM 1016 H HD13 . LEU A 1 96  ? -4.008  4.960   1.674   1.00 106.72 ? 95  LEU A HD13 1 
ATOM 1017 H HD21 . LEU A 1 96  ? -6.079  5.215   3.151   1.00 114.84 ? 95  LEU A HD21 1 
ATOM 1018 H HD22 . LEU A 1 96  ? -6.537  6.348   2.137   1.00 114.84 ? 95  LEU A HD22 1 
ATOM 1019 H HD23 . LEU A 1 96  ? -7.506  5.132   2.458   1.00 114.84 ? 95  LEU A HD23 1 
ATOM 1020 N N    . GLN A 1 97  ? -8.071  4.335   -2.214  1.00 84.38  ? 96  GLN A N    1 
ATOM 1021 C CA   . GLN A 1 97  ? -9.209  3.504   -2.588  1.00 85.76  ? 96  GLN A CA   1 
ATOM 1022 C C    . GLN A 1 97  ? -8.812  2.504   -3.664  1.00 87.43  ? 96  GLN A C    1 
ATOM 1023 O O    . GLN A 1 97  ? -9.123  1.307   -3.571  1.00 89.06  ? 96  GLN A O    1 
ATOM 1024 C CB   . GLN A 1 97  ? -10.359 4.388   -3.072  1.00 90.29  ? 96  GLN A CB   1 
ATOM 1025 C CG   . GLN A 1 97  ? -11.694 4.094   -2.412  1.00 74.12  ? 96  GLN A CG   1 
ATOM 1026 H H    . GLN A 1 97  ? -8.188  5.176   -2.351  1.00 101.75 ? 96  GLN A H    1 
ATOM 1027 H HA   . GLN A 1 97  ? -9.514  3.012   -1.809  1.00 103.41 ? 96  GLN A HA   1 
ATOM 1028 H HB2  . GLN A 1 97  ? -10.137 5.313   -2.888  1.00 108.85 ? 96  GLN A HB2  1 
ATOM 1029 H HB3  . GLN A 1 97  ? -10.468 4.257   -4.027  1.00 108.85 ? 96  GLN A HB3  1 
ATOM 1030 N N    . THR A 1 98  ? -8.132  2.987   -4.706  1.00 79.97  ? 97  THR A N    1 
ATOM 1031 C CA   . THR A 1 98  ? -7.645  2.086   -5.745  1.00 80.26  ? 97  THR A CA   1 
ATOM 1032 C C    . THR A 1 98  ? -6.759  1.002   -5.145  1.00 71.03  ? 97  THR A C    1 
ATOM 1033 O O    . THR A 1 98  ? -6.870  -0.179  -5.503  1.00 70.50  ? 97  THR A O    1 
ATOM 1034 C CB   . THR A 1 98  ? -6.883  2.872   -6.810  1.00 86.93  ? 97  THR A CB   1 
ATOM 1035 O OG1  . THR A 1 98  ? -7.732  3.890   -7.355  1.00 106.80 ? 97  THR A OG1  1 
ATOM 1036 C CG2  . THR A 1 98  ? -6.428  1.947   -7.929  1.00 82.27  ? 97  THR A CG2  1 
ATOM 1037 H H    . THR A 1 98  ? -7.941  3.816   -4.832  1.00 96.46  ? 97  THR A H    1 
ATOM 1038 H HA   . THR A 1 98  ? -8.404  1.660   -6.175  1.00 96.81  ? 97  THR A HA   1 
ATOM 1039 H HB   . THR A 1 98  ? -6.100  3.283   -6.412  1.00 104.82 ? 97  THR A HB   1 
ATOM 1040 H HG1  . THR A 1 98  ? -7.319  4.324   -7.944  1.00 128.66 ? 97  THR A HG1  1 
ATOM 1041 H HG21 . THR A 1 98  ? -6.086  2.467   -8.672  1.00 99.23  ? 97  THR A HG21 1 
ATOM 1042 H HG22 . THR A 1 98  ? -5.727  1.358   -7.608  1.00 99.23  ? 97  THR A HG22 1 
ATOM 1043 H HG23 . THR A 1 98  ? -7.174  1.409   -8.238  1.00 99.23  ? 97  THR A HG23 1 
ATOM 1044 N N    . ALA A 1 99  ? -5.883  1.385   -4.214  1.00 73.01  ? 98  ALA A N    1 
ATOM 1045 C CA   . ALA A 1 99  ? -4.957  0.430   -3.619  1.00 75.79  ? 98  ALA A CA   1 
ATOM 1046 C C    . ALA A 1 99  ? -5.702  -0.648  -2.843  1.00 80.72  ? 98  ALA A C    1 
ATOM 1047 O O    . ALA A 1 99  ? -5.398  -1.838  -2.969  1.00 80.02  ? 98  ALA A O    1 
ATOM 1048 C CB   . ALA A 1 99  ? -3.967  1.157   -2.708  1.00 75.73  ? 98  ALA A CB   1 
ATOM 1049 H H    . ALA A 1 99  ? -5.806  2.186   -3.912  1.00 88.11  ? 98  ALA A H    1 
ATOM 1050 H HA   . ALA A 1 99  ? -4.455  -0.001  -4.328  1.00 91.45  ? 98  ALA A HA   1 
ATOM 1051 H HB1  . ALA A 1 99  ? -3.356  0.509   -2.323  1.00 91.38  ? 98  ALA A HB1  1 
ATOM 1052 H HB2  . ALA A 1 99  ? -3.472  1.805   -3.233  1.00 91.38  ? 98  ALA A HB2  1 
ATOM 1053 H HB3  . ALA A 1 99  ? -4.458  1.608   -2.004  1.00 91.38  ? 98  ALA A HB3  1 
ATOM 1054 N N    . THR A 1 100 ? -6.681  -0.252  -2.027  1.00 80.86  ? 99  THR A N    1 
ATOM 1055 C CA   . THR A 1 100 ? -7.433  -1.236  -1.255  1.00 82.69  ? 99  THR A CA   1 
ATOM 1056 C C    . THR A 1 100 ? -8.230  -2.161  -2.168  1.00 90.59  ? 99  THR A C    1 
ATOM 1057 O O    . THR A 1 100 ? -8.332  -3.367  -1.904  1.00 97.70  ? 99  THR A O    1 
ATOM 1058 C CB   . THR A 1 100 ? -8.362  -0.544  -0.256  1.00 82.67  ? 99  THR A CB   1 
ATOM 1059 O OG1  . THR A 1 100 ? -7.583  0.142   0.731   1.00 95.74  ? 99  THR A OG1  1 
ATOM 1060 C CG2  . THR A 1 100 ? -9.273  -1.563  0.421   1.00 98.22  ? 99  THR A CG2  1 
ATOM 1061 H H    . THR A 1 100 ? -6.924  0.564   -1.904  1.00 97.53  ? 99  THR A H    1 
ATOM 1062 H HA   . THR A 1 100 ? -6.803  -1.773  -0.751  1.00 99.72  ? 99  THR A HA   1 
ATOM 1063 H HB   . THR A 1 100 ? -8.920  0.096   -0.723  1.00 99.71  ? 99  THR A HB   1 
ATOM 1064 H HG1  . THR A 1 100 ? -7.137  -0.409  1.180   1.00 115.38 ? 99  THR A HG1  1 
ATOM 1065 H HG21 . THR A 1 100 ? -9.629  -1.193  1.244   1.00 118.36 ? 99  THR A HG21 1 
ATOM 1066 H HG22 . THR A 1 100 ? -10.011 -1.791  -0.167  1.00 118.36 ? 99  THR A HG22 1 
ATOM 1067 H HG23 . THR A 1 100 ? -8.774  -2.369  0.628   1.00 118.36 ? 99  THR A HG23 1 
ATOM 1068 N N    . LYS A 1 101 ? -8.817  -1.617  -3.239  1.00 83.30  ? 100 LYS A N    1 
ATOM 1069 C CA   . LYS A 1 101 ? -9.491  -2.469  -4.217  1.00 85.80  ? 100 LYS A CA   1 
ATOM 1070 C C    . LYS A 1 101 ? -8.531  -3.516  -4.771  1.00 86.22  ? 100 LYS A C    1 
ATOM 1071 O O    . LYS A 1 101 ? -8.855  -4.715  -4.837  1.00 93.30  ? 100 LYS A O    1 
ATOM 1072 C CB   . LYS A 1 101 ? -10.063 -1.612  -5.347  1.00 65.74  ? 100 LYS A CB   1 
ATOM 1073 H H    . LYS A 1 101 ? -8.841  -0.777  -3.418  1.00 100.46 ? 100 LYS A H    1 
ATOM 1074 H HA   . LYS A 1 101 ? -10.228 -2.928  -3.783  1.00 103.46 ? 100 LYS A HA   1 
ATOM 1075 N N    . ILE A 1 102 ? -7.338  -3.074  -5.179  1.00 75.36  ? 101 ILE A N    1 
ATOM 1076 C CA   . ILE A 1 102 ? -6.333  -3.997  -5.695  1.00 75.76  ? 101 ILE A CA   1 
ATOM 1077 C C    . ILE A 1 102 ? -5.995  -5.056  -4.655  1.00 76.01  ? 101 ILE A C    1 
ATOM 1078 O O    . ILE A 1 102 ? -5.856  -6.241  -4.979  1.00 88.92  ? 101 ILE A O    1 
ATOM 1079 C CB   . ILE A 1 102 ? -5.071  -3.230  -6.132  1.00 60.98  ? 101 ILE A CB   1 
ATOM 1080 C CG1  . ILE A 1 102 ? -5.384  -2.292  -7.300  1.00 74.39  ? 101 ILE A CG1  1 
ATOM 1081 C CG2  . ILE A 1 102 ? -3.978  -4.212  -6.511  1.00 68.78  ? 101 ILE A CG2  1 
ATOM 1082 C CD1  . ILE A 1 102 ? -4.267  -1.312  -7.615  1.00 53.77  ? 101 ILE A CD1  1 
ATOM 1083 H H    . ILE A 1 102 ? -7.087  -2.251  -5.166  1.00 90.93  ? 101 ILE A H    1 
ATOM 1084 H HA   . ILE A 1 102 ? -6.704  -4.441  -6.473  1.00 91.41  ? 101 ILE A HA   1 
ATOM 1085 H HB   . ILE A 1 102 ? -4.766  -2.687  -5.388  1.00 73.68  ? 101 ILE A HB   1 
ATOM 1086 H HG12 . ILE A 1 102 ? -5.542  -2.825  -8.094  1.00 89.76  ? 101 ILE A HG12 1 
ATOM 1087 H HG13 . ILE A 1 102 ? -6.176  -1.777  -7.082  1.00 89.76  ? 101 ILE A HG13 1 
ATOM 1088 H HG21 . ILE A 1 102 ? -3.294  -3.744  -7.016  1.00 83.04  ? 101 ILE A HG21 1 
ATOM 1089 H HG22 . ILE A 1 102 ? -3.594  -4.584  -5.701  1.00 83.04  ? 101 ILE A HG22 1 
ATOM 1090 H HG23 . ILE A 1 102 ? -4.362  -4.920  -7.051  1.00 83.04  ? 101 ILE A HG23 1 
ATOM 1091 H HD11 . ILE A 1 102 ? -4.621  -0.596  -8.164  1.00 65.03  ? 101 ILE A HD11 1 
ATOM 1092 H HD12 . ILE A 1 102 ? -3.918  -0.951  -6.785  1.00 65.03  ? 101 ILE A HD12 1 
ATOM 1093 H HD13 . ILE A 1 102 ? -3.563  -1.778  -8.093  1.00 65.03  ? 101 ILE A HD13 1 
ATOM 1094 N N    . ILE A 1 103 ? -5.837  -4.646  -3.395  1.00 74.61  ? 102 ILE A N    1 
ATOM 1095 C CA   . ILE A 1 103 ? -5.422  -5.590  -2.363  1.00 86.75  ? 102 ILE A CA   1 
ATOM 1096 C C    . ILE A 1 103 ? -6.508  -6.625  -2.113  1.00 87.56  ? 102 ILE A C    1 
ATOM 1097 O O    . ILE A 1 103 ? -6.218  -7.799  -1.872  1.00 81.72  ? 102 ILE A O    1 
ATOM 1098 C CB   . ILE A 1 103 ? -5.054  -4.865  -1.057  1.00 90.27  ? 102 ILE A CB   1 
ATOM 1099 C CG1  . ILE A 1 103 ? -3.856  -3.943  -1.267  1.00 94.68  ? 102 ILE A CG1  1 
ATOM 1100 C CG2  . ILE A 1 103 ? -4.781  -5.886  0.042   1.00 85.29  ? 102 ILE A CG2  1 
ATOM 1101 C CD1  . ILE A 1 103 ? -2.635  -4.645  -1.769  1.00 100.68 ? 102 ILE A CD1  1 
ATOM 1102 H H    . ILE A 1 103 ? -5.963  -3.842  -3.115  1.00 90.04  ? 102 ILE A H    1 
ATOM 1103 H HA   . ILE A 1 103 ? -4.628  -6.041  -2.691  1.00 104.60 ? 102 ILE A HA   1 
ATOM 1104 H HB   . ILE A 1 103 ? -5.802  -4.311  -0.784  1.00 108.82 ? 102 ILE A HB   1 
ATOM 1105 H HG12 . ILE A 1 103 ? -4.097  -3.265  -1.918  1.00 114.12 ? 102 ILE A HG12 1 
ATOM 1106 H HG13 . ILE A 1 103 ? -3.632  -3.526  -0.421  1.00 114.12 ? 102 ILE A HG13 1 
ATOM 1107 H HG21 . ILE A 1 103 ? -4.307  -5.451  0.768   1.00 102.85 ? 102 ILE A HG21 1 
ATOM 1108 H HG22 . ILE A 1 103 ? -5.626  -6.239  0.362   1.00 102.85 ? 102 ILE A HG22 1 
ATOM 1109 H HG23 . ILE A 1 103 ? -4.241  -6.605  -0.322  1.00 102.85 ? 102 ILE A HG23 1 
ATOM 1110 H HD11 . ILE A 1 103 ? -1.849  -4.215  -1.398  1.00 121.31 ? 102 ILE A HD11 1 
ATOM 1111 H HD12 . ILE A 1 103 ? -2.667  -5.574  -1.490  1.00 121.31 ? 102 ILE A HD12 1 
ATOM 1112 H HD13 . ILE A 1 103 ? -2.616  -4.591  -2.738  1.00 121.31 ? 102 ILE A HD13 1 
ATOM 1113 N N    . ASP A 1 104 ? -7.772  -6.206  -2.129  1.00 86.03  ? 103 ASP A N    1 
ATOM 1114 C CA   . ASP A 1 104 ? -8.850  -7.161  -1.905  1.00 86.72  ? 103 ASP A CA   1 
ATOM 1115 C C    . ASP A 1 104 ? -8.930  -8.159  -3.053  1.00 84.77  ? 103 ASP A C    1 
ATOM 1116 O O    . ASP A 1 104 ? -9.122  -9.364  -2.828  1.00 82.27  ? 103 ASP A O    1 
ATOM 1117 C CB   . ASP A 1 104 ? -10.170 -6.419  -1.726  1.00 92.83  ? 103 ASP A CB   1 
ATOM 1118 C CG   . ASP A 1 104 ? -10.187 -5.572  -0.470  1.00 105.36 ? 103 ASP A CG   1 
ATOM 1119 O OD1  . ASP A 1 104 ? -9.481  -5.928  0.500   1.00 94.03  ? 103 ASP A OD1  1 
ATOM 1120 O OD2  . ASP A 1 104 ? -10.902 -4.548  -0.452  1.00 119.06 ? 103 ASP A OD2  1 
ATOM 1121 H H    . ASP A 1 104 ? -8.026  -5.395  -2.263  1.00 103.74 ? 103 ASP A H    1 
ATOM 1122 H HA   . ASP A 1 104 ? -8.680  -7.657  -1.089  1.00 104.56 ? 103 ASP A HA   1 
ATOM 1123 H HB2  . ASP A 1 104 ? -10.311 -5.834  -2.487  1.00 111.90 ? 103 ASP A HB2  1 
ATOM 1124 H HB3  . ASP A 1 104 ? -10.891 -7.064  -1.666  1.00 111.90 ? 103 ASP A HB3  1 
ATOM 1125 N N    . ASP A 1 105 ? -8.769  -7.679  -4.291  1.00 77.31  ? 104 ASP A N    1 
ATOM 1126 C CA   . ASP A 1 105 ? -8.710  -8.600  -5.424  1.00 84.73  ? 104 ASP A CA   1 
ATOM 1127 C C    . ASP A 1 105 ? -7.541  -9.569  -5.278  1.00 81.09  ? 104 ASP A C    1 
ATOM 1128 O O    . ASP A 1 105 ? -7.681  -10.780 -5.528  1.00 87.72  ? 104 ASP A O    1 
ATOM 1129 C CB   . ASP A 1 105 ? -8.591  -7.805  -6.725  1.00 84.02  ? 104 ASP A CB   1 
ATOM 1130 C CG   . ASP A 1 105 ? -9.889  -7.128  -7.115  1.00 73.93  ? 104 ASP A CG   1 
ATOM 1131 H H    . ASP A 1 105 ? -8.693  -6.848  -4.497  1.00 93.28  ? 104 ASP A H    1 
ATOM 1132 H HA   . ASP A 1 105 ? -9.529  -9.119  -5.459  1.00 102.18 ? 104 ASP A HA   1 
ATOM 1133 H HB2  . ASP A 1 105 ? -7.915  -7.118  -6.615  1.00 101.33 ? 104 ASP A HB2  1 
ATOM 1134 H HB3  . ASP A 1 105 ? -8.338  -8.408  -7.442  1.00 101.33 ? 104 ASP A HB3  1 
ATOM 1135 N N    . ALA A 1 106 ? -6.381  -9.051  -4.878  1.00 71.21  ? 105 ALA A N    1 
ATOM 1136 C CA   . ALA A 1 106 ? -5.220  -9.901  -4.669  1.00 84.90  ? 105 ALA A CA   1 
ATOM 1137 C C    . ALA A 1 106 ? -5.508  -10.956 -3.615  1.00 76.36  ? 105 ALA A C    1 
ATOM 1138 O O    . ALA A 1 106 ? -5.165  -12.130 -3.793  1.00 76.14  ? 105 ALA A O    1 
ATOM 1139 C CB   . ALA A 1 106 ? -4.021  -9.047  -4.258  1.00 90.02  ? 105 ALA A CB   1 
ATOM 1140 H H    . ALA A 1 106 ? -6.242  -8.217  -4.723  1.00 85.95  ? 105 ALA A H    1 
ATOM 1141 H HA   . ALA A 1 106 ? -4.999  -10.352 -5.499  1.00 102.38 ? 105 ALA A HA   1 
ATOM 1142 H HB1  . ALA A 1 106 ? -3.247  -9.621  -4.148  1.00 108.53 ? 105 ALA A HB1  1 
ATOM 1143 H HB2  . ALA A 1 106 ? -3.849  -8.389  -4.951  1.00 108.53 ? 105 ALA A HB2  1 
ATOM 1144 H HB3  . ALA A 1 106 ? -4.223  -8.600  -3.421  1.00 108.53 ? 105 ALA A HB3  1 
ATOM 1145 N N    . ASN A 1 107 ? -6.141  -10.559 -2.515  1.00 75.52  ? 106 ASN A N    1 
ATOM 1146 C CA   . ASN A 1 107 ? -6.424  -11.506 -1.445  1.00 77.26  ? 106 ASN A CA   1 
ATOM 1147 C C    . ASN A 1 107 ? -7.376  -12.589 -1.926  1.00 75.32  ? 106 ASN A C    1 
ATOM 1148 O O    . ASN A 1 107 ? -7.214  -13.763 -1.577  1.00 71.52  ? 106 ASN A O    1 
ATOM 1149 C CB   . ASN A 1 107 ? -6.999  -10.773 -0.233  1.00 81.33  ? 106 ASN A CB   1 
ATOM 1150 C CG   . ASN A 1 107 ? -5.933  -10.416 0.789   1.00 62.83  ? 106 ASN A CG   1 
ATOM 1151 H H    . ASN A 1 107 ? -6.413  -9.757  -2.363  1.00 91.12  ? 106 ASN A H    1 
ATOM 1152 H HA   . ASN A 1 107 ? -5.597  -11.930 -1.165  1.00 93.21  ? 106 ASN A HA   1 
ATOM 1153 H HB2  . ASN A 1 107 ? -7.417  -9.949  -0.530  1.00 98.10  ? 106 ASN A HB2  1 
ATOM 1154 H HB3  . ASN A 1 107 ? -7.653  -11.342 0.200   1.00 98.10  ? 106 ASN A HB3  1 
ATOM 1155 N N    . LYS A 1 108 ? -8.371  -12.219 -2.735  1.00 75.48  ? 107 LYS A N    1 
ATOM 1156 C CA   . LYS A 1 108 ? -9.286  -13.229 -3.258  1.00 72.53  ? 107 LYS A CA   1 
ATOM 1157 C C    . LYS A 1 108 ? -8.552  -14.223 -4.147  1.00 72.71  ? 107 LYS A C    1 
ATOM 1158 O O    . LYS A 1 108 ? -8.765  -15.441 -4.039  1.00 82.80  ? 107 LYS A O    1 
ATOM 1159 C CB   . LYS A 1 108 ? -10.427 -12.564 -4.026  1.00 70.48  ? 107 LYS A CB   1 
ATOM 1160 C CG   . LYS A 1 108 ? -11.717 -12.475 -3.238  1.00 84.54  ? 107 LYS A CG   1 
ATOM 1161 C CD   . LYS A 1 108 ? -12.695 -11.513 -3.894  1.00 102.84 ? 107 LYS A CD   1 
ATOM 1162 H H    . LYS A 1 108 ? -8.534  -11.415 -2.991  1.00 91.07  ? 107 LYS A H    1 
ATOM 1163 H HA   . LYS A 1 108 ? -9.674  -13.714 -2.512  1.00 87.53  ? 107 LYS A HA   1 
ATOM 1164 H HB2  . LYS A 1 108 ? -10.160 -11.662 -4.262  1.00 85.08  ? 107 LYS A HB2  1 
ATOM 1165 H HB3  . LYS A 1 108 ? -10.604 -13.079 -4.829  1.00 85.08  ? 107 LYS A HB3  1 
ATOM 1166 H HG2  . LYS A 1 108 ? -12.131 -13.351 -3.196  1.00 101.95 ? 107 LYS A HG2  1 
ATOM 1167 H HG3  . LYS A 1 108 ? -11.527 -12.154 -2.343  1.00 101.95 ? 107 LYS A HG3  1 
ATOM 1168 N N    . LEU A 1 109 ? -7.686  -13.731 -5.035  1.00 67.82  ? 108 LEU A N    1 
ATOM 1169 C CA   . LEU A 1 109 ? -6.918  -14.663 -5.852  1.00 74.10  ? 108 LEU A CA   1 
ATOM 1170 C C    . LEU A 1 109 ? -6.046  -15.550 -4.973  1.00 75.91  ? 108 LEU A C    1 
ATOM 1171 O O    . LEU A 1 109 ? -5.903  -16.749 -5.226  1.00 80.07  ? 108 LEU A O    1 
ATOM 1172 C CB   . LEU A 1 109 ? -6.044  -13.939 -6.869  1.00 68.90  ? 108 LEU A CB   1 
ATOM 1173 C CG   . LEU A 1 109 ? -6.727  -13.210 -8.020  1.00 80.76  ? 108 LEU A CG   1 
ATOM 1174 C CD1  . LEU A 1 109 ? -5.668  -12.717 -9.001  1.00 80.56  ? 108 LEU A CD1  1 
ATOM 1175 C CD2  . LEU A 1 109 ? -7.753  -14.078 -8.718  1.00 91.50  ? 108 LEU A CD2  1 
ATOM 1176 H H    . LEU A 1 109 ? -7.533  -12.897 -5.180  1.00 81.89  ? 108 LEU A H    1 
ATOM 1177 H HA   . LEU A 1 109 ? -7.548  -15.208 -6.349  1.00 89.42  ? 108 LEU A HA   1 
ATOM 1178 H HB2  . LEU A 1 109 ? -5.523  -13.276 -6.390  1.00 83.18  ? 108 LEU A HB2  1 
ATOM 1179 H HB3  . LEU A 1 109 ? -5.454  -14.598 -7.269  1.00 83.18  ? 108 LEU A HB3  1 
ATOM 1180 H HG   . LEU A 1 109 ? -7.214  -12.448 -7.667  1.00 97.41  ? 108 LEU A HG   1 
ATOM 1181 H HD11 . LEU A 1 109 ? -6.093  -12.159 -9.670  1.00 97.17  ? 108 LEU A HD11 1 
ATOM 1182 H HD12 . LEU A 1 109 ? -5.003  -12.204 -8.515  1.00 97.17  ? 108 LEU A HD12 1 
ATOM 1183 H HD13 . LEU A 1 109 ? -5.250  -13.482 -9.425  1.00 97.17  ? 108 LEU A HD13 1 
ATOM 1184 H HD21 . LEU A 1 109 ? -7.937  -13.706 -9.595  1.00 110.30 ? 108 LEU A HD21 1 
ATOM 1185 H HD22 . LEU A 1 109 ? -7.398  -14.975 -8.808  1.00 110.30 ? 108 LEU A HD22 1 
ATOM 1186 H HD23 . LEU A 1 109 ? -8.566  -14.095 -8.189  1.00 110.30 ? 108 LEU A HD23 1 
ATOM 1187 N N    . LEU A 1 110 ? -5.458  -14.968 -3.929  1.00 81.63  ? 109 LEU A N    1 
ATOM 1188 C CA   . LEU A 1 110 ? -4.572  -15.722 -3.058  1.00 74.82  ? 109 LEU A CA   1 
ATOM 1189 C C    . LEU A 1 110 ? -5.341  -16.813 -2.328  1.00 78.41  ? 109 LEU A C    1 
ATOM 1190 O O    . LEU A 1 110 ? -4.808  -17.898 -2.082  1.00 86.19  ? 109 LEU A O    1 
ATOM 1191 C CB   . LEU A 1 110 ? -3.908  -14.777 -2.060  1.00 75.22  ? 109 LEU A CB   1 
ATOM 1192 C CG   . LEU A 1 110 ? -2.709  -15.319 -1.288  1.00 71.73  ? 109 LEU A CG   1 
ATOM 1193 C CD1  . LEU A 1 110 ? -1.540  -15.509 -2.244  1.00 85.20  ? 109 LEU A CD1  1 
ATOM 1194 C CD2  . LEU A 1 110 ? -2.327  -14.403 -0.143  1.00 90.28  ? 109 LEU A CD2  1 
ATOM 1195 H H    . LEU A 1 110 ? -5.555  -14.142 -3.706  1.00 98.46  ? 109 LEU A H    1 
ATOM 1196 H HA   . LEU A 1 110 ? -3.876  -16.142 -3.586  1.00 90.29  ? 109 LEU A HA   1 
ATOM 1197 H HB2  . LEU A 1 110 ? -3.601  -13.996 -2.547  1.00 90.77  ? 109 LEU A HB2  1 
ATOM 1198 H HB3  . LEU A 1 110 ? -4.574  -14.518 -1.404  1.00 90.77  ? 109 LEU A HB3  1 
ATOM 1199 H HG   . LEU A 1 110 ? -2.941  -16.176 -0.895  1.00 86.58  ? 109 LEU A HG   1 
ATOM 1200 H HD11 . LEU A 1 110 ? -0.734  -15.674 -1.729  1.00 102.74 ? 109 LEU A HD11 1 
ATOM 1201 H HD12 . LEU A 1 110 ? -1.724  -16.266 -2.822  1.00 102.74 ? 109 LEU A HD12 1 
ATOM 1202 H HD13 . LEU A 1 110 ? -1.433  -14.705 -2.776  1.00 102.74 ? 109 LEU A HD13 1 
ATOM 1203 H HD21 . LEU A 1 110 ? -1.787  -14.900 0.492   1.00 108.83 ? 109 LEU A HD21 1 
ATOM 1204 H HD22 . LEU A 1 110 ? -1.821  -13.653 -0.493  1.00 108.83 ? 109 LEU A HD22 1 
ATOM 1205 H HD23 . LEU A 1 110 ? -3.135  -14.083 0.290   1.00 108.83 ? 109 LEU A HD23 1 
ATOM 1206 N N    . GLU A 1 111 ? -6.595  -16.532 -1.966  1.00 83.56  ? 110 GLU A N    1 
ATOM 1207 C CA   . GLU A 1 111 ? -7.419  -17.534 -1.300  1.00 82.18  ? 110 GLU A CA   1 
ATOM 1208 C C    . GLU A 1 111 ? -7.794  -18.650 -2.264  1.00 79.89  ? 110 GLU A C    1 
ATOM 1209 O O    . GLU A 1 111 ? -7.780  -19.828 -1.894  1.00 89.07  ? 110 GLU A O    1 
ATOM 1210 C CB   . GLU A 1 111 ? -8.673  -16.885 -0.717  1.00 84.56  ? 110 GLU A CB   1 
ATOM 1211 C CG   . GLU A 1 111 ? -9.895  -17.790 -0.726  1.00 84.94  ? 110 GLU A CG   1 
ATOM 1212 H H    . GLU A 1 111 ? -6.988  -15.778 -2.094  1.00 100.77 ? 110 GLU A H    1 
ATOM 1213 H HA   . GLU A 1 111 ? -6.918  -17.917 -0.565  1.00 99.12  ? 110 GLU A HA   1 
ATOM 1214 H HB2  . GLU A 1 111 ? -8.496  -16.637 0.204   1.00 101.97 ? 110 GLU A HB2  1 
ATOM 1215 H HB3  . GLU A 1 111 ? -8.886  -16.096 -1.238  1.00 101.97 ? 110 GLU A HB3  1 
ATOM 1216 N N    . TYR A 1 112 ? -8.136  -18.293 -3.505  1.00 82.37  ? 111 TYR A N    1 
ATOM 1217 C CA   . TYR A 1 112 ? -8.299  -19.305 -4.545  1.00 100.92 ? 111 TYR A CA   1 
ATOM 1218 C C    . TYR A 1 112 ? -7.058  -20.182 -4.675  1.00 99.77  ? 111 TYR A C    1 
ATOM 1219 O O    . TYR A 1 112 ? -7.162  -21.404 -4.841  1.00 105.62 ? 111 TYR A O    1 
ATOM 1220 C CB   . TYR A 1 112 ? -8.607  -18.639 -5.885  1.00 96.00  ? 111 TYR A CB   1 
ATOM 1221 C CG   . TYR A 1 112 ? -8.449  -19.564 -7.073  1.00 92.21  ? 111 TYR A CG   1 
ATOM 1222 C CD1  . TYR A 1 112 ? -9.409  -20.521 -7.383  1.00 89.86  ? 111 TYR A CD1  1 
ATOM 1223 C CD2  . TYR A 1 112 ? -7.320  -19.485 -7.876  1.00 84.98  ? 111 TYR A CD2  1 
ATOM 1224 C CE1  . TYR A 1 112 ? -9.247  -21.366 -8.473  1.00 85.05  ? 111 TYR A CE1  1 
ATOM 1225 C CE2  . TYR A 1 112 ? -7.148  -20.321 -8.958  1.00 95.74  ? 111 TYR A CE2  1 
ATOM 1226 C CZ   . TYR A 1 112 ? -8.111  -21.261 -9.255  1.00 97.07  ? 111 TYR A CZ   1 
ATOM 1227 O OH   . TYR A 1 112 ? -7.933  -22.094 -10.338 1.00 83.40  ? 111 TYR A OH   1 
ATOM 1228 H H    . TYR A 1 112 ? -8.277  -17.487 -3.768  1.00 99.35  ? 111 TYR A H    1 
ATOM 1229 H HA   . TYR A 1 112 ? -9.049  -19.872 -4.304  1.00 121.61 ? 111 TYR A HA   1 
ATOM 1230 H HB2  . TYR A 1 112 ? -9.525  -18.325 -5.875  1.00 115.70 ? 111 TYR A HB2  1 
ATOM 1231 H HB3  . TYR A 1 112 ? -8.002  -17.892 -6.009  1.00 115.70 ? 111 TYR A HB3  1 
ATOM 1232 H HD1  . TYR A 1 112 ? -10.169 -20.595 -6.854  1.00 108.33 ? 111 TYR A HD1  1 
ATOM 1233 H HD2  . TYR A 1 112 ? -6.664  -18.855 -7.679  1.00 102.47 ? 111 TYR A HD2  1 
ATOM 1234 H HE1  . TYR A 1 112 ? -9.898  -22.000 -8.674  1.00 102.57 ? 111 TYR A HE1  1 
ATOM 1235 H HE2  . TYR A 1 112 ? -6.386  -20.252 -9.486  1.00 115.38 ? 111 TYR A HE2  1 
ATOM 1236 H HH   . TYR A 1 112 ? -7.157  -22.001 -10.647 1.00 100.58 ? 111 TYR A HH   1 
ATOM 1237 N N    . LEU A 1 113 ? -5.875  -19.570 -4.603  1.00 87.74  ? 112 LEU A N    1 
ATOM 1238 C CA   . LEU A 1 113 ? -4.627  -20.283 -4.860  1.00 89.72  ? 112 LEU A CA   1 
ATOM 1239 C C    . LEU A 1 113 ? -4.207  -21.161 -3.687  1.00 87.05  ? 112 LEU A C    1 
ATOM 1240 O O    . LEU A 1 113 ? -3.642  -22.241 -3.891  1.00 88.45  ? 112 LEU A O    1 
ATOM 1241 C CB   . LEU A 1 113 ? -3.524  -19.278 -5.191  1.00 88.62  ? 112 LEU A CB   1 
ATOM 1242 C CG   . LEU A 1 113 ? -3.701  -18.529 -6.511  1.00 94.57  ? 112 LEU A CG   1 
ATOM 1243 C CD1  . LEU A 1 113 ? -2.742  -17.354 -6.612  1.00 82.17  ? 112 LEU A CD1  1 
ATOM 1244 C CD2  . LEU A 1 113 ? -3.501  -19.466 -7.697  1.00 100.90 ? 112 LEU A CD2  1 
ATOM 1245 H H    . LEU A 1 113 ? -5.766  -18.740 -4.408  1.00 105.79 ? 112 LEU A H    1 
ATOM 1246 H HA   . LEU A 1 113 ? -4.758  -20.866 -5.624  1.00 108.16 ? 112 LEU A HA   1 
ATOM 1247 H HB2  . LEU A 1 113 ? -3.493  -18.615 -4.483  1.00 106.84 ? 112 LEU A HB2  1 
ATOM 1248 H HB3  . LEU A 1 113 ? -2.681  -19.753 -5.237  1.00 106.84 ? 112 LEU A HB3  1 
ATOM 1249 H HG   . LEU A 1 113 ? -4.606  -18.182 -6.543  1.00 113.99 ? 112 LEU A HG   1 
ATOM 1250 H HD11 . LEU A 1 113 ? -2.917  -16.872 -7.435  1.00 99.10  ? 112 LEU A HD11 1 
ATOM 1251 H HD12 . LEU A 1 113 ? -2.878  -16.769 -5.850  1.00 99.10  ? 112 LEU A HD12 1 
ATOM 1252 H HD13 . LEU A 1 113 ? -1.830  -17.689 -6.612  1.00 99.10  ? 112 LEU A HD13 1 
ATOM 1253 H HD21 . LEU A 1 113 ? -2.887  -19.055 -8.325  1.00 121.58 ? 112 LEU A HD21 1 
ATOM 1254 H HD22 . LEU A 1 113 ? -3.132  -20.305 -7.377  1.00 121.58 ? 112 LEU A HD22 1 
ATOM 1255 H HD23 . LEU A 1 113 ? -4.357  -19.623 -8.124  1.00 121.58 ? 112 LEU A HD23 1 
ATOM 1256 N N    . ARG A 1 114 ? -4.456  -20.716 -2.452  1.00 80.13  ? 113 ARG A N    1 
ATOM 1257 C CA   . ARG A 1 114 ? -4.080  -21.500 -1.283  1.00 96.89  ? 113 ARG A CA   1 
ATOM 1258 C C    . ARG A 1 114 ? -5.055  -22.646 -1.043  1.00 109.54 ? 113 ARG A C    1 
ATOM 1259 O O    . ARG A 1 114 ? -4.646  -23.739 -0.631  1.00 110.65 ? 113 ARG A O    1 
ATOM 1260 C CB   . ARG A 1 114 ? -4.010  -20.596 -0.049  1.00 99.49  ? 113 ARG A CB   1 
ATOM 1261 C CG   . ARG A 1 114 ? -3.508  -21.287 1.212   1.00 102.22 ? 113 ARG A CG   1 
ATOM 1262 H H    . ARG A 1 114 ? -4.840  -19.969 -2.268  1.00 96.65  ? 113 ARG A H    1 
ATOM 1263 H HA   . ARG A 1 114 ? -3.198  -21.879 -1.428  1.00 116.77 ? 113 ARG A HA   1 
ATOM 1264 H HB2  . ARG A 1 114 ? -3.409  -19.860 -0.239  1.00 119.88 ? 113 ARG A HB2  1 
ATOM 1265 H HB3  . ARG A 1 114 ? -4.900  -20.259 0.137   1.00 119.88 ? 113 ARG A HB3  1 
ATOM 1266 N N    . ARG A 1 115 ? -6.341  -22.412 -1.288  1.00 113.37 ? 114 ARG A N    1 
ATOM 1267 C CA   . ARG A 1 115 ? -7.364  -23.438 -1.126  1.00 114.35 ? 114 ARG A CA   1 
ATOM 1268 C C    . ARG A 1 115 ? -7.783  -23.974 -2.492  1.00 111.42 ? 114 ARG A C    1 
ATOM 1269 O O    . ARG A 1 115 ? -7.361  -25.054 -2.904  1.00 109.49 ? 114 ARG A O    1 
ATOM 1270 C CB   . ARG A 1 115 ? -8.582  -22.882 -0.386  1.00 113.07 ? 114 ARG A CB   1 
ATOM 1271 C CG   . ARG A 1 115 ? -8.477  -22.877 1.144   1.00 110.73 ? 114 ARG A CG   1 
ATOM 1272 C CD   . ARG A 1 115 ? -7.898  -24.171 1.715   1.00 91.36  ? 114 ARG A CD   1 
ATOM 1273 O OXT  . ARG A 1 115 ? -8.550  -23.327 -3.210  1.00 94.87  ? 114 ARG A OXT  1 
ATOM 1274 H H    . ARG A 1 115 ? -6.650  -21.656 -1.555  1.00 136.55 ? 114 ARG A H    1 
ATOM 1275 H HA   . ARG A 1 115 ? -7.008  -24.167 -0.594  1.00 137.72 ? 114 ARG A HA   1 
ATOM 1276 H HB2  . ARG A 1 115 ? -8.718  -21.964 -0.669  1.00 136.18 ? 114 ARG A HB2  1 
ATOM 1277 H HB3  . ARG A 1 115 ? -9.354  -23.420 -0.622  1.00 136.18 ? 114 ARG A HB3  1 
ATOM 1278 H HG2  . ARG A 1 115 ? -7.899  -22.147 1.417   1.00 133.38 ? 114 ARG A HG2  1 
ATOM 1279 H HG3  . ARG A 1 115 ? -9.363  -22.757 1.519   1.00 133.38 ? 114 ARG A HG3  1 
ATOM 1280 N N    . GLY B 2 2   ? -1.140  -23.719 -8.740  1.00 123.74 ? 115 GLY B N    1 
ATOM 1281 C CA   . GLY B 2 2   ? -2.268  -23.161 -9.461  1.00 119.68 ? 115 GLY B CA   1 
ATOM 1282 C C    . GLY B 2 2   ? -1.917  -22.759 -10.879 1.00 116.68 ? 115 GLY B C    1 
ATOM 1283 O O    . GLY B 2 2   ? -0.747  -22.552 -11.202 1.00 111.87 ? 115 GLY B O    1 
ATOM 1284 H HA2  . GLY B 2 2   ? -2.979  -23.820 -9.499  1.00 144.11 ? 115 GLY B HA2  1 
ATOM 1285 H HA3  . GLY B 2 2   ? -2.590  -22.375 -8.992  1.00 144.11 ? 115 GLY B HA3  1 
ATOM 1286 N N    . ASP B 2 3   ? -2.936  -22.648 -11.722 1.00 119.74 ? 116 ASP B N    1 
ATOM 1287 C CA   . ASP B 2 3   ? -2.752  -22.291 -13.125 1.00 116.85 ? 116 ASP B CA   1 
ATOM 1288 C C    . ASP B 2 3   ? -2.011  -20.963 -13.216 1.00 120.75 ? 116 ASP B C    1 
ATOM 1289 O O    . ASP B 2 3   ? -2.502  -19.955 -12.686 1.00 111.83 ? 116 ASP B O    1 
ATOM 1290 C CB   . ASP B 2 3   ? -4.118  -22.198 -13.802 1.00 114.25 ? 116 ASP B CB   1 
ATOM 1291 C CG   . ASP B 2 3   ? -4.034  -22.262 -15.316 1.00 122.74 ? 116 ASP B CG   1 
ATOM 1292 O OD1  . ASP B 2 3   ? -2.919  -22.381 -15.857 1.00 127.21 ? 116 ASP B OD1  1 
ATOM 1293 O OD2  . ASP B 2 3   ? -5.095  -22.202 -15.972 1.00 121.72 ? 116 ASP B OD2  1 
ATOM 1294 H H    . ASP B 2 3   ? -3.758  -22.777 -11.505 1.00 144.18 ? 116 ASP B H    1 
ATOM 1295 H HA   . ASP B 2 3   ? -2.229  -22.965 -13.585 1.00 140.73 ? 116 ASP B HA   1 
ATOM 1296 H HB2  . ASP B 2 3   ? -4.670  -22.937 -13.502 1.00 137.61 ? 116 ASP B HB2  1 
ATOM 1297 H HB3  . ASP B 2 3   ? -4.533  -21.354 -13.562 1.00 137.61 ? 116 ASP B HB3  1 
ATOM 1298 N N    . PRO B 2 4   ? -0.844  -20.900 -13.866 1.00 124.57 ? 117 PRO B N    1 
ATOM 1299 C CA   . PRO B 2 4   ? -0.044  -19.667 -13.809 1.00 116.31 ? 117 PRO B CA   1 
ATOM 1300 C C    . PRO B 2 4   ? -0.698  -18.460 -14.452 1.00 102.96 ? 117 PRO B C    1 
ATOM 1301 O O    . PRO B 2 4   ? -0.161  -17.358 -14.314 1.00 102.80 ? 117 PRO B O    1 
ATOM 1302 C CB   . PRO B 2 4   ? 1.250   -20.044 -14.541 1.00 123.50 ? 117 PRO B CB   1 
ATOM 1303 C CG   . PRO B 2 4   ? 0.850   -21.141 -15.452 1.00 144.46 ? 117 PRO B CG   1 
ATOM 1304 C CD   . PRO B 2 4   ? -0.199  -21.926 -14.709 1.00 130.90 ? 117 PRO B CD   1 
ATOM 1305 H HA   . PRO B 2 4   ? 0.156   -19.460 -12.882 1.00 140.07 ? 117 PRO B HA   1 
ATOM 1306 H HB2  . PRO B 2 4   ? 1.585   -19.281 -15.037 1.00 148.70 ? 117 PRO B HB2  1 
ATOM 1307 H HB3  . PRO B 2 4   ? 1.918   -20.344 -13.904 1.00 148.70 ? 117 PRO B HB3  1 
ATOM 1308 H HG2  . PRO B 2 4   ? 0.486   -20.770 -16.272 1.00 173.85 ? 117 PRO B HG2  1 
ATOM 1309 H HG3  . PRO B 2 4   ? 1.618   -21.698 -15.653 1.00 173.85 ? 117 PRO B HG3  1 
ATOM 1310 H HD2  . PRO B 2 4   ? -0.838  -22.320 -15.323 1.00 157.58 ? 117 PRO B HD2  1 
ATOM 1311 H HD3  . PRO B 2 4   ? 0.207   -22.617 -14.164 1.00 157.58 ? 117 PRO B HD3  1 
ATOM 1312 N N    . LYS B 2 5   ? -1.814  -18.619 -15.164 1.00 99.67  ? 118 LYS B N    1 
ATOM 1313 C CA   . LYS B 2 5   ? -2.582  -17.449 -15.574 1.00 109.43 ? 118 LYS B CA   1 
ATOM 1314 C C    . LYS B 2 5   ? -3.062  -16.680 -14.348 1.00 104.81 ? 118 LYS B C    1 
ATOM 1315 O O    . LYS B 2 5   ? -2.907  -15.453 -14.259 1.00 98.42  ? 118 LYS B O    1 
ATOM 1316 C CB   . LYS B 2 5   ? -3.759  -17.878 -16.450 1.00 121.61 ? 118 LYS B CB   1 
ATOM 1317 C CG   . LYS B 2 5   ? -3.411  -18.050 -17.922 1.00 98.61  ? 118 LYS B CG   1 
ATOM 1318 H H    . LYS B 2 5   ? -2.140  -19.373 -15.416 1.00 120.11 ? 118 LYS B H    1 
ATOM 1319 H HA   . LYS B 2 5   ? -2.021  -16.861 -16.105 1.00 131.81 ? 118 LYS B HA   1 
ATOM 1320 H HB2  . LYS B 2 5   ? -4.094  -18.728 -16.125 1.00 146.43 ? 118 LYS B HB2  1 
ATOM 1321 H HB3  . LYS B 2 5   ? -4.453  -17.203 -16.388 1.00 146.43 ? 118 LYS B HB3  1 
ATOM 1322 N N    . VAL B 2 6   ? -3.629  -17.403 -13.378 1.00 103.66 ? 119 VAL B N    1 
ATOM 1323 C CA   . VAL B 2 6   ? -4.052  -16.795 -12.120 1.00 101.69 ? 119 VAL B CA   1 
ATOM 1324 C C    . VAL B 2 6   ? -2.871  -16.130 -11.424 1.00 108.33 ? 119 VAL B C    1 
ATOM 1325 O O    . VAL B 2 6   ? -2.973  -15.000 -10.929 1.00 98.61  ? 119 VAL B O    1 
ATOM 1326 C CB   . VAL B 2 6   ? -4.706  -17.856 -11.213 1.00 93.97  ? 119 VAL B CB   1 
ATOM 1327 C CG1  . VAL B 2 6   ? -4.948  -17.297 -9.821  1.00 96.75  ? 119 VAL B CG1  1 
ATOM 1328 C CG2  . VAL B 2 6   ? -6.007  -18.350 -11.826 1.00 95.29  ? 119 VAL B CG2  1 
ATOM 1329 H H    . VAL B 2 6   ? -3.780  -18.249 -13.423 1.00 124.89 ? 119 VAL B H    1 
ATOM 1330 H HA   . VAL B 2 6   ? -4.709  -16.108 -12.315 1.00 122.53 ? 119 VAL B HA   1 
ATOM 1331 H HB   . VAL B 2 6   ? -4.102  -18.610 -11.134 1.00 113.27 ? 119 VAL B HB   1 
ATOM 1332 H HG11 . VAL B 2 6   ? -5.564  -17.881 -9.349  1.00 116.60 ? 119 VAL B HG11 1 
ATOM 1333 H HG12 . VAL B 2 6   ? -4.103  -17.255 -9.346  1.00 116.60 ? 119 VAL B HG12 1 
ATOM 1334 H HG13 . VAL B 2 6   ? -5.329  -16.408 -9.899  1.00 116.60 ? 119 VAL B HG13 1 
ATOM 1335 H HG21 . VAL B 2 6   ? -6.373  -19.053 -11.264 1.00 114.84 ? 119 VAL B HG21 1 
ATOM 1336 H HG22 . VAL B 2 6   ? -6.632  -17.611 -11.879 1.00 114.84 ? 119 VAL B HG22 1 
ATOM 1337 H HG23 . VAL B 2 6   ? -5.827  -18.696 -12.713 1.00 114.84 ? 119 VAL B HG23 1 
ATOM 1338 N N    . VAL B 2 7   ? -1.734  -16.827 -11.363 1.00 109.10 ? 120 VAL B N    1 
ATOM 1339 C CA   . VAL B 2 7   ? -0.586  -16.305 -10.632 1.00 95.57  ? 120 VAL B CA   1 
ATOM 1340 C C    . VAL B 2 7   ? -0.040  -15.056 -11.310 1.00 89.07  ? 120 VAL B C    1 
ATOM 1341 O O    . VAL B 2 7   ? 0.355   -14.094 -10.642 1.00 91.14  ? 120 VAL B O    1 
ATOM 1342 C CB   . VAL B 2 7   ? 0.496   -17.392 -10.495 1.00 93.61  ? 120 VAL B CB   1 
ATOM 1343 C CG1  . VAL B 2 7   ? 1.731   -16.821 -9.824  1.00 83.93  ? 120 VAL B CG1  1 
ATOM 1344 C CG2  . VAL B 2 7   ? -0.043  -18.583 -9.715  1.00 107.07 ? 120 VAL B CG2  1 
ATOM 1345 H H    . VAL B 2 7   ? -1.605  -17.594 -11.731 1.00 131.42 ? 120 VAL B H    1 
ATOM 1346 H HA   . VAL B 2 7   ? -0.877  -16.056 -9.741  1.00 115.19 ? 120 VAL B HA   1 
ATOM 1347 H HB   . VAL B 2 7   ? 0.748   -17.704 -11.378 1.00 112.83 ? 120 VAL B HB   1 
ATOM 1348 H HG11 . VAL B 2 7   ? 2.281   -17.553 -9.500  1.00 101.22 ? 120 VAL B HG11 1 
ATOM 1349 H HG12 . VAL B 2 7   ? 2.227   -16.295 -10.470 1.00 101.22 ? 120 VAL B HG12 1 
ATOM 1350 H HG13 . VAL B 2 7   ? 1.455   -16.261 -9.081  1.00 101.22 ? 120 VAL B HG13 1 
ATOM 1351 H HG21 . VAL B 2 7   ? 0.660   -19.243 -9.622  1.00 128.98 ? 120 VAL B HG21 1 
ATOM 1352 H HG22 . VAL B 2 7   ? -0.333  -18.281 -8.839  1.00 128.98 ? 120 VAL B HG22 1 
ATOM 1353 H HG23 . VAL B 2 7   ? -0.794  -18.963 -10.198 1.00 128.98 ? 120 VAL B HG23 1 
ATOM 1354 N N    . GLU B 2 8   ? -0.003  -15.047 -12.645 1.00 91.48  ? 121 GLU B N    1 
ATOM 1355 C CA   . GLU B 2 8   ? 0.489   -13.880 -13.365 1.00 88.29  ? 121 GLU B CA   1 
ATOM 1356 C C    . GLU B 2 8   ? -0.447  -12.695 -13.185 1.00 89.92  ? 121 GLU B C    1 
ATOM 1357 O O    . GLU B 2 8   ? 0.009   -11.557 -13.024 1.00 88.63  ? 121 GLU B O    1 
ATOM 1358 C CB   . GLU B 2 8   ? 0.657   -14.207 -14.848 1.00 107.04 ? 121 GLU B CB   1 
ATOM 1359 C CG   . GLU B 2 8   ? 1.705   -15.271 -15.137 1.00 110.21 ? 121 GLU B CG   1 
ATOM 1360 H H    . GLU B 2 8   ? -0.255  -15.697 -13.150 1.00 110.27 ? 121 GLU B H    1 
ATOM 1361 H HA   . GLU B 2 8   ? 1.360   -13.640 -13.012 1.00 106.45 ? 121 GLU B HA   1 
ATOM 1362 H HB2  . GLU B 2 8   ? -0.190  -14.528 -15.194 1.00 128.95 ? 121 GLU B HB2  1 
ATOM 1363 H HB3  . GLU B 2 8   ? 0.922   -13.399 -15.316 1.00 128.95 ? 121 GLU B HB3  1 
ATOM 1364 N N    . THR B 2 9   ? -1.760  -12.933 -13.206 1.00 96.82  ? 122 THR B N    1 
ATOM 1365 C CA   . THR B 2 9   ? -2.693  -11.847 -12.921 1.00 96.65  ? 122 THR B CA   1 
ATOM 1366 C C    . THR B 2 9   ? -2.488  -11.315 -11.507 1.00 87.84  ? 122 THR B C    1 
ATOM 1367 O O    . THR B 2 9   ? -2.505  -10.098 -11.282 1.00 90.17  ? 122 THR B O    1 
ATOM 1368 C CB   . THR B 2 9   ? -4.130  -12.324 -13.119 1.00 87.67  ? 122 THR B CB   1 
ATOM 1369 O OG1  . THR B 2 9   ? -4.309  -12.730 -14.482 1.00 107.38 ? 122 THR B OG1  1 
ATOM 1370 C CG2  . THR B 2 9   ? -5.123  -11.216 -12.787 1.00 105.43 ? 122 THR B CG2  1 
ATOM 1371 H H    . THR B 2 9   ? -2.128  -13.692 -13.377 1.00 116.69 ? 122 THR B H    1 
ATOM 1372 H HA   . THR B 2 9   ? -2.535  -11.119 -13.543 1.00 116.48 ? 122 THR B HA   1 
ATOM 1373 H HB   . THR B 2 9   ? -4.308  -13.072 -12.528 1.00 105.70 ? 122 THR B HB   1 
ATOM 1374 H HG1  . THR B 2 9   ? -3.743  -13.316 -14.683 1.00 129.36 ? 122 THR B HG1  1 
ATOM 1375 H HG21 . THR B 2 9   ? -6.004  -11.449 -13.120 1.00 127.02 ? 122 THR B HG21 1 
ATOM 1376 H HG22 . THR B 2 9   ? -5.171  -11.092 -11.826 1.00 127.02 ? 122 THR B HG22 1 
ATOM 1377 H HG23 . THR B 2 9   ? -4.840  -10.384 -13.199 1.00 127.02 ? 122 THR B HG23 1 
ATOM 1378 N N    . TYR B 2 10  ? -2.287  -12.214 -10.543 1.00 86.82  ? 123 TYR B N    1 
ATOM 1379 C CA   . TYR B 2 10  ? -2.006  -11.812 -9.167  1.00 91.36  ? 123 TYR B CA   1 
ATOM 1380 C C    . TYR B 2 10  ? -0.769  -10.923 -9.084  1.00 94.16  ? 123 TYR B C    1 
ATOM 1381 O O    . TYR B 2 10  ? -0.782  -9.871  -8.430  1.00 101.71 ? 123 TYR B O    1 
ATOM 1382 C CB   . TYR B 2 10  ? -1.822  -13.070 -8.319  1.00 85.18  ? 123 TYR B CB   1 
ATOM 1383 C CG   . TYR B 2 10  ? -1.440  -12.819 -6.885  1.00 83.49  ? 123 TYR B CG   1 
ATOM 1384 C CD1  . TYR B 2 10  ? -2.395  -12.486 -5.936  1.00 89.46  ? 123 TYR B CD1  1 
ATOM 1385 C CD2  . TYR B 2 10  ? -0.116  -12.914 -6.480  1.00 94.24  ? 123 TYR B CD2  1 
ATOM 1386 C CE1  . TYR B 2 10  ? -2.039  -12.263 -4.618  1.00 100.95 ? 123 TYR B CE1  1 
ATOM 1387 C CE2  . TYR B 2 10  ? 0.249   -12.691 -5.172  1.00 96.08  ? 123 TYR B CE2  1 
ATOM 1388 C CZ   . TYR B 2 10  ? -0.713  -12.363 -4.244  1.00 99.20  ? 123 TYR B CZ   1 
ATOM 1389 O OH   . TYR B 2 10  ? -0.339  -12.144 -2.939  1.00 87.41  ? 123 TYR B OH   1 
ATOM 1390 H H    . TYR B 2 10  ? -2.306  -13.066 -10.658 1.00 104.69 ? 123 TYR B H    1 
ATOM 1391 H HA   . TYR B 2 10  ? -2.754  -11.300 -8.824  1.00 110.13 ? 123 TYR B HA   1 
ATOM 1392 H HB2  . TYR B 2 10  ? -2.658  -13.562 -8.315  1.00 102.72 ? 123 TYR B HB2  1 
ATOM 1393 H HB3  . TYR B 2 10  ? -1.121  -13.608 -8.716  1.00 102.72 ? 123 TYR B HB3  1 
ATOM 1394 H HD1  . TYR B 2 10  ? -3.286  -12.411 -6.189  1.00 107.85 ? 123 TYR B HD1  1 
ATOM 1395 H HD2  . TYR B 2 10  ? 0.537   -13.133 -7.106  1.00 113.59 ? 123 TYR B HD2  1 
ATOM 1396 H HE1  . TYR B 2 10  ? -2.689  -12.049 -3.987  1.00 121.64 ? 123 TYR B HE1  1 
ATOM 1397 H HE2  . TYR B 2 10  ? 1.141   -12.761 -4.916  1.00 115.79 ? 123 TYR B HE2  1 
ATOM 1398 H HH   . TYR B 2 10  ? -0.813  -12.607 -2.422  1.00 105.39 ? 123 TYR B HH   1 
ATOM 1399 N N    . VAL B 2 11  ? 0.322   -11.351 -9.720  1.00 92.52  ? 124 VAL B N    1 
ATOM 1400 C CA   . VAL B 2 11  ? 1.546   -10.558 -9.720  1.00 78.71  ? 124 VAL B CA   1 
ATOM 1401 C C    . VAL B 2 11  ? 1.302   -9.207  -10.375 1.00 80.93  ? 124 VAL B C    1 
ATOM 1402 O O    . VAL B 2 11  ? 1.830   -8.179  -9.933  1.00 82.81  ? 124 VAL B O    1 
ATOM 1403 C CB   . VAL B 2 11  ? 2.680   -11.327 -10.421 1.00 86.72  ? 124 VAL B CB   1 
ATOM 1404 C CG1  . VAL B 2 11  ? 3.888   -10.424 -10.628 1.00 113.63 ? 124 VAL B CG1  1 
ATOM 1405 C CG2  . VAL B 2 11  ? 3.058   -12.558 -9.611  1.00 99.54  ? 124 VAL B CG2  1 
ATOM 1406 H H    . VAL B 2 11  ? 0.380   -12.091 -10.155 1.00 111.52 ? 124 VAL B H    1 
ATOM 1407 H HA   . VAL B 2 11  ? 1.812   -10.401 -8.800  1.00 94.95  ? 124 VAL B HA   1 
ATOM 1408 H HB   . VAL B 2 11  ? 2.374   -11.621 -11.294 1.00 104.57 ? 124 VAL B HB   1 
ATOM 1409 H HG11 . VAL B 2 11  ? 4.665   -10.974 -10.812 1.00 136.86 ? 124 VAL B HG11 1 
ATOM 1410 H HG12 . VAL B 2 11  ? 3.715   -9.833  -11.378 1.00 136.86 ? 124 VAL B HG12 1 
ATOM 1411 H HG13 . VAL B 2 11  ? 4.034   -9.903  -9.823  1.00 136.86 ? 124 VAL B HG13 1 
ATOM 1412 H HG21 . VAL B 2 11  ? 3.874   -12.937 -9.973  1.00 119.95 ? 124 VAL B HG21 1 
ATOM 1413 H HG22 . VAL B 2 11  ? 3.197   -12.296 -8.686  1.00 119.95 ? 124 VAL B HG22 1 
ATOM 1414 H HG23 . VAL B 2 11  ? 2.339   -13.206 -9.666  1.00 119.95 ? 124 VAL B HG23 1 
ATOM 1415 N N    . GLU B 2 12  ? 0.513   -9.186  -11.451 1.00 75.72  ? 125 GLU B N    1 
ATOM 1416 C CA   . GLU B 2 12  ? 0.169   -7.918  -12.082 1.00 72.97  ? 125 GLU B CA   1 
ATOM 1417 C C    . GLU B 2 12  ? -0.574  -7.012  -11.110 1.00 74.23  ? 125 GLU B C    1 
ATOM 1418 O O    . GLU B 2 12  ? -0.369  -5.794  -11.104 1.00 82.31  ? 125 GLU B O    1 
ATOM 1419 C CB   . GLU B 2 12  ? -0.669  -8.163  -13.334 1.00 80.08  ? 125 GLU B CB   1 
ATOM 1420 C CG   . GLU B 2 12  ? -1.311  -6.904  -13.896 1.00 95.90  ? 125 GLU B CG   1 
ATOM 1421 H H    . GLU B 2 12  ? 0.170   -9.879  -11.828 1.00 91.36  ? 125 GLU B H    1 
ATOM 1422 H HA   . GLU B 2 12  ? 0.986   -7.470  -12.354 1.00 88.06  ? 125 GLU B HA   1 
ATOM 1423 H HB2  . GLU B 2 12  ? -0.099  -8.537  -14.024 1.00 96.59  ? 125 GLU B HB2  1 
ATOM 1424 H HB3  . GLU B 2 12  ? -1.380  -8.786  -13.117 1.00 96.59  ? 125 GLU B HB3  1 
ATOM 1425 N N    . LEU B 2 13  ? -1.454  -7.588  -10.288 1.00 74.39  ? 126 LEU B N    1 
ATOM 1426 C CA   . LEU B 2 13  ? -2.125  -6.789  -9.271  1.00 75.11  ? 126 LEU B CA   1 
ATOM 1427 C C    . LEU B 2 13  ? -1.100  -6.194  -8.314  1.00 73.61  ? 126 LEU B C    1 
ATOM 1428 O O    . LEU B 2 13  ? -1.164  -5.010  -7.964  1.00 76.57  ? 126 LEU B O    1 
ATOM 1429 C CB   . LEU B 2 13  ? -3.129  -7.627  -8.482  1.00 82.14  ? 126 LEU B CB   1 
ATOM 1430 C CG   . LEU B 2 13  ? -4.225  -8.379  -9.234  1.00 86.69  ? 126 LEU B CG   1 
ATOM 1431 C CD1  . LEU B 2 13  ? -5.203  -8.980  -8.216  1.00 67.63  ? 126 LEU B CD1  1 
ATOM 1432 C CD2  . LEU B 2 13  ? -4.928  -7.526  -10.271 1.00 99.00  ? 126 LEU B CD2  1 
ATOM 1433 H H    . LEU B 2 13  ? -1.674  -8.420  -10.299 1.00 89.77  ? 126 LEU B H    1 
ATOM 1434 H HA   . LEU B 2 13  ? -2.617  -6.081  -9.716  1.00 90.63  ? 126 LEU B HA   1 
ATOM 1435 H HB2  . LEU B 2 13  ? -2.626  -8.295  -7.992  1.00 99.07  ? 126 LEU B HB2  1 
ATOM 1436 H HB3  . LEU B 2 13  ? -3.580  -7.031  -7.865  1.00 99.07  ? 126 LEU B HB3  1 
ATOM 1437 H HG   . LEU B 2 13  ? -3.821  -9.097  -9.745  1.00 104.53 ? 126 LEU B HG   1 
ATOM 1438 H HD11 . LEU B 2 13  ? -5.900  -9.458  -8.692  1.00 81.66  ? 126 LEU B HD11 1 
ATOM 1439 H HD12 . LEU B 2 13  ? -4.720  -9.588  -7.636  1.00 81.66  ? 126 LEU B HD12 1 
ATOM 1440 H HD13 . LEU B 2 13  ? -5.593  -8.263  -7.692  1.00 81.66  ? 126 LEU B HD13 1 
ATOM 1441 H HD21 . LEU B 2 13  ? -5.697  -8.010  -10.610 1.00 119.30 ? 126 LEU B HD21 1 
ATOM 1442 H HD22 . LEU B 2 13  ? -5.215  -6.697  -9.856  1.00 119.30 ? 126 LEU B HD22 1 
ATOM 1443 H HD23 . LEU B 2 13  ? -4.311  -7.336  -10.996 1.00 119.30 ? 126 LEU B HD23 1 
ATOM 1444 N N    . LEU B 2 14  ? -0.157  -7.023  -7.865  1.00 81.58  ? 127 LEU B N    1 
ATOM 1445 C CA   . LEU B 2 14  ? 0.883   -6.538  -6.961  1.00 91.30  ? 127 LEU B CA   1 
ATOM 1446 C C    . LEU B 2 14  ? 1.658   -5.384  -7.587  1.00 89.21  ? 127 LEU B C    1 
ATOM 1447 O O    . LEU B 2 14  ? 2.018   -4.419  -6.902  1.00 76.28  ? 127 LEU B O    1 
ATOM 1448 C CB   . LEU B 2 14  ? 1.835   -7.675  -6.596  1.00 83.72  ? 127 LEU B CB   1 
ATOM 1449 C CG   . LEU B 2 14  ? 1.239   -8.839  -5.807  1.00 91.53  ? 127 LEU B CG   1 
ATOM 1450 C CD1  . LEU B 2 14  ? 2.285   -9.925  -5.618  1.00 106.16 ? 127 LEU B CD1  1 
ATOM 1451 C CD2  . LEU B 2 14  ? 0.696   -8.378  -4.467  1.00 84.93  ? 127 LEU B CD2  1 
ATOM 1452 H H    . LEU B 2 14  ? -0.095  -7.857  -8.064  1.00 98.39  ? 127 LEU B H    1 
ATOM 1453 H HA   . LEU B 2 14  ? 0.464   -6.221  -6.145  1.00 110.06 ? 127 LEU B HA   1 
ATOM 1454 H HB2  . LEU B 2 14  ? 2.192   -8.044  -7.420  1.00 100.97 ? 127 LEU B HB2  1 
ATOM 1455 H HB3  . LEU B 2 14  ? 2.554   -7.306  -6.060  1.00 100.97 ? 127 LEU B HB3  1 
ATOM 1456 H HG   . LEU B 2 14  ? 0.494   -9.208  -6.305  1.00 110.34 ? 127 LEU B HG   1 
ATOM 1457 H HD11 . LEU B 2 14  ? 1.995   -10.526 -4.913  1.00 127.89 ? 127 LEU B HD11 1 
ATOM 1458 H HD12 . LEU B 2 14  ? 2.385   -10.415 -6.449  1.00 127.89 ? 127 LEU B HD12 1 
ATOM 1459 H HD13 . LEU B 2 14  ? 3.128   -9.514  -5.374  1.00 127.89 ? 127 LEU B HD13 1 
ATOM 1460 H HD21 . LEU B 2 14  ? 0.430   -9.155  -3.949  1.00 102.42 ? 127 LEU B HD21 1 
ATOM 1461 H HD22 . LEU B 2 14  ? 1.388   -7.888  -3.997  1.00 102.42 ? 127 LEU B HD22 1 
ATOM 1462 H HD23 . LEU B 2 14  ? -0.071  -7.803  -4.618  1.00 102.42 ? 127 LEU B HD23 1 
ATOM 1463 N N    . LYS B 2 15  ? 1.932   -5.471  -8.889  1.00 86.21  ? 128 LYS B N    1 
ATOM 1464 C CA   . LYS B 2 15  ? 2.677   -4.413  -9.562  1.00 79.10  ? 128 LYS B CA   1 
ATOM 1465 C C    . LYS B 2 15  ? 1.845   -3.143  -9.674  1.00 75.21  ? 128 LYS B C    1 
ATOM 1466 O O    . LYS B 2 15  ? 2.359   -2.033  -9.474  1.00 75.53  ? 128 LYS B O    1 
ATOM 1467 C CB   . LYS B 2 15  ? 3.126   -4.887  -10.943 1.00 90.79  ? 128 LYS B CB   1 
ATOM 1468 C CG   . LYS B 2 15  ? 4.188   -5.979  -10.907 1.00 81.24  ? 128 LYS B CG   1 
ATOM 1469 H H    . LYS B 2 15  ? 1.699   -6.123  -9.400  1.00 103.95 ? 128 LYS B H    1 
ATOM 1470 H HA   . LYS B 2 15  ? 3.471   -4.208  -9.043  1.00 95.42  ? 128 LYS B HA   1 
ATOM 1471 H HB2  . LYS B 2 15  ? 2.357   -5.239  -11.417 1.00 109.45 ? 128 LYS B HB2  1 
ATOM 1472 H HB3  . LYS B 2 15  ? 3.497   -4.131  -11.426 1.00 109.45 ? 128 LYS B HB3  1 
ATOM 1473 N N    . ARG B 2 16  ? 0.562   -3.280  -10.012 1.00 63.83  ? 129 ARG B N    1 
ATOM 1474 C CA   . ARG B 2 16  ? -0.330  -2.129  -9.981  1.00 74.07  ? 129 ARG B CA   1 
ATOM 1475 C C    . ARG B 2 16  ? -0.296  -1.470  -8.610  1.00 76.21  ? 129 ARG B C    1 
ATOM 1476 O O    . ARG B 2 16  ? -0.288  -0.238  -8.493  1.00 73.68  ? 129 ARG B O    1 
ATOM 1477 C CB   . ARG B 2 16  ? -1.755  -2.553  -10.333 1.00 67.12  ? 129 ARG B CB   1 
ATOM 1478 C CG   . ARG B 2 16  ? -1.931  -3.031  -11.766 1.00 79.76  ? 129 ARG B CG   1 
ATOM 1479 H H    . ARG B 2 16  ? 0.190   -4.016  -10.258 1.00 77.09  ? 129 ARG B H    1 
ATOM 1480 H HA   . ARG B 2 16  ? -0.044  -1.484  -10.647 1.00 89.39  ? 129 ARG B HA   1 
ATOM 1481 H HB2  . ARG B 2 16  ? -2.016  -3.280  -9.747  1.00 81.04  ? 129 ARG B HB2  1 
ATOM 1482 H HB3  . ARG B 2 16  ? -2.346  -1.795  -10.203 1.00 81.04  ? 129 ARG B HB3  1 
ATOM 1483 N N    . HIS B 2 17  ? -0.263  -2.288  -7.557  1.00 67.61  ? 130 HIS B N    1 
ATOM 1484 C CA   . HIS B 2 17  ? -0.225  -1.757  -6.200  1.00 74.78  ? 130 HIS B CA   1 
ATOM 1485 C C    . HIS B 2 17  ? 1.072   -1.005  -5.939  1.00 81.23  ? 130 HIS B C    1 
ATOM 1486 O O    . HIS B 2 17  ? 1.058   0.084   -5.350  1.00 80.24  ? 130 HIS B O    1 
ATOM 1487 C CB   . HIS B 2 17  ? -0.404  -2.895  -5.201  1.00 66.30  ? 130 HIS B CB   1 
ATOM 1488 C CG   . HIS B 2 17  ? -0.450  -2.449  -3.775  1.00 60.93  ? 130 HIS B CG   1 
ATOM 1489 N ND1  . HIS B 2 17  ? 0.670   -2.405  -2.974  1.00 67.63  ? 130 HIS B ND1  1 
ATOM 1490 C CD2  . HIS B 2 17  ? -1.478  -2.010  -3.011  1.00 65.78  ? 130 HIS B CD2  1 
ATOM 1491 C CE1  . HIS B 2 17  ? 0.332   -1.974  -1.772  1.00 71.89  ? 130 HIS B CE1  1 
ATOM 1492 N NE2  . HIS B 2 17  ? -0.965  -1.728  -1.768  1.00 66.49  ? 130 HIS B NE2  1 
ATOM 1493 H H    . HIS B 2 17  ? -0.262  -3.147  -7.600  1.00 81.63  ? 130 HIS B H    1 
ATOM 1494 H HA   . HIS B 2 17  ? -0.957  -1.131  -6.080  1.00 90.24  ? 130 HIS B HA   1 
ATOM 1495 H HB2  . HIS B 2 17  ? -1.238  -3.350  -5.395  1.00 80.06  ? 130 HIS B HB2  1 
ATOM 1496 H HB3  . HIS B 2 17  ? 0.339   -3.510  -5.294  1.00 80.06  ? 130 HIS B HB3  1 
ATOM 1497 H HD1  . HIS B 2 17  ? 1.465   -2.623  -3.219  1.00 81.66  ? 130 HIS B HD1  1 
ATOM 1498 H HD2  . HIS B 2 17  ? -2.363  -1.916  -3.278  1.00 79.43  ? 130 HIS B HD2  1 
ATOM 1499 H HE1  . HIS B 2 17  ? 0.908   -1.865  -1.051  1.00 86.76  ? 130 HIS B HE1  1 
ATOM 1500 N N    . GLU B 2 18  ? 2.205   -1.575  -6.359  1.00 84.75  ? 131 GLU B N    1 
ATOM 1501 C CA   . GLU B 2 18  ? 3.477   -0.873  -6.226  1.00 71.43  ? 131 GLU B CA   1 
ATOM 1502 C C    . GLU B 2 18  ? 3.425   0.480   -6.925  1.00 75.42  ? 131 GLU B C    1 
ATOM 1503 O O    . GLU B 2 18  ? 3.889   1.487   -6.378  1.00 77.05  ? 131 GLU B O    1 
ATOM 1504 C CB   . GLU B 2 18  ? 4.615   -1.725  -6.790  1.00 81.91  ? 131 GLU B CB   1 
ATOM 1505 C CG   . GLU B 2 18  ? 5.728   -0.926  -7.449  1.00 76.64  ? 131 GLU B CG   1 
ATOM 1506 H H    . GLU B 2 18  ? 2.262   -2.354  -6.719  1.00 102.20 ? 131 GLU B H    1 
ATOM 1507 H HA   . GLU B 2 18  ? 3.658   -0.726  -5.284  1.00 86.21  ? 131 GLU B HA   1 
ATOM 1508 H HB2  . GLU B 2 18  ? 5.009   -2.235  -6.064  1.00 98.79  ? 131 GLU B HB2  1 
ATOM 1509 H HB3  . GLU B 2 18  ? 4.250   -2.326  -7.457  1.00 98.79  ? 131 GLU B HB3  1 
ATOM 1510 N N    . LYS B 2 19  ? 2.848   0.528   -8.130  1.00 69.35  ? 132 LYS B N    1 
ATOM 1511 C CA   . LYS B 2 19  ? 2.795   1.785   -8.871  1.00 82.48  ? 132 LYS B CA   1 
ATOM 1512 C C    . LYS B 2 19  ? 1.908   2.807   -8.167  1.00 79.64  ? 132 LYS B C    1 
ATOM 1513 O O    . LYS B 2 19  ? 2.262   3.992   -8.072  1.00 84.24  ? 132 LYS B O    1 
ATOM 1514 C CB   . LYS B 2 19  ? 2.299   1.536   -10.296 1.00 89.66  ? 132 LYS B CB   1 
ATOM 1515 C CG   . LYS B 2 19  ? 3.300   0.803   -11.180 1.00 103.52 ? 132 LYS B CG   1 
ATOM 1516 H H    . LYS B 2 19  ? 2.487   -0.140  -8.534  1.00 83.73  ? 132 LYS B H    1 
ATOM 1517 H HA   . LYS B 2 19  ? 3.692   2.151   -8.925  1.00 99.48  ? 132 LYS B HA   1 
ATOM 1518 H HB2  . LYS B 2 19  ? 1.492   0.999   -10.255 1.00 108.10 ? 132 LYS B HB2  1 
ATOM 1519 H HB3  . LYS B 2 19  ? 2.107   2.390   -10.713 1.00 108.10 ? 132 LYS B HB3  1 
ATOM 1520 N N    . ALA B 2 20  ? 0.750   2.373   -7.668  1.00 79.50  ? 133 ALA B N    1 
ATOM 1521 C CA   . ALA B 2 20  ? -0.137  3.300   -6.973  1.00 90.33  ? 133 ALA B CA   1 
ATOM 1522 C C    . ALA B 2 20  ? 0.520   3.837   -5.706  1.00 77.62  ? 133 ALA B C    1 
ATOM 1523 O O    . ALA B 2 20  ? 0.406   5.029   -5.392  1.00 82.26  ? 133 ALA B O    1 
ATOM 1524 C CB   . ALA B 2 20  ? -1.466  2.614   -6.656  1.00 107.19 ? 133 ALA B CB   1 
ATOM 1525 H H    . ALA B 2 20  ? 0.460   1.565   -7.717  1.00 95.90  ? 133 ALA B H    1 
ATOM 1526 H HA   . ALA B 2 20  ? -0.327  4.055   -7.553  1.00 108.89 ? 133 ALA B HA   1 
ATOM 1527 H HB1  . ALA B 2 20  ? -2.048  3.246   -6.206  1.00 129.12 ? 133 ALA B HB1  1 
ATOM 1528 H HB2  . ALA B 2 20  ? -1.875  2.319   -7.486  1.00 129.12 ? 133 ALA B HB2  1 
ATOM 1529 H HB3  . ALA B 2 20  ? -1.298  1.851   -6.082  1.00 129.12 ? 133 ALA B HB3  1 
ATOM 1530 N N    . VAL B 2 21  ? 1.236   2.980   -4.975  1.00 79.20  ? 134 VAL B N    1 
ATOM 1531 C CA   . VAL B 2 21  ? 1.908   3.444   -3.765  1.00 73.46  ? 134 VAL B CA   1 
ATOM 1532 C C    . VAL B 2 21  ? 3.066   4.375   -4.111  1.00 82.11  ? 134 VAL B C    1 
ATOM 1533 O O    . VAL B 2 21  ? 3.360   5.310   -3.359  1.00 74.24  ? 134 VAL B O    1 
ATOM 1534 C CB   . VAL B 2 21  ? 2.380   2.245   -2.923  1.00 75.80  ? 134 VAL B CB   1 
ATOM 1535 C CG1  . VAL B 2 21  ? 3.223   2.723   -1.756  1.00 100.90 ? 134 VAL B CG1  1 
ATOM 1536 C CG2  . VAL B 2 21  ? 1.189   1.438   -2.419  1.00 73.54  ? 134 VAL B CG2  1 
ATOM 1537 H H    . VAL B 2 21  ? 1.346   2.145   -5.153  1.00 95.54  ? 134 VAL B H    1 
ATOM 1538 H HA   . VAL B 2 21  ? 1.271   3.949   -3.237  1.00 88.65  ? 134 VAL B HA   1 
ATOM 1539 H HB   . VAL B 2 21  ? 2.922   1.665   -3.481  1.00 91.46  ? 134 VAL B HB   1 
ATOM 1540 H HG11 . VAL B 2 21  ? 3.156   2.079   -1.034  1.00 121.57 ? 134 VAL B HG11 1 
ATOM 1541 H HG12 . VAL B 2 21  ? 4.145   2.801   -2.045  1.00 121.57 ? 134 VAL B HG12 1 
ATOM 1542 H HG13 . VAL B 2 21  ? 2.894   3.587   -1.462  1.00 121.57 ? 134 VAL B HG13 1 
ATOM 1543 H HG21 . VAL B 2 21  ? 1.515   0.667   -1.930  1.00 88.75  ? 134 VAL B HG21 1 
ATOM 1544 H HG22 . VAL B 2 21  ? 0.653   1.998   -1.835  1.00 88.75  ? 134 VAL B HG22 1 
ATOM 1545 H HG23 . VAL B 2 21  ? 0.659   1.149   -3.178  1.00 88.75  ? 134 VAL B HG23 1 
ATOM 1546 N N    . LYS B 2 22  ? 3.745   4.144   -5.240  1.00 89.05  ? 135 LYS B N    1 
ATOM 1547 C CA   . LYS B 2 22  ? 4.784   5.069   -5.683  1.00 80.95  ? 135 LYS B CA   1 
ATOM 1548 C C    . LYS B 2 22  ? 4.189   6.432   -6.015  1.00 81.98  ? 135 LYS B C    1 
ATOM 1549 O O    . LYS B 2 22  ? 4.812   7.472   -5.766  1.00 88.97  ? 135 LYS B O    1 
ATOM 1550 C CB   . LYS B 2 22  ? 5.514   4.496   -6.898  1.00 82.10  ? 135 LYS B CB   1 
ATOM 1551 H H    . LYS B 2 22  ? 3.625   3.469   -5.760  1.00 107.36 ? 135 LYS B H    1 
ATOM 1552 H HA   . LYS B 2 22  ? 5.430   5.182   -4.970  1.00 97.64  ? 135 LYS B HA   1 
ATOM 1553 N N    . GLU B 2 23  ? 2.985   6.444   -6.589  1.00 74.81  ? 136 GLU B N    1 
ATOM 1554 C CA   . GLU B 2 23  ? 2.275   7.703   -6.786  1.00 76.03  ? 136 GLU B CA   1 
ATOM 1555 C C    . GLU B 2 23  ? 1.989   8.376   -5.448  1.00 74.53  ? 136 GLU B C    1 
ATOM 1556 O O    . GLU B 2 23  ? 2.235   9.578   -5.275  1.00 88.05  ? 136 GLU B O    1 
ATOM 1557 C CB   . GLU B 2 23  ? 0.979   7.452   -7.558  1.00 81.69  ? 136 GLU B CB   1 
ATOM 1558 C CG   . GLU B 2 23  ? 0.726   8.434   -8.690  1.00 83.12  ? 136 GLU B CG   1 
ATOM 1559 H H    . GLU B 2 23  ? 2.563   5.748   -6.868  1.00 90.28  ? 136 GLU B H    1 
ATOM 1560 H HA   . GLU B 2 23  ? 2.825   8.302   -7.315  1.00 91.73  ? 136 GLU B HA   1 
ATOM 1561 H HB2  . GLU B 2 23  ? 1.016   6.563   -7.943  1.00 98.53  ? 136 GLU B HB2  1 
ATOM 1562 H HB3  . GLU B 2 23  ? 0.234   7.516   -6.941  1.00 98.53  ? 136 GLU B HB3  1 
ATOM 1563 N N    . LEU B 2 24  ? 1.454   7.609   -4.491  1.00 68.43  ? 137 LEU B N    1 
ATOM 1564 C CA   . LEU B 2 24  ? 1.271   8.133   -3.141  1.00 80.48  ? 137 LEU B CA   1 
ATOM 1565 C C    . LEU B 2 24  ? 2.553   8.761   -2.614  1.00 89.40  ? 137 LEU B C    1 
ATOM 1566 O O    . LEU B 2 24  ? 2.526   9.844   -2.025  1.00 91.80  ? 137 LEU B O    1 
ATOM 1567 C CB   . LEU B 2 24  ? 0.816   7.041   -2.169  1.00 77.42  ? 137 LEU B CB   1 
ATOM 1568 C CG   . LEU B 2 24  ? -0.653  6.642   -2.080  1.00 85.54  ? 137 LEU B CG   1 
ATOM 1569 C CD1  . LEU B 2 24  ? -0.815  5.460   -1.137  1.00 78.52  ? 137 LEU B CD1  1 
ATOM 1570 C CD2  . LEU B 2 24  ? -1.495  7.802   -1.584  1.00 72.38  ? 137 LEU B CD2  1 
ATOM 1571 H H    . LEU B 2 24  ? 1.193   6.796   -4.596  1.00 82.61  ? 137 LEU B H    1 
ATOM 1572 H HA   . LEU B 2 24  ? 0.572   8.804   -3.186  1.00 97.08  ? 137 LEU B HA   1 
ATOM 1573 H HB2  . LEU B 2 24  ? 1.298   6.233   -2.405  1.00 93.40  ? 137 LEU B HB2  1 
ATOM 1574 H HB3  . LEU B 2 24  ? 1.069   7.331   -1.279  1.00 93.40  ? 137 LEU B HB3  1 
ATOM 1575 H HG   . LEU B 2 24  ? -0.964  6.390   -2.963  1.00 103.15 ? 137 LEU B HG   1 
ATOM 1576 H HD11 . LEU B 2 24  ? -1.753  5.220   -1.090  1.00 94.72  ? 137 LEU B HD11 1 
ATOM 1577 H HD12 . LEU B 2 24  ? -0.299  4.713   -1.477  1.00 94.72  ? 137 LEU B HD12 1 
ATOM 1578 H HD13 . LEU B 2 24  ? -0.494  5.712   -0.258  1.00 94.72  ? 137 LEU B HD13 1 
ATOM 1579 H HD21 . LEU B 2 24  ? -2.110  7.479   -0.907  1.00 87.36  ? 137 LEU B HD21 1 
ATOM 1580 H HD22 . LEU B 2 24  ? -0.909  8.476   -1.203  1.00 87.36  ? 137 LEU B HD22 1 
ATOM 1581 H HD23 . LEU B 2 24  ? -1.989  8.175   -2.329  1.00 87.36  ? 137 LEU B HD23 1 
ATOM 1582 N N    . LEU B 2 25  ? 3.685   8.083   -2.803  1.00 92.77  ? 138 LEU B N    1 
ATOM 1583 C CA   . LEU B 2 25  ? 4.931   8.561   -2.219  1.00 87.70  ? 138 LEU B CA   1 
ATOM 1584 C C    . LEU B 2 25  ? 5.408   9.833   -2.900  1.00 85.43  ? 138 LEU B C    1 
ATOM 1585 O O    . LEU B 2 25  ? 5.886   10.754  -2.230  1.00 84.36  ? 138 LEU B O    1 
ATOM 1586 C CB   . LEU B 2 25  ? 6.019   7.492   -2.313  1.00 90.81  ? 138 LEU B CB   1 
ATOM 1587 C CG   . LEU B 2 25  ? 7.354   7.989   -1.745  1.00 83.15  ? 138 LEU B CG   1 
ATOM 1588 C CD1  . LEU B 2 25  ? 7.253   8.258   -0.244  1.00 85.96  ? 138 LEU B CD1  1 
ATOM 1589 C CD2  . LEU B 2 25  ? 8.486   7.024   -2.052  1.00 104.35 ? 138 LEU B CD2  1 
ATOM 1590 H H    . LEU B 2 25  ? 3.758   7.357   -3.257  1.00 111.82 ? 138 LEU B H    1 
ATOM 1591 H HA   . LEU B 2 25  ? 4.767   8.747   -1.281  1.00 105.75 ? 138 LEU B HA   1 
ATOM 1592 H HB2  . LEU B 2 25  ? 5.744   6.711   -1.806  1.00 109.47 ? 138 LEU B HB2  1 
ATOM 1593 H HB3  . LEU B 2 25  ? 6.153   7.254   -3.243  1.00 109.47 ? 138 LEU B HB3  1 
ATOM 1594 H HG   . LEU B 2 25  ? 7.568   8.829   -2.180  1.00 100.28 ? 138 LEU B HG   1 
ATOM 1595 H HD11 . LEU B 2 25  ? 8.129   8.500   0.093   1.00 103.65 ? 138 LEU B HD11 1 
ATOM 1596 H HD12 . LEU B 2 25  ? 6.629   8.985   -0.095  1.00 103.65 ? 138 LEU B HD12 1 
ATOM 1597 H HD13 . LEU B 2 25  ? 6.938   7.455   0.200   1.00 103.65 ? 138 LEU B HD13 1 
ATOM 1598 H HD21 . LEU B 2 25  ? 9.313   7.385   -1.698  1.00 125.72 ? 138 LEU B HD21 1 
ATOM 1599 H HD22 . LEU B 2 25  ? 8.293   6.168   -1.638  1.00 125.72 ? 138 LEU B HD22 1 
ATOM 1600 H HD23 . LEU B 2 25  ? 8.558   6.916   -3.014  1.00 125.72 ? 138 LEU B HD23 1 
ATOM 1601 N N    . GLU B 2 26  ? 5.356   9.879   -4.231  1.00 93.97  ? 139 GLU B N    1 
ATOM 1602 C CA   . GLU B 2 26  ? 5.739   11.103  -4.921  1.00 97.43  ? 139 GLU B CA   1 
ATOM 1603 C C    . GLU B 2 26  ? 4.876   12.262  -4.448  1.00 91.55  ? 139 GLU B C    1 
ATOM 1604 O O    . GLU B 2 26  ? 5.382   13.363  -4.195  1.00 98.54  ? 139 GLU B O    1 
ATOM 1605 C CB   . GLU B 2 26  ? 5.627   10.923  -6.432  1.00 90.27  ? 139 GLU B CB   1 
ATOM 1606 C CG   . GLU B 2 26  ? 6.974   10.822  -7.130  1.00 104.19 ? 139 GLU B CG   1 
ATOM 1607 H H    . GLU B 2 26  ? 5.110   9.233   -4.743  1.00 113.27 ? 139 GLU B H    1 
ATOM 1608 H HA   . GLU B 2 26  ? 6.667   11.306  -4.727  1.00 117.41 ? 139 GLU B HA   1 
ATOM 1609 H HB2  . GLU B 2 26  ? 5.136   10.106  -6.615  1.00 108.82 ? 139 GLU B HB2  1 
ATOM 1610 H HB3  . GLU B 2 26  ? 5.155   11.684  -6.805  1.00 108.82 ? 139 GLU B HB3  1 
ATOM 1611 N N    . ILE B 2 27  ? 3.574   12.020  -4.282  1.00 75.67  ? 140 ILE B N    1 
ATOM 1612 C CA   . ILE B 2 27  ? 2.693   13.061  -3.767  1.00 81.48  ? 140 ILE B CA   1 
ATOM 1613 C C    . ILE B 2 27  ? 3.116   13.467  -2.362  1.00 95.73  ? 140 ILE B C    1 
ATOM 1614 O O    . ILE B 2 27  ? 3.189   14.654  -2.039  1.00 101.34 ? 140 ILE B O    1 
ATOM 1615 C CB   . ILE B 2 27  ? 1.228   12.593  -3.791  1.00 94.96  ? 140 ILE B CB   1 
ATOM 1616 C CG1  . ILE B 2 27  ? 0.759   12.407  -5.232  1.00 102.71 ? 140 ILE B CG1  1 
ATOM 1617 C CG2  . ILE B 2 27  ? 0.357   13.593  -3.046  1.00 95.82  ? 140 ILE B CG2  1 
ATOM 1618 C CD1  . ILE B 2 27  ? -0.575  11.697  -5.357  1.00 94.41  ? 140 ILE B CD1  1 
ATOM 1619 H H    . ILE B 2 27  ? 3.183   11.275  -4.457  1.00 91.30  ? 140 ILE B H    1 
ATOM 1620 H HA   . ILE B 2 27  ? 2.772   13.836  -4.344  1.00 98.28  ? 140 ILE B HA   1 
ATOM 1621 H HB   . ILE B 2 27  ? 1.156   11.735  -3.344  1.00 114.45 ? 140 ILE B HB   1 
ATOM 1622 H HG12 . ILE B 2 27  ? 0.669   13.280  -5.646  1.00 123.75 ? 140 ILE B HG12 1 
ATOM 1623 H HG13 . ILE B 2 27  ? 1.419   11.881  -5.709  1.00 123.75 ? 140 ILE B HG13 1 
ATOM 1624 H HG21 . ILE B 2 27  ? -0.546  13.547  -3.395  1.00 115.48 ? 140 ILE B HG21 1 
ATOM 1625 H HG22 . ILE B 2 27  ? 0.358   13.371  -2.101  1.00 115.48 ? 140 ILE B HG22 1 
ATOM 1626 H HG23 . ILE B 2 27  ? 0.717   14.484  -3.176  1.00 115.48 ? 140 ILE B HG23 1 
ATOM 1627 H HD11 . ILE B 2 27  ? -0.706  11.430  -6.280  1.00 113.79 ? 140 ILE B HD11 1 
ATOM 1628 H HD12 . ILE B 2 27  ? -0.571  10.916  -4.784  1.00 113.79 ? 140 ILE B HD12 1 
ATOM 1629 H HD13 . ILE B 2 27  ? -1.281  12.304  -5.085  1.00 113.79 ? 140 ILE B HD13 1 
ATOM 1630 N N    . ALA B 2 28  ? 3.387   12.485  -1.502  1.00 100.93 ? 141 ALA B N    1 
ATOM 1631 C CA   . ALA B 2 28  ? 3.720   12.782  -0.114  1.00 101.15 ? 141 ALA B CA   1 
ATOM 1632 C C    . ALA B 2 28  ? 4.999   13.599  -0.027  1.00 100.70 ? 141 ALA B C    1 
ATOM 1633 O O    . ALA B 2 28  ? 5.064   14.604  0.685   1.00 107.35 ? 141 ALA B O    1 
ATOM 1634 C CB   . ALA B 2 28  ? 3.853   11.484  0.683   1.00 97.14  ? 141 ALA B CB   1 
ATOM 1635 H H    . ALA B 2 28  ? 3.386   11.646  -1.695  1.00 121.61 ? 141 ALA B H    1 
ATOM 1636 H HA   . ALA B 2 28  ? 3.001   13.302  0.277   1.00 121.89 ? 141 ALA B HA   1 
ATOM 1637 H HB1  . ALA B 2 28  ? 4.141   11.695  1.585   1.00 117.06 ? 141 ALA B HB1  1 
ATOM 1638 H HB2  . ALA B 2 28  ? 2.991   11.038  0.707   1.00 117.06 ? 141 ALA B HB2  1 
ATOM 1639 H HB3  . ALA B 2 28  ? 4.508   10.914  0.251   1.00 117.06 ? 141 ALA B HB3  1 
ATOM 1640 N N    . LYS B 2 29  ? 6.029   13.182  -0.762  1.00 93.57  ? 142 LYS B N    1 
ATOM 1641 C CA   . LYS B 2 29  ? 7.293   13.906  -0.762  1.00 92.18  ? 142 LYS B CA   1 
ATOM 1642 C C    . LYS B 2 29  ? 7.114   15.322  -1.294  1.00 99.12  ? 142 LYS B C    1 
ATOM 1643 O O    . LYS B 2 29  ? 7.535   16.295  -0.657  1.00 112.15 ? 142 LYS B O    1 
ATOM 1644 C CB   . LYS B 2 29  ? 8.321   13.142  -1.596  1.00 95.14  ? 142 LYS B CB   1 
ATOM 1645 C CG   . LYS B 2 29  ? 8.719   11.799  -1.011  1.00 80.58  ? 142 LYS B CG   1 
ATOM 1646 H H    . LYS B 2 29  ? 6.022   12.487  -1.268  1.00 112.78 ? 142 LYS B H    1 
ATOM 1647 H HA   . LYS B 2 29  ? 7.622   13.968  0.149   1.00 111.12 ? 142 LYS B HA   1 
ATOM 1648 H HB2  . LYS B 2 29  ? 7.950   12.981  -2.478  1.00 114.67 ? 142 LYS B HB2  1 
ATOM 1649 H HB3  . LYS B 2 29  ? 9.125   13.681  -1.668  1.00 114.67 ? 142 LYS B HB3  1 
ATOM 1650 N N    . THR B 2 30  ? 6.487   15.462  -2.467  1.00 97.58  ? 143 THR B N    1 
ATOM 1651 C CA   . THR B 2 30  ? 6.381   16.775  -3.091  1.00 107.49 ? 143 THR B CA   1 
ATOM 1652 C C    . THR B 2 30  ? 5.410   17.692  -2.356  1.00 112.01 ? 143 THR B C    1 
ATOM 1653 O O    . THR B 2 30  ? 5.522   18.916  -2.481  1.00 129.46 ? 143 THR B O    1 
ATOM 1654 C CB   . THR B 2 30  ? 5.962   16.614  -4.554  1.00 101.53 ? 143 THR B CB   1 
ATOM 1655 O OG1  . THR B 2 30  ? 6.910   15.777  -5.233  1.00 91.15  ? 143 THR B OG1  1 
ATOM 1656 C CG2  . THR B 2 30  ? 5.911   17.965  -5.248  1.00 111.70 ? 143 THR B CG2  1 
ATOM 1657 H H    . THR B 2 30  ? 6.122   14.823  -2.911  1.00 117.60 ? 143 THR B H    1 
ATOM 1658 H HA   . THR B 2 30  ? 7.249   17.206  -3.074  1.00 129.49 ? 143 THR B HA   1 
ATOM 1659 H HB   . THR B 2 30  ? 5.080   16.213  -4.595  1.00 122.34 ? 143 THR B HB   1 
ATOM 1660 H HG1  . THR B 2 30  ? 6.947   15.025  -4.859  1.00 109.88 ? 143 THR B HG1  1 
ATOM 1661 H HG21 . THR B 2 30  ? 5.863   17.841  -6.209  1.00 134.54 ? 143 THR B HG21 1 
ATOM 1662 H HG22 . THR B 2 30  ? 5.131   18.459  -4.954  1.00 134.54 ? 143 THR B HG22 1 
ATOM 1663 H HG23 . THR B 2 30  ? 6.708   18.476  -5.036  1.00 134.54 ? 143 THR B HG23 1 
ATOM 1664 N N    . HIS B 2 31  ? 4.466   17.135  -1.593  1.00 109.30 ? 144 HIS B N    1 
ATOM 1665 C CA   . HIS B 2 31  ? 3.604   17.926  -0.721  1.00 129.34 ? 144 HIS B CA   1 
ATOM 1666 C C    . HIS B 2 31  ? 4.331   18.334  0.552   1.00 127.07 ? 144 HIS B C    1 
ATOM 1667 O O    . HIS B 2 31  ? 4.139   19.450  1.047   1.00 129.55 ? 144 HIS B O    1 
ATOM 1668 C CB   . HIS B 2 31  ? 2.343   17.125  -0.386  1.00 136.03 ? 144 HIS B CB   1 
ATOM 1669 C CG   . HIS B 2 31  ? 1.438   17.792  0.604   1.00 138.79 ? 144 HIS B CG   1 
ATOM 1670 N ND1  . HIS B 2 31  ? 1.601   17.647  1.965   1.00 137.29 ? 144 HIS B ND1  1 
ATOM 1671 C CD2  . HIS B 2 31  ? 0.354   18.586  0.436   1.00 142.52 ? 144 HIS B CD2  1 
ATOM 1672 C CE1  . HIS B 2 31  ? 0.662   18.333  2.594   1.00 154.46 ? 144 HIS B CE1  1 
ATOM 1673 N NE2  . HIS B 2 31  ? -0.108  18.911  1.688   1.00 151.97 ? 144 HIS B NE2  1 
ATOM 1674 H H    . HIS B 2 31  ? 4.302   16.291  -1.561  1.00 131.66 ? 144 HIS B H    1 
ATOM 1675 H HA   . HIS B 2 31  ? 3.336   18.734  -1.183  1.00 155.71 ? 144 HIS B HA   1 
ATOM 1676 H HB2  . HIS B 2 31  ? 1.837   16.988  -1.202  1.00 163.74 ? 144 HIS B HB2  1 
ATOM 1677 H HB3  . HIS B 2 31  ? 2.608   16.270  -0.013  1.00 163.74 ? 144 HIS B HB3  1 
ATOM 1678 H HD2  . HIS B 2 31  ? -0.010  18.859  -0.375  1.00 171.52 ? 144 HIS B HD2  1 
ATOM 1679 H HE1  . HIS B 2 31  ? 0.560   18.396  3.516   1.00 185.86 ? 144 HIS B HE1  1 
ATOM 1680 H HE2  . HIS B 2 31  ? -0.787  19.411  1.856   1.00 182.86 ? 144 HIS B HE2  1 
ATOM 1681 N N    . ALA B 2 32  ? 5.163   17.445  1.099   1.00 120.46 ? 145 ALA B N    1 
ATOM 1682 C CA   . ALA B 2 32  ? 6.031   17.829  2.205   1.00 120.38 ? 145 ALA B CA   1 
ATOM 1683 C C    . ALA B 2 32  ? 6.919   18.996  1.801   1.00 138.58 ? 145 ALA B C    1 
ATOM 1684 O O    . ALA B 2 32  ? 7.099   19.948  2.570   1.00 149.50 ? 145 ALA B O    1 
ATOM 1685 C CB   . ALA B 2 32  ? 6.871   16.632  2.645   1.00 112.55 ? 145 ALA B CB   1 
ATOM 1686 H H    . ALA B 2 32  ? 5.243   16.625  0.852   1.00 145.06 ? 145 ALA B H    1 
ATOM 1687 H HA   . ALA B 2 32  ? 5.491   18.104  2.961   1.00 144.96 ? 145 ALA B HA   1 
ATOM 1688 H HB1  . ALA B 2 32  ? 7.408   16.887  3.412   1.00 135.56 ? 145 ALA B HB1  1 
ATOM 1689 H HB2  . ALA B 2 32  ? 6.279   15.901  2.885   1.00 135.56 ? 145 ALA B HB2  1 
ATOM 1690 H HB3  . ALA B 2 32  ? 7.448   16.363  1.913   1.00 135.56 ? 145 ALA B HB3  1 
ATOM 1691 N N    . LYS B 2 33  ? 7.475   18.944  0.587   1.00 141.37 ? 146 LYS B N    1 
ATOM 1692 C CA   . LYS B 2 33  ? 8.205   20.092  0.062   1.00 135.51 ? 146 LYS B CA   1 
ATOM 1693 C C    . LYS B 2 33  ? 7.293   21.307  -0.060  1.00 134.07 ? 146 LYS B C    1 
ATOM 1694 O O    . LYS B 2 33  ? 7.678   22.422  0.314   1.00 139.06 ? 146 LYS B O    1 
ATOM 1695 C CB   . LYS B 2 33  ? 8.816   19.743  -1.298  1.00 126.69 ? 146 LYS B CB   1 
ATOM 1696 H H    . LYS B 2 33  ? 7.445   18.268  0.056   1.00 170.14 ? 146 LYS B H    1 
ATOM 1697 H HA   . LYS B 2 33  ? 8.928   20.315  0.669   1.00 163.11 ? 146 LYS B HA   1 
ATOM 1698 N N    . LYS B 2 34  ? 6.083   21.108  -0.570  1.00 140.91 ? 147 LYS B N    1 
ATOM 1699 C CA   . LYS B 2 34  ? 5.117   22.190  -0.713  1.00 132.99 ? 147 LYS B CA   1 
ATOM 1700 C C    . LYS B 2 34  ? 4.890   22.897  0.618   1.00 138.35 ? 147 LYS B C    1 
ATOM 1701 O O    . LYS B 2 34  ? 4.691   24.111  0.660   1.00 145.90 ? 147 LYS B O    1 
ATOM 1702 C CB   . LYS B 2 34  ? 3.790   21.654  -1.253  1.00 140.61 ? 147 LYS B CB   1 
ATOM 1703 H H    . LYS B 2 34  ? 5.793   20.346  -0.843  1.00 169.60 ? 147 LYS B H    1 
ATOM 1704 H HA   . LYS B 2 34  ? 5.461   22.840  -1.345  1.00 160.09 ? 147 LYS B HA   1 
# 
